data_4HAV
#
_entry.id   4HAV
#
_cell.length_a   106.239
_cell.length_b   106.239
_cell.length_c   306.391
_cell.angle_alpha   90.00
_cell.angle_beta   90.00
_cell.angle_gamma   90.00
#
_symmetry.space_group_name_H-M   'P 43 21 2'
#
loop_
_entity.id
_entity.type
_entity.pdbx_description
1 polymer 'GTP-binding nuclear protein Ran'
2 polymer 'Ran-specific GTPase-activating protein 1'
3 polymer Exportin-1
4 non-polymer 'PHOSPHOAMINOPHOSPHONIC ACID-GUANYLATE ESTER'
5 non-polymer 'MAGNESIUM ION'
6 non-polymer 'CHLORIDE ION'
7 non-polymer 'Anguinomycin A, bound form'
8 water water
#
loop_
_entity_poly.entity_id
_entity_poly.type
_entity_poly.pdbx_seq_one_letter_code
_entity_poly.pdbx_strand_id
1 'polypeptide(L)'
;MAAQGEPQVQFKLVLVGDGGTGKTTFVKRHLTGEFEKKYVATLGVEVHPLVFHTNRGPIKFNVWDTAGQEKFGGLRDGYY
IQAQCAIIMFDVTSRVTYKNVPNWHRDLVRVCENIPIVLCGNKVDIKDRKVKAKSIVFHRKKNLQYYDISAKSNYNFEKP
FLWLARKLIGDPNLEFVAMPALAPPEVVMDPALAAQYEHDLEVAQTTALPDEDDDL
;
A
2 'polypeptide(L)'
;DIHFEPVVHLEKVDVKTMEEDEEVLYKVRAKLFRFDKDAKEWKERGTGDCKFLKNKKTNKVRILMRRDKTLKICANHIIA
PEYTLKPNVGSDRSWVYACTADIAEGEAEAFTFAIRFGSKENADKFKEEFEKAQEINKKA
;
B
3 'polypeptide(L)'
;GAMEGILDFSNDLDIALLDQVVSTFYQGSGVQQKQAQEILTKFQDNPDAWQKADQILQFSTNPQSKFIALSILDKLITRK
WKLLPNDHRIGIRNFVVGMIISMCQDDEVFKTQKNLINKSDLTLVQILKQEWPQNWPEFIPELIGSSSSSVNVCENNMIV
LKLLSEEVFDFSAEQMTQAKALHLKNSMSKEFEQIFKLCFQVLEQGASSSLIVATLESLLRYLHWIPYRYIYETNILELL
STKFMTSPDTRAITLKCLTEVSNLKIPQDNDLIKRQTVLFFQNTLQQIATSVMPVTADLKATYANANGNDQSFLQDLAMF
LTTYLARNRALLESDESLRELLLNAHQYLIQLSKIEERELFKTTLDYWHNLVADLFYEPLKKHIYEEICSQLRLVIIENM
VRPEEVLVVENDEGEIVREFVKESDTIQLYKSEREVLVYLTHLNVIDTEEIMISKLARQIDGSEWSWHNINTLSWAIGSI
SGTMSEDTEKRFVVTVIKDLLDLCVKKRGKDNKAVVASDIMYVVGQYPRFLKAHWNFLRTVILKLFEFMHETHEGVQDMA
CDTFIKIVQKCKYHFVIQQPRESEPFIQTIIRDIQKTTADLQPQQVHTFYKACGIIISEERSVAERNRLLSDLMQLPNMA
WDTIVEQSTANPTLLLDSETVKIIANIIKTNVAVCTSMGADFYPQLGHIYYNMLQLYRAVSSMISAQVAAEGLIATKTPK
VRGLRTIKKEILKLVETYISKARNLDDVVKVLVEPLLNAVLEDYMNNVPDARDAEVLNCMTTVVEKVGHMIPQGVILILQ
SVFECTLDMINKDFTEYPEHRVEFYKLLKVINEKSFAAFLELPPAAFKLFVDAICWAFKHNNRDVEVNGLQIALDLVKNI
ERMGNVPFANEFHKNYFFIFVSETFFVLTDSDHKSGFSKQALLLMKLISLVYDNKISVPLYQEAEVPQGTSNQVYLSQYL
ANMLSNAFPHLTSEQIASFLSALTKQCKDLVVFKGTLRDFLVQIKEVGGDPTDYLFAEDKENA
;
C
#
# COMPACT_ATOMS: atom_id res chain seq x y z
N VAL A 9 5.54 30.05 10.39
CA VAL A 9 5.80 29.29 11.65
C VAL A 9 5.01 27.96 11.64
N GLN A 10 3.70 28.04 11.37
CA GLN A 10 2.73 26.96 11.69
C GLN A 10 1.68 26.65 10.61
N PHE A 11 1.41 25.37 10.34
CA PHE A 11 0.46 24.97 9.29
C PHE A 11 -0.52 23.87 9.67
N LYS A 12 -1.78 24.08 9.34
CA LYS A 12 -2.82 23.06 9.57
C LYS A 12 -2.73 22.00 8.47
N LEU A 13 -2.45 20.78 8.91
CA LEU A 13 -2.43 19.61 8.03
C LEU A 13 -3.57 18.68 8.43
N VAL A 14 -4.41 18.30 7.46
CA VAL A 14 -5.45 17.33 7.73
C VAL A 14 -5.08 16.01 7.09
N LEU A 15 -5.28 14.96 7.87
CA LEU A 15 -4.95 13.62 7.45
C LEU A 15 -6.27 12.84 7.38
N VAL A 16 -6.56 12.35 6.19
CA VAL A 16 -7.78 11.61 5.89
C VAL A 16 -7.52 10.30 5.16
N GLY A 17 -8.49 9.41 5.26
CA GLY A 17 -8.47 8.12 4.57
C GLY A 17 -9.25 7.09 5.37
N ASP A 18 -9.53 5.95 4.74
CA ASP A 18 -10.29 4.86 5.37
C ASP A 18 -9.73 4.41 6.71
N GLY A 19 -10.63 3.89 7.53
CA GLY A 19 -10.26 3.34 8.83
C GLY A 19 -9.28 2.20 8.66
N GLY A 20 -8.23 2.20 9.48
CA GLY A 20 -7.28 1.10 9.50
C GLY A 20 -6.16 1.23 8.49
N THR A 21 -6.12 2.35 7.78
CA THR A 21 -5.09 2.57 6.76
C THR A 21 -3.73 2.97 7.39
N GLY A 22 -3.75 3.43 8.64
CA GLY A 22 -2.52 3.68 9.40
C GLY A 22 -2.17 5.13 9.68
N LYS A 23 -3.19 5.99 9.63
CA LYS A 23 -3.05 7.44 9.78
C LYS A 23 -2.43 7.78 11.15
N THR A 24 -3.06 7.24 12.18
CA THR A 24 -2.66 7.51 13.56
C THR A 24 -1.31 6.88 13.88
N THR A 25 -1.09 5.67 13.34
CA THR A 25 0.19 4.98 13.53
C THR A 25 1.32 5.81 12.93
N PHE A 26 1.11 6.29 11.71
CA PHE A 26 2.07 7.16 11.01
C PHE A 26 2.38 8.45 11.80
N VAL A 27 1.35 9.13 12.22
CA VAL A 27 1.51 10.33 13.05
C VAL A 27 2.30 10.04 14.35
N LYS A 28 1.93 8.98 15.07
CA LYS A 28 2.62 8.62 16.34
C LYS A 28 4.08 8.30 16.11
N ARG A 29 4.35 7.60 15.03
CA ARG A 29 5.71 7.30 14.66
C ARG A 29 6.52 8.60 14.56
N HIS A 30 5.93 9.61 13.94
CA HIS A 30 6.59 10.91 13.81
C HIS A 30 6.73 11.65 15.12
N LEU A 31 5.73 11.52 15.98
CA LEU A 31 5.69 12.24 17.27
C LEU A 31 6.66 11.68 18.31
N THR A 32 6.56 10.39 18.55
CA THR A 32 7.28 9.75 19.67
C THR A 32 8.36 8.77 19.22
N GLY A 33 8.32 8.37 17.96
CA GLY A 33 9.20 7.31 17.43
C GLY A 33 8.63 5.89 17.51
N GLU A 34 7.46 5.76 18.10
CA GLU A 34 6.94 4.43 18.44
C GLU A 34 6.17 3.82 17.30
N PHE A 35 5.99 2.50 17.34
CA PHE A 35 5.09 1.84 16.42
C PHE A 35 3.98 1.14 17.19
N GLU A 36 2.78 1.69 17.08
CA GLU A 36 1.60 1.13 17.74
C GLU A 36 1.04 -0.01 16.89
N LYS A 37 1.04 -1.22 17.45
CA LYS A 37 0.55 -2.42 16.75
C LYS A 37 -0.97 -2.56 16.88
N LYS A 38 -1.54 -2.02 17.95
CA LYS A 38 -2.98 -2.13 18.17
C LYS A 38 -3.71 -1.13 17.33
N TYR A 39 -4.89 -1.54 16.86
CA TYR A 39 -5.82 -0.65 16.16
C TYR A 39 -6.87 -0.12 17.12
N VAL A 40 -6.67 1.10 17.62
CA VAL A 40 -7.70 1.81 18.37
C VAL A 40 -8.23 2.95 17.49
N ALA A 41 -9.46 2.79 17.01
CA ALA A 41 -10.10 3.74 16.08
C ALA A 41 -10.16 5.18 16.60
N THR A 42 -9.75 6.13 15.77
CA THR A 42 -9.81 7.54 16.11
C THR A 42 -11.27 7.99 16.17
N LEU A 43 -11.57 8.79 17.19
CA LEU A 43 -12.93 9.27 17.44
C LEU A 43 -13.01 10.73 17.04
N GLY A 44 -13.55 10.99 15.85
CA GLY A 44 -13.63 12.34 15.29
C GLY A 44 -12.28 12.79 14.76
N VAL A 45 -11.50 13.40 15.63
CA VAL A 45 -10.19 13.92 15.25
C VAL A 45 -9.31 14.04 16.48
N GLU A 46 -8.03 13.76 16.29
CA GLU A 46 -6.99 14.01 17.29
CA GLU A 46 -7.03 14.06 17.30
C GLU A 46 -6.06 15.06 16.69
N VAL A 47 -5.80 16.13 17.43
CA VAL A 47 -4.92 17.19 16.94
C VAL A 47 -3.55 17.12 17.61
N HIS A 48 -2.50 17.07 16.80
CA HIS A 48 -1.13 16.99 17.31
C HIS A 48 -0.15 17.91 16.64
N PRO A 49 0.51 18.77 17.42
CA PRO A 49 1.58 19.58 16.89
C PRO A 49 2.78 18.70 16.57
N LEU A 50 3.44 19.00 15.47
CA LEU A 50 4.59 18.24 15.00
C LEU A 50 5.58 19.20 14.34
N VAL A 51 6.79 19.26 14.89
CA VAL A 51 7.79 20.23 14.47
C VAL A 51 8.92 19.50 13.76
N PHE A 52 9.36 20.05 12.63
CA PHE A 52 10.58 19.60 11.95
C PHE A 52 11.59 20.74 11.90
N HIS A 53 12.87 20.38 11.98
CA HIS A 53 13.93 21.36 11.85
C HIS A 53 14.47 21.31 10.46
N THR A 54 14.52 22.46 9.81
CA THR A 54 14.98 22.55 8.42
C THR A 54 16.07 23.61 8.25
N ASN A 55 16.68 23.62 7.08
CA ASN A 55 17.69 24.62 6.73
C ASN A 55 17.10 26.04 6.62
N ARG A 56 15.77 26.13 6.64
CA ARG A 56 15.07 27.41 6.69
C ARG A 56 14.38 27.67 8.05
N GLY A 57 14.86 26.99 9.09
CA GLY A 57 14.34 27.16 10.45
C GLY A 57 13.30 26.10 10.79
N PRO A 58 12.66 26.21 11.97
CA PRO A 58 11.69 25.20 12.34
C PRO A 58 10.40 25.37 11.56
N ILE A 59 9.76 24.26 11.24
CA ILE A 59 8.42 24.30 10.67
C ILE A 59 7.53 23.44 11.53
N LYS A 60 6.39 23.99 11.90
CA LYS A 60 5.44 23.31 12.76
C LYS A 60 4.19 22.98 11.97
N PHE A 61 3.84 21.69 11.97
CA PHE A 61 2.55 21.22 11.53
C PHE A 61 1.60 20.93 12.68
N ASN A 62 0.43 21.55 12.64
N ASN A 62 0.43 21.54 12.56
CA ASN A 62 -0.64 21.14 13.52
CA ASN A 62 -0.73 21.28 13.37
C ASN A 62 -1.46 20.10 12.81
C ASN A 62 -1.49 20.09 12.76
N VAL A 63 -1.21 18.85 13.19
CA VAL A 63 -1.77 17.68 12.48
C VAL A 63 -3.13 17.24 13.02
N TRP A 64 -4.14 17.37 12.17
CA TRP A 64 -5.52 16.96 12.46
C TRP A 64 -5.73 15.59 11.90
N ASP A 65 -5.47 14.62 12.75
CA ASP A 65 -5.58 13.22 12.38
C ASP A 65 -7.05 12.83 12.50
N THR A 66 -7.73 12.68 11.36
CA THR A 66 -9.17 12.44 11.40
C THR A 66 -9.56 10.97 11.39
N ALA A 67 -10.81 10.72 11.76
CA ALA A 67 -11.39 9.39 11.81
C ALA A 67 -11.80 8.92 10.42
N GLY A 68 -11.41 7.69 10.09
CA GLY A 68 -11.79 7.06 8.83
C GLY A 68 -13.05 6.19 8.88
N GLN A 69 -13.39 5.69 10.06
CA GLN A 69 -14.62 4.90 10.21
CA GLN A 69 -14.64 4.91 10.22
C GLN A 69 -15.83 5.84 10.20
N GLU A 70 -16.78 5.55 9.33
CA GLU A 70 -17.95 6.40 9.16
C GLU A 70 -18.65 6.64 10.49
N LYS A 71 -18.85 5.55 11.23
N LYS A 71 -18.89 5.58 11.26
CA LYS A 71 -19.51 5.59 12.55
CA LYS A 71 -19.61 5.76 12.52
C LYS A 71 -18.81 6.53 13.55
C LYS A 71 -18.77 6.45 13.63
N PHE A 72 -17.54 6.82 13.31
CA PHE A 72 -16.74 7.66 14.22
C PHE A 72 -16.30 8.98 13.58
N GLY A 73 -16.96 9.36 12.48
CA GLY A 73 -16.49 10.46 11.62
C GLY A 73 -16.53 11.84 12.23
N GLY A 74 -17.38 12.02 13.23
CA GLY A 74 -17.50 13.27 13.95
C GLY A 74 -17.97 14.40 13.04
N LEU A 75 -17.26 15.52 13.07
CA LEU A 75 -17.59 16.69 12.23
C LEU A 75 -17.29 16.50 10.73
N ARG A 76 -16.64 15.39 10.40
CA ARG A 76 -16.36 15.04 9.00
CA ARG A 76 -16.25 15.04 9.02
C ARG A 76 -15.57 16.19 8.31
N ASP A 77 -16.16 16.74 7.25
CA ASP A 77 -15.50 17.77 6.45
C ASP A 77 -15.39 19.09 7.22
N GLY A 78 -16.15 19.23 8.31
CA GLY A 78 -15.95 20.32 9.27
C GLY A 78 -14.50 20.42 9.76
N TYR A 79 -13.79 19.29 9.77
CA TYR A 79 -12.38 19.28 10.20
C TYR A 79 -11.46 19.96 9.20
N TYR A 80 -11.88 20.07 7.95
CA TYR A 80 -10.99 20.51 6.87
C TYR A 80 -10.91 22.02 6.74
N ILE A 81 -11.84 22.73 7.38
CA ILE A 81 -11.91 24.19 7.24
C ILE A 81 -10.56 24.82 7.61
N GLN A 82 -10.03 25.63 6.70
CA GLN A 82 -8.73 26.33 6.85
C GLN A 82 -7.49 25.41 6.93
N ALA A 83 -7.65 24.17 6.49
CA ALA A 83 -6.52 23.29 6.26
C ALA A 83 -5.59 24.00 5.26
N GLN A 84 -4.29 23.93 5.51
CA GLN A 84 -3.30 24.50 4.58
C GLN A 84 -2.57 23.43 3.76
N CYS A 85 -2.84 22.18 4.10
CA CYS A 85 -2.24 21.05 3.40
C CYS A 85 -2.91 19.78 3.89
N ALA A 86 -2.69 18.69 3.18
CA ALA A 86 -3.33 17.42 3.53
C ALA A 86 -2.53 16.21 3.11
N ILE A 87 -2.77 15.13 3.82
CA ILE A 87 -2.35 13.80 3.42
C ILE A 87 -3.60 12.94 3.26
N ILE A 88 -3.71 12.26 2.13
CA ILE A 88 -4.71 11.23 1.92
C ILE A 88 -4.01 9.88 1.98
N MET A 89 -4.54 9.00 2.82
N MET A 89 -4.49 9.00 2.84
CA MET A 89 -3.93 7.70 3.12
CA MET A 89 -3.83 7.71 3.05
C MET A 89 -4.77 6.56 2.57
C MET A 89 -4.72 6.54 2.64
N PHE A 90 -4.09 5.59 1.96
CA PHE A 90 -4.67 4.29 1.77
C PHE A 90 -3.65 3.20 2.14
N ASP A 91 -4.12 1.96 2.06
CA ASP A 91 -3.42 0.76 2.49
C ASP A 91 -3.32 -0.09 1.24
N VAL A 92 -2.07 -0.36 0.85
CA VAL A 92 -1.80 -1.09 -0.41
C VAL A 92 -2.16 -2.56 -0.32
N THR A 93 -2.47 -3.03 0.90
CA THR A 93 -3.01 -4.38 1.10
C THR A 93 -4.52 -4.44 1.04
N SER A 94 -5.16 -3.29 0.85
CA SER A 94 -6.62 -3.26 0.80
C SER A 94 -7.15 -2.37 -0.33
N ARG A 95 -7.72 -3.04 -1.31
CA ARG A 95 -8.20 -2.39 -2.53
C ARG A 95 -9.33 -1.41 -2.29
N VAL A 96 -10.23 -1.73 -1.38
CA VAL A 96 -11.35 -0.85 -1.12
C VAL A 96 -10.80 0.51 -0.66
N THR A 97 -9.69 0.51 0.09
CA THR A 97 -9.10 1.78 0.56
C THR A 97 -8.60 2.67 -0.58
N TYR A 98 -8.02 2.08 -1.64
CA TYR A 98 -7.66 2.89 -2.83
C TYR A 98 -8.91 3.34 -3.62
N LYS A 99 -9.89 2.43 -3.73
N LYS A 99 -9.88 2.46 -3.74
CA LYS A 99 -11.18 2.73 -4.38
CA LYS A 99 -11.11 2.82 -4.45
C LYS A 99 -11.85 3.97 -3.80
C LYS A 99 -11.89 3.97 -3.79
N ASN A 100 -11.73 4.13 -2.48
CA ASN A 100 -12.35 5.26 -1.75
C ASN A 100 -11.55 6.57 -1.76
N VAL A 101 -10.33 6.52 -2.29
CA VAL A 101 -9.46 7.70 -2.37
C VAL A 101 -10.09 8.89 -3.08
N PRO A 102 -10.79 8.66 -4.19
CA PRO A 102 -11.50 9.75 -4.86
C PRO A 102 -12.61 10.38 -4.01
N ASN A 103 -13.21 9.59 -3.14
CA ASN A 103 -14.24 10.08 -2.21
C ASN A 103 -13.64 11.00 -1.14
N TRP A 104 -12.52 10.60 -0.58
CA TRP A 104 -11.82 11.45 0.40
C TRP A 104 -11.32 12.73 -0.25
N HIS A 105 -10.75 12.59 -1.45
CA HIS A 105 -10.26 13.73 -2.21
C HIS A 105 -11.34 14.74 -2.54
N ARG A 106 -12.45 14.24 -3.06
CA ARG A 106 -13.66 15.06 -3.32
C ARG A 106 -14.10 15.87 -2.10
N ASP A 107 -14.31 15.20 -0.97
CA ASP A 107 -14.80 15.90 0.22
C ASP A 107 -13.80 16.95 0.70
N LEU A 108 -12.52 16.63 0.55
CA LEU A 108 -11.44 17.52 0.96
C LEU A 108 -11.30 18.76 0.09
N VAL A 109 -11.30 18.59 -1.23
CA VAL A 109 -11.05 19.74 -2.09
C VAL A 109 -12.29 20.64 -2.21
N ARG A 110 -13.48 20.09 -1.93
CA ARG A 110 -14.69 20.95 -1.81
C ARG A 110 -14.59 22.01 -0.72
N VAL A 111 -13.83 21.71 0.33
CA VAL A 111 -13.56 22.65 1.44
C VAL A 111 -12.23 23.39 1.28
N CYS A 112 -11.21 22.69 0.80
CA CYS A 112 -9.85 23.24 0.62
C CYS A 112 -9.46 23.22 -0.84
N GLU A 113 -9.71 24.31 -1.52
CA GLU A 113 -9.71 24.30 -2.98
C GLU A 113 -8.34 24.37 -3.62
N ASN A 114 -7.37 24.94 -2.94
CA ASN A 114 -6.02 25.05 -3.52
C ASN A 114 -4.93 24.83 -2.50
N ILE A 115 -4.80 23.60 -2.05
CA ILE A 115 -3.78 23.28 -1.07
C ILE A 115 -2.91 22.14 -1.57
N PRO A 116 -1.66 22.07 -1.10
CA PRO A 116 -0.86 20.92 -1.46
C PRO A 116 -1.30 19.63 -0.74
N ILE A 117 -1.44 18.56 -1.51
CA ILE A 117 -1.93 17.27 -0.99
C ILE A 117 -1.00 16.14 -1.39
N VAL A 118 -0.63 15.30 -0.42
N VAL A 118 -0.68 15.27 -0.46
CA VAL A 118 0.16 14.09 -0.67
CA VAL A 118 0.15 14.10 -0.75
C VAL A 118 -0.78 12.90 -0.60
C VAL A 118 -0.64 12.83 -0.53
N LEU A 119 -0.64 12.00 -1.55
CA LEU A 119 -1.34 10.71 -1.49
C LEU A 119 -0.30 9.70 -1.04
N CYS A 120 -0.63 8.94 0.00
CA CYS A 120 0.29 7.93 0.55
C CYS A 120 -0.33 6.55 0.53
N GLY A 121 0.37 5.60 -0.09
CA GLY A 121 -0.02 4.20 -0.02
C GLY A 121 0.81 3.53 1.05
N ASN A 122 0.16 3.25 2.18
CA ASN A 122 0.84 2.72 3.38
C ASN A 122 0.87 1.19 3.39
N LYS A 123 1.67 0.66 4.31
CA LYS A 123 1.88 -0.79 4.54
C LYS A 123 2.58 -1.55 3.39
N VAL A 124 3.52 -0.90 2.71
CA VAL A 124 4.30 -1.58 1.65
C VAL A 124 5.27 -2.67 2.21
N ASP A 125 5.47 -2.68 3.53
CA ASP A 125 6.13 -3.80 4.26
C ASP A 125 5.45 -5.16 4.14
N ILE A 126 4.15 -5.17 3.90
CA ILE A 126 3.40 -6.42 3.85
C ILE A 126 3.67 -7.13 2.51
N LYS A 127 4.26 -8.33 2.60
CA LYS A 127 4.68 -9.11 1.43
C LYS A 127 3.60 -9.15 0.35
N ASP A 128 2.37 -9.47 0.75
CA ASP A 128 1.28 -9.67 -0.21
C ASP A 128 0.50 -8.39 -0.54
N ARG A 129 1.06 -7.61 -1.46
CA ARG A 129 0.51 -6.33 -1.85
C ARG A 129 -0.66 -6.53 -2.83
N LYS A 130 -1.74 -5.82 -2.60
CA LYS A 130 -2.98 -5.96 -3.39
C LYS A 130 -3.23 -4.80 -4.37
N VAL A 131 -2.80 -3.59 -4.00
CA VAL A 131 -2.89 -2.43 -4.90
C VAL A 131 -1.57 -2.28 -5.62
N LYS A 132 -1.54 -2.82 -6.84
CA LYS A 132 -0.35 -2.82 -7.69
C LYS A 132 0.14 -1.40 -7.95
N ALA A 133 1.46 -1.23 -7.93
CA ALA A 133 2.09 0.05 -8.23
C ALA A 133 1.53 0.67 -9.52
N LYS A 134 1.49 -0.15 -10.57
CA LYS A 134 0.90 0.21 -11.88
C LYS A 134 -0.51 0.79 -11.81
N SER A 135 -1.30 0.30 -10.86
CA SER A 135 -2.68 0.78 -10.66
C SER A 135 -2.82 2.19 -10.12
N ILE A 136 -1.80 2.67 -9.45
CA ILE A 136 -1.90 3.90 -8.67
C ILE A 136 -1.66 5.10 -9.59
N VAL A 137 -2.75 5.67 -10.08
CA VAL A 137 -2.70 6.78 -11.03
C VAL A 137 -3.65 7.94 -10.70
N PHE A 138 -4.40 7.84 -9.59
CA PHE A 138 -5.40 8.90 -9.26
C PHE A 138 -4.78 10.27 -9.06
N HIS A 139 -3.58 10.29 -8.48
CA HIS A 139 -2.87 11.54 -8.23
C HIS A 139 -2.54 12.36 -9.46
N ARG A 140 -2.41 11.71 -10.62
CA ARG A 140 -1.90 12.39 -11.81
C ARG A 140 -2.74 13.58 -12.25
N LYS A 141 -4.02 13.36 -12.51
CA LYS A 141 -4.89 14.46 -12.97
C LYS A 141 -5.27 15.41 -11.83
N LYS A 142 -5.02 15.00 -10.59
CA LYS A 142 -5.40 15.84 -9.43
C LYS A 142 -4.23 16.60 -8.85
N ASN A 143 -3.06 16.38 -9.41
CA ASN A 143 -1.86 17.14 -9.03
C ASN A 143 -1.41 16.81 -7.62
N LEU A 144 -1.68 15.59 -7.18
CA LEU A 144 -1.25 15.14 -5.86
C LEU A 144 0.16 14.58 -5.94
N GLN A 145 0.99 14.82 -4.93
CA GLN A 145 2.26 14.08 -4.85
C GLN A 145 1.89 12.67 -4.40
N TYR A 146 2.59 11.64 -4.87
CA TYR A 146 2.35 10.28 -4.37
C TYR A 146 3.59 9.62 -3.77
N TYR A 147 3.42 8.91 -2.64
CA TYR A 147 4.46 8.00 -2.10
C TYR A 147 3.94 6.67 -1.57
N ASP A 148 4.66 5.61 -1.95
CA ASP A 148 4.63 4.33 -1.23
C ASP A 148 5.27 4.63 0.14
N ILE A 149 4.59 4.30 1.23
CA ILE A 149 5.19 4.41 2.59
C ILE A 149 4.94 3.17 3.43
N SER A 150 5.70 3.05 4.51
CA SER A 150 5.38 2.13 5.62
C SER A 150 5.67 2.79 6.97
N ALA A 151 4.65 2.90 7.82
CA ALA A 151 4.87 3.43 9.17
C ALA A 151 5.65 2.39 10.00
N LYS A 152 5.48 1.11 9.64
CA LYS A 152 6.12 0.02 10.37
C LYS A 152 7.63 -0.06 10.12
N SER A 153 8.01 -0.10 8.84
CA SER A 153 9.44 -0.15 8.47
C SER A 153 10.10 1.23 8.29
N ASN A 154 9.29 2.30 8.37
CA ASN A 154 9.72 3.71 8.08
C ASN A 154 10.10 4.02 6.64
N TYR A 155 9.73 3.15 5.73
CA TYR A 155 9.99 3.37 4.32
C TYR A 155 9.32 4.66 3.86
N ASN A 156 10.16 5.58 3.36
CA ASN A 156 9.75 6.92 2.91
C ASN A 156 8.94 7.71 3.95
N PHE A 157 9.07 7.38 5.24
CA PHE A 157 8.13 7.95 6.19
C PHE A 157 8.23 9.48 6.29
N GLU A 158 9.40 10.02 5.99
CA GLU A 158 9.66 11.47 6.08
C GLU A 158 9.19 12.28 4.84
N LYS A 159 9.04 11.60 3.70
CA LYS A 159 8.82 12.28 2.40
C LYS A 159 7.57 13.14 2.33
N PRO A 160 6.44 12.63 2.83
CA PRO A 160 5.23 13.44 2.80
C PRO A 160 5.45 14.80 3.48
N PHE A 161 6.08 14.83 4.66
CA PHE A 161 6.30 16.12 5.34
C PHE A 161 7.37 16.99 4.68
N LEU A 162 8.40 16.35 4.15
CA LEU A 162 9.44 17.12 3.46
C LEU A 162 8.84 17.80 2.21
N TRP A 163 8.02 17.05 1.48
CA TRP A 163 7.38 17.63 0.29
C TRP A 163 6.44 18.75 0.64
N LEU A 164 5.55 18.52 1.60
CA LEU A 164 4.62 19.58 2.05
C LEU A 164 5.35 20.85 2.52
N ALA A 165 6.42 20.68 3.29
CA ALA A 165 7.21 21.83 3.80
C ALA A 165 7.84 22.63 2.66
N ARG A 166 8.37 21.93 1.66
CA ARG A 166 8.87 22.61 0.45
C ARG A 166 7.79 23.40 -0.27
N LYS A 167 6.58 22.85 -0.32
CA LYS A 167 5.48 23.55 -0.98
C LYS A 167 5.03 24.76 -0.15
N LEU A 168 4.89 24.57 1.15
CA LEU A 168 4.36 25.59 2.08
C LEU A 168 5.32 26.76 2.27
N ILE A 169 6.61 26.45 2.42
CA ILE A 169 7.65 27.48 2.56
C ILE A 169 8.04 28.09 1.21
N GLY A 170 7.73 27.39 0.12
CA GLY A 170 8.03 27.88 -1.24
C GLY A 170 9.51 27.77 -1.57
N ASP A 171 10.11 26.66 -1.17
CA ASP A 171 11.57 26.45 -1.32
C ASP A 171 11.92 25.01 -1.71
N PRO A 172 12.16 24.79 -3.01
CA PRO A 172 12.41 23.44 -3.51
C PRO A 172 13.66 22.75 -2.93
N ASN A 173 14.57 23.54 -2.37
CA ASN A 173 15.84 23.00 -1.81
C ASN A 173 15.87 22.93 -0.29
N LEU A 174 14.71 23.08 0.33
CA LEU A 174 14.60 22.94 1.77
C LEU A 174 14.90 21.48 2.13
N GLU A 175 15.68 21.29 3.20
CA GLU A 175 16.09 19.95 3.68
C GLU A 175 15.86 19.87 5.19
N PHE A 176 15.60 18.69 5.70
CA PHE A 176 15.60 18.47 7.14
C PHE A 176 17.05 18.55 7.60
N VAL A 177 17.27 19.21 8.73
CA VAL A 177 18.62 19.32 9.28
C VAL A 177 18.63 18.85 10.74
N ALA A 178 19.82 18.43 11.19
CA ALA A 178 20.02 18.00 12.57
C ALA A 178 19.74 19.12 13.59
N MET A 179 18.78 18.87 14.48
CA MET A 179 18.49 19.80 15.60
C MET A 179 19.71 19.91 16.52
N PRO A 180 20.05 21.15 16.97
CA PRO A 180 21.14 21.38 17.93
C PRO A 180 21.04 20.47 19.15
N ALA A 181 22.17 19.96 19.61
CA ALA A 181 22.18 18.98 20.72
C ALA A 181 22.84 19.58 21.96
N LEU A 182 22.01 20.18 22.81
CA LEU A 182 22.47 20.85 24.04
C LEU A 182 23.15 19.87 24.99
N ALA A 183 24.13 20.38 25.72
CA ALA A 183 24.81 19.59 26.74
C ALA A 183 23.78 19.09 27.77
N PRO A 184 23.72 17.77 28.02
CA PRO A 184 22.84 17.25 29.07
C PRO A 184 23.45 17.42 30.48
N PRO A 185 22.60 17.49 31.54
CA PRO A 185 23.05 17.65 32.94
C PRO A 185 23.70 16.41 33.54
N GLU A 198 11.62 1.79 44.11
CA GLU A 198 12.26 1.61 42.81
C GLU A 198 12.45 0.13 42.44
N HIS A 199 11.33 -0.52 42.12
CA HIS A 199 11.28 -1.88 41.54
C HIS A 199 11.06 -1.76 40.05
N ASP A 200 11.29 -0.54 39.57
CA ASP A 200 10.89 -0.05 38.24
C ASP A 200 11.70 -0.69 37.11
N LEU A 201 12.93 -1.09 37.45
CA LEU A 201 13.87 -1.67 36.50
C LEU A 201 13.66 -3.17 36.30
N GLU A 202 13.44 -3.89 37.40
CA GLU A 202 13.20 -5.34 37.34
C GLU A 202 12.01 -5.67 36.43
N VAL A 203 10.94 -4.88 36.53
CA VAL A 203 9.81 -5.05 35.61
C VAL A 203 10.27 -4.85 34.15
N ALA A 204 11.08 -3.82 33.92
CA ALA A 204 11.55 -3.53 32.57
C ALA A 204 12.42 -4.68 32.03
N GLN A 205 13.28 -5.21 32.88
CA GLN A 205 14.17 -6.34 32.53
C GLN A 205 13.44 -7.63 32.12
N THR A 206 12.30 -7.87 32.76
CA THR A 206 11.56 -9.12 32.58
C THR A 206 10.35 -8.95 31.65
N THR A 207 10.21 -7.77 31.07
CA THR A 207 9.29 -7.56 29.96
C THR A 207 10.11 -7.61 28.66
N ALA A 208 9.81 -8.58 27.81
CA ALA A 208 10.57 -8.80 26.57
C ALA A 208 10.44 -7.64 25.59
N LEU A 209 11.55 -7.29 24.96
CA LEU A 209 11.56 -6.29 23.87
C LEU A 209 10.73 -6.81 22.69
N PRO A 210 9.93 -5.94 22.06
CA PRO A 210 9.17 -6.39 20.89
C PRO A 210 10.02 -6.64 19.65
N ASP A 211 9.52 -7.54 18.80
CA ASP A 211 10.06 -7.85 17.47
C ASP A 211 11.53 -8.20 17.48
N GLU A 212 11.85 -9.24 18.24
CA GLU A 212 13.24 -9.68 18.43
C GLU A 212 13.79 -10.34 17.15
N ASP A 213 12.92 -10.64 16.19
CA ASP A 213 13.34 -11.10 14.84
C ASP A 213 13.88 -10.00 13.93
N ASP A 214 13.58 -8.74 14.23
CA ASP A 214 13.92 -7.64 13.31
C ASP A 214 15.43 -7.45 13.19
N ASP A 215 15.84 -6.75 12.14
CA ASP A 215 17.28 -6.55 11.87
C ASP A 215 17.91 -5.76 12.99
N LEU A 216 17.11 -4.89 13.57
CA LEU A 216 17.58 -4.06 14.67
C LEU A 216 16.64 -4.22 15.86
N ILE B 2 44.66 44.16 -14.15
CA ILE B 2 43.28 44.64 -13.85
C ILE B 2 42.45 43.52 -13.26
N HIS B 3 42.24 43.60 -11.95
CA HIS B 3 41.47 42.61 -11.24
C HIS B 3 40.00 42.77 -11.52
N PHE B 4 39.35 41.65 -11.81
CA PHE B 4 37.92 41.62 -12.11
C PHE B 4 37.21 41.15 -10.87
N GLU B 5 36.26 41.94 -10.38
CA GLU B 5 35.55 41.59 -9.17
C GLU B 5 34.78 40.29 -9.41
N PRO B 6 34.97 39.29 -8.54
CA PRO B 6 34.26 38.04 -8.65
C PRO B 6 32.80 38.18 -8.25
N VAL B 7 31.96 37.26 -8.72
CA VAL B 7 30.56 37.30 -8.36
C VAL B 7 30.43 37.08 -6.86
N VAL B 8 29.49 37.79 -6.23
CA VAL B 8 29.27 37.67 -4.79
C VAL B 8 29.14 36.20 -4.37
N LYS B 16 23.96 24.53 12.90
CA LYS B 16 24.83 24.30 14.05
C LYS B 16 24.33 23.15 14.94
N THR B 17 24.97 22.00 14.77
CA THR B 17 24.58 20.78 15.48
C THR B 17 24.78 20.83 16.99
N MET B 18 25.82 21.54 17.44
CA MET B 18 26.16 21.59 18.87
C MET B 18 27.04 20.42 19.25
N GLU B 19 27.46 19.67 18.23
CA GLU B 19 28.38 18.56 18.40
C GLU B 19 29.76 18.97 17.87
N GLU B 20 29.91 20.27 17.63
CA GLU B 20 31.11 20.84 17.03
C GLU B 20 32.37 20.61 17.85
N ASP B 21 32.23 20.71 19.16
CA ASP B 21 33.37 20.67 20.07
C ASP B 21 33.62 19.28 20.66
N GLU B 22 33.01 18.25 20.08
CA GLU B 22 33.15 16.88 20.63
C GLU B 22 33.90 15.89 19.73
N GLU B 23 34.61 14.97 20.39
CA GLU B 23 35.25 13.82 19.74
C GLU B 23 34.31 12.62 19.75
N VAL B 24 34.14 11.99 18.59
CA VAL B 24 33.36 10.75 18.46
C VAL B 24 34.17 9.56 18.96
N LEU B 25 33.90 9.12 20.19
CA LEU B 25 34.60 7.98 20.79
C LEU B 25 34.17 6.64 20.21
N TYR B 26 32.91 6.58 19.76
CA TYR B 26 32.29 5.32 19.39
C TYR B 26 30.94 5.61 18.74
N LYS B 27 30.68 4.88 17.65
CA LYS B 27 29.46 4.96 16.88
C LYS B 27 28.97 3.55 16.51
N VAL B 28 27.68 3.30 16.71
CA VAL B 28 27.06 2.04 16.33
C VAL B 28 25.58 2.26 16.06
N ARG B 29 25.05 1.57 15.05
CA ARG B 29 23.61 1.57 14.75
C ARG B 29 22.85 0.83 15.83
N ALA B 30 21.65 1.33 16.12
CA ALA B 30 20.90 0.84 17.27
C ALA B 30 19.44 1.22 17.18
N LYS B 31 18.61 0.43 17.85
CA LYS B 31 17.24 0.78 18.10
C LYS B 31 17.06 1.01 19.60
N LEU B 32 16.46 2.14 19.93
CA LEU B 32 16.31 2.58 21.32
C LEU B 32 14.84 2.45 21.68
N PHE B 33 14.60 1.90 22.85
CA PHE B 33 13.25 1.81 23.42
C PHE B 33 13.21 2.51 24.77
N ARG B 34 12.00 2.94 25.15
CA ARG B 34 11.73 3.41 26.50
C ARG B 34 10.59 2.59 27.10
N PHE B 35 10.67 2.38 28.40
CA PHE B 35 9.68 1.56 29.06
C PHE B 35 8.55 2.43 29.52
N ASP B 36 7.35 2.16 29.02
CA ASP B 36 6.19 2.86 29.52
C ASP B 36 5.76 2.09 30.76
N LYS B 37 5.82 2.73 31.91
CA LYS B 37 5.45 2.05 33.15
C LYS B 37 3.95 1.75 33.27
N ASP B 38 3.11 2.68 32.86
CA ASP B 38 1.65 2.54 33.04
C ASP B 38 1.11 1.32 32.32
N ALA B 39 1.53 1.17 31.08
CA ALA B 39 1.22 -0.02 30.31
C ALA B 39 2.55 -0.71 30.32
N LYS B 40 2.60 -1.96 30.72
CA LYS B 40 3.91 -2.55 30.93
C LYS B 40 4.51 -3.00 29.60
N GLU B 41 4.91 -2.03 28.80
CA GLU B 41 5.53 -2.35 27.52
C GLU B 41 6.61 -1.39 27.08
N TRP B 42 7.53 -1.94 26.31
CA TRP B 42 8.52 -1.16 25.62
C TRP B 42 7.94 -0.46 24.41
N LYS B 43 8.40 0.76 24.19
CA LYS B 43 8.01 1.56 23.03
C LYS B 43 9.27 2.02 22.33
N GLU B 44 9.32 1.87 21.01
N GLU B 44 9.33 1.86 21.01
CA GLU B 44 10.44 2.37 20.21
CA GLU B 44 10.49 2.36 20.27
C GLU B 44 10.53 3.89 20.35
C GLU B 44 10.54 3.87 20.37
N ARG B 45 11.74 4.40 20.43
CA ARG B 45 11.96 5.84 20.51
C ARG B 45 12.73 6.34 19.31
N GLY B 46 13.59 5.48 18.77
CA GLY B 46 14.28 5.81 17.54
C GLY B 46 15.19 4.70 17.07
N THR B 47 15.54 4.76 15.80
CA THR B 47 16.56 3.93 15.19
C THR B 47 17.55 4.81 14.47
N GLY B 48 18.83 4.53 14.64
CA GLY B 48 19.88 5.31 13.98
C GLY B 48 21.24 5.09 14.60
N ASP B 49 22.15 6.03 14.38
CA ASP B 49 23.49 5.93 14.93
C ASP B 49 23.55 6.41 16.36
N CYS B 50 23.96 5.51 17.24
CA CYS B 50 24.22 5.87 18.62
C CYS B 50 25.68 6.28 18.72
N LYS B 51 25.92 7.52 19.12
CA LYS B 51 27.29 8.03 19.26
C LYS B 51 27.68 8.36 20.69
N PHE B 52 28.93 7.99 21.02
CA PHE B 52 29.62 8.42 22.24
C PHE B 52 30.44 9.68 21.96
N LEU B 53 30.04 10.78 22.60
CA LEU B 53 30.66 12.08 22.34
C LEU B 53 31.40 12.61 23.56
N LYS B 54 32.71 12.82 23.41
CA LYS B 54 33.55 13.40 24.48
C LYS B 54 33.84 14.86 24.18
N ASN B 55 33.33 15.69 25.05
CA ASN B 55 33.54 17.13 24.98
C ASN B 55 35.02 17.48 25.19
N LYS B 56 35.59 18.19 24.22
CA LYS B 56 37.01 18.64 24.28
C LYS B 56 37.39 19.56 25.46
N LYS B 57 36.41 20.31 25.97
CA LYS B 57 36.64 21.28 27.06
C LYS B 57 36.44 20.72 28.46
N THR B 58 35.52 19.77 28.61
CA THR B 58 35.20 19.20 29.93
C THR B 58 35.61 17.74 30.08
N ASN B 59 36.05 17.14 28.98
CA ASN B 59 36.37 15.69 28.93
C ASN B 59 35.17 14.78 29.28
N LYS B 60 34.00 15.39 29.45
CA LYS B 60 32.77 14.65 29.80
C LYS B 60 32.21 13.92 28.56
N VAL B 61 31.78 12.68 28.74
CA VAL B 61 31.24 11.84 27.63
C VAL B 61 29.75 11.60 27.72
N ARG B 62 29.06 11.88 26.61
CA ARG B 62 27.62 11.65 26.50
C ARG B 62 27.27 10.64 25.43
N ILE B 63 26.08 10.08 25.58
CA ILE B 63 25.40 9.35 24.51
C ILE B 63 24.59 10.34 23.71
N LEU B 64 24.77 10.37 22.41
CA LEU B 64 23.85 11.12 21.53
C LEU B 64 23.41 10.24 20.37
N MET B 65 22.09 10.15 20.20
CA MET B 65 21.48 9.29 19.20
C MET B 65 20.44 10.08 18.43
N ARG B 66 20.50 10.01 17.10
CA ARG B 66 19.56 10.75 16.25
C ARG B 66 18.81 9.77 15.37
N ARG B 67 17.54 10.06 15.11
CA ARG B 67 16.74 9.20 14.22
C ARG B 67 17.16 9.37 12.75
N ASP B 68 17.22 8.25 12.03
CA ASP B 68 17.39 8.32 10.59
C ASP B 68 16.40 9.27 9.91
N LYS B 69 16.91 9.96 8.90
CA LYS B 69 16.14 10.79 7.97
C LYS B 69 15.69 12.11 8.59
N THR B 70 14.94 12.04 9.69
CA THR B 70 14.50 13.26 10.35
C THR B 70 15.61 13.87 11.19
N LEU B 71 16.58 13.05 11.56
CA LEU B 71 17.73 13.46 12.42
C LEU B 71 17.33 14.02 13.79
N LYS B 72 16.12 13.72 14.23
CA LYS B 72 15.66 14.14 15.55
C LYS B 72 16.38 13.34 16.64
N ILE B 73 16.76 14.03 17.71
CA ILE B 73 17.46 13.41 18.85
C ILE B 73 16.51 12.47 19.57
N CYS B 74 16.90 11.22 19.76
CA CYS B 74 16.10 10.30 20.59
C CYS B 74 16.83 9.91 21.90
N ALA B 75 18.10 10.28 22.02
CA ALA B 75 18.86 10.15 23.28
C ALA B 75 19.97 11.20 23.38
N ASN B 76 20.08 11.81 24.56
CA ASN B 76 21.07 12.86 24.86
C ASN B 76 21.25 12.88 26.38
N HIS B 77 22.24 12.16 26.87
CA HIS B 77 22.47 12.13 28.33
C HIS B 77 23.88 11.76 28.65
N ILE B 78 24.38 12.30 29.76
CA ILE B 78 25.71 11.95 30.26
C ILE B 78 25.75 10.43 30.52
N ILE B 79 26.85 9.78 30.14
CA ILE B 79 27.03 8.37 30.50
C ILE B 79 27.49 8.33 31.97
N ALA B 80 26.51 8.32 32.86
CA ALA B 80 26.76 8.43 34.31
C ALA B 80 27.51 7.21 34.83
N PRO B 81 28.49 7.44 35.73
CA PRO B 81 29.22 6.35 36.39
C PRO B 81 28.32 5.40 37.20
N GLU B 82 27.24 5.93 37.76
CA GLU B 82 26.30 5.13 38.57
C GLU B 82 25.44 4.18 37.72
N TYR B 83 25.33 4.44 36.42
CA TYR B 83 24.48 3.62 35.55
C TYR B 83 25.05 2.21 35.40
N THR B 84 24.15 1.24 35.23
CA THR B 84 24.51 -0.16 35.02
C THR B 84 23.71 -0.78 33.85
N LEU B 85 24.42 -1.40 32.92
CA LEU B 85 23.79 -2.11 31.78
C LEU B 85 23.35 -3.50 32.17
N LYS B 86 22.05 -3.77 32.03
CA LYS B 86 21.45 -5.05 32.44
C LYS B 86 20.91 -5.80 31.24
N PRO B 87 20.97 -7.14 31.25
CA PRO B 87 20.33 -7.89 30.17
C PRO B 87 18.79 -7.74 30.18
N ASN B 88 18.18 -7.84 29.00
CA ASN B 88 16.72 -8.01 28.91
C ASN B 88 16.38 -9.51 28.72
N VAL B 89 15.29 -9.95 29.31
CA VAL B 89 14.91 -11.38 29.26
C VAL B 89 14.75 -11.94 27.83
N GLY B 90 14.35 -11.09 26.89
CA GLY B 90 14.08 -11.54 25.52
C GLY B 90 15.24 -11.52 24.58
N SER B 91 16.35 -10.94 24.99
CA SER B 91 17.41 -10.60 24.04
C SER B 91 18.81 -10.93 24.48
N ASP B 92 19.62 -11.43 23.54
CA ASP B 92 21.08 -11.52 23.75
C ASP B 92 21.87 -10.44 22.99
N ARG B 93 21.19 -9.36 22.60
CA ARG B 93 21.82 -8.26 21.85
C ARG B 93 21.25 -6.88 22.26
N SER B 94 20.87 -6.75 23.53
CA SER B 94 20.35 -5.50 24.08
C SER B 94 20.80 -5.25 25.52
N TRP B 95 20.74 -3.99 25.94
CA TRP B 95 20.96 -3.63 27.35
C TRP B 95 19.83 -2.81 27.82
N VAL B 96 19.48 -2.97 29.09
CA VAL B 96 18.54 -2.05 29.71
C VAL B 96 19.23 -1.33 30.84
N TYR B 97 18.90 -0.06 30.99
CA TYR B 97 19.45 0.73 32.07
C TYR B 97 18.56 1.92 32.37
N ALA B 98 18.68 2.41 33.61
CA ALA B 98 17.93 3.57 34.05
C ALA B 98 18.80 4.80 33.90
N CYS B 99 18.17 5.83 33.36
CA CYS B 99 18.79 7.12 33.07
C CYS B 99 17.93 8.14 33.79
N THR B 100 18.55 9.04 34.54
CA THR B 100 17.79 9.98 35.40
C THR B 100 17.63 11.36 34.81
N ALA B 101 18.37 11.65 33.74
CA ALA B 101 18.38 13.00 33.13
C ALA B 101 18.67 13.02 31.62
N ASP B 102 17.70 12.55 30.84
CA ASP B 102 17.75 12.62 29.35
C ASP B 102 17.04 13.88 28.84
N ILE B 103 17.71 14.61 27.93
CA ILE B 103 17.13 15.85 27.36
C ILE B 103 16.81 15.77 25.87
N ALA B 104 16.45 14.59 25.37
CA ALA B 104 16.09 14.45 23.95
C ALA B 104 14.81 15.24 23.61
N GLU B 105 13.79 15.13 24.46
CA GLU B 105 12.49 15.78 24.20
C GLU B 105 12.28 17.05 25.03
N GLY B 106 13.39 17.73 25.36
CA GLY B 106 13.35 19.03 26.06
C GLY B 106 13.86 19.00 27.50
N GLU B 107 12.92 19.11 28.44
N GLU B 107 12.95 19.13 28.45
CA GLU B 107 13.24 19.12 29.87
CA GLU B 107 13.33 19.18 29.86
C GLU B 107 13.77 17.75 30.35
C GLU B 107 13.76 17.79 30.36
N ALA B 108 14.70 17.79 31.30
CA ALA B 108 15.29 16.56 31.86
C ALA B 108 14.26 15.67 32.53
N GLU B 109 14.17 14.45 32.02
CA GLU B 109 13.20 13.46 32.42
C GLU B 109 13.96 12.18 32.73
N ALA B 110 13.44 11.39 33.66
CA ALA B 110 14.01 10.07 33.93
C ALA B 110 13.34 9.03 33.00
N PHE B 111 14.11 8.03 32.59
CA PHE B 111 13.61 6.96 31.73
C PHE B 111 14.29 5.66 32.09
N THR B 112 13.61 4.54 31.85
CA THR B 112 14.29 3.25 31.74
C THR B 112 14.46 2.99 30.25
N PHE B 113 15.70 2.93 29.79
CA PHE B 113 15.96 2.71 28.37
C PHE B 113 16.31 1.26 28.09
N ALA B 114 16.07 0.85 26.85
CA ALA B 114 16.62 -0.37 26.29
C ALA B 114 17.21 -0.02 24.96
N ILE B 115 18.38 -0.57 24.65
CA ILE B 115 18.99 -0.29 23.37
C ILE B 115 19.37 -1.63 22.76
N ARG B 116 18.89 -1.87 21.54
CA ARG B 116 19.18 -3.13 20.83
C ARG B 116 20.10 -2.88 19.64
N PHE B 117 20.91 -3.88 19.29
CA PHE B 117 21.91 -3.78 18.23
C PHE B 117 21.71 -4.89 17.20
N GLY B 118 22.51 -4.84 16.14
CA GLY B 118 22.41 -5.82 15.03
C GLY B 118 22.90 -7.22 15.38
N SER B 119 23.79 -7.29 16.36
CA SER B 119 24.39 -8.56 16.79
C SER B 119 24.79 -8.51 18.26
N LYS B 120 24.99 -9.69 18.83
CA LYS B 120 25.56 -9.84 20.17
C LYS B 120 26.94 -9.15 20.26
N GLU B 121 27.73 -9.29 19.20
CA GLU B 121 29.05 -8.66 19.10
C GLU B 121 28.94 -7.15 19.36
N ASN B 122 28.05 -6.49 18.60
CA ASN B 122 27.82 -5.05 18.74
C ASN B 122 27.34 -4.65 20.14
N ALA B 123 26.46 -5.47 20.70
CA ALA B 123 25.98 -5.25 22.07
C ALA B 123 27.14 -5.34 23.06
N ASP B 124 28.01 -6.33 22.87
CA ASP B 124 29.18 -6.53 23.73
C ASP B 124 30.22 -5.39 23.56
N LYS B 125 30.42 -4.96 22.33
CA LYS B 125 31.34 -3.84 22.03
C LYS B 125 30.79 -2.56 22.66
N PHE B 126 29.50 -2.34 22.51
CA PHE B 126 28.80 -1.22 23.18
C PHE B 126 29.02 -1.17 24.68
N LYS B 127 28.83 -2.30 25.36
CA LYS B 127 28.95 -2.37 26.83
C LYS B 127 30.38 -2.04 27.27
N GLU B 128 31.34 -2.63 26.56
CA GLU B 128 32.76 -2.38 26.80
C GLU B 128 33.08 -0.88 26.70
N GLU B 129 32.61 -0.28 25.62
CA GLU B 129 32.80 1.15 25.35
C GLU B 129 32.02 2.01 26.35
N PHE B 130 30.85 1.55 26.72
CA PHE B 130 30.02 2.24 27.72
C PHE B 130 30.75 2.31 29.09
N GLU B 131 31.38 1.21 29.50
CA GLU B 131 32.08 1.22 30.81
C GLU B 131 33.39 2.00 30.73
N LYS B 132 34.02 2.02 29.56
CA LYS B 132 35.20 2.86 29.32
C LYS B 132 34.85 4.34 29.51
N ALA B 133 33.73 4.75 28.91
CA ALA B 133 33.25 6.14 29.01
C ALA B 133 32.89 6.53 30.45
N GLN B 134 32.35 5.58 31.18
CA GLN B 134 32.07 5.76 32.62
C GLN B 134 33.35 6.10 33.41
N GLU B 135 34.45 5.43 33.09
CA GLU B 135 35.77 5.71 33.73
C GLU B 135 36.30 7.10 33.37
N ILE B 136 36.10 7.48 32.12
CA ILE B 136 36.49 8.79 31.64
C ILE B 136 35.72 9.87 32.41
N ASN B 137 34.41 9.68 32.49
CA ASN B 137 33.54 10.57 33.27
C ASN B 137 33.84 10.57 34.77
N LYS B 138 34.62 9.59 35.25
CA LYS B 138 35.07 9.59 36.65
C LYS B 138 36.20 10.62 36.94
N LYS B 139 37.26 10.59 36.12
N LYS B 139 37.15 10.72 36.00
CA LYS B 139 38.54 11.30 36.40
CA LYS B 139 38.01 11.93 35.88
C LYS B 139 38.35 12.64 37.12
C LYS B 139 37.29 13.00 35.07
N GLY C 1 -18.69 21.73 32.52
CA GLY C 1 -18.08 22.96 31.90
C GLY C 1 -19.12 23.94 31.38
N ALA C 2 -18.77 25.22 31.35
CA ALA C 2 -19.62 26.27 30.75
C ALA C 2 -20.00 25.90 29.31
N MET C 3 -19.03 25.37 28.57
CA MET C 3 -19.19 24.95 27.16
C MET C 3 -20.27 23.89 26.93
N GLU C 4 -20.47 23.00 27.90
CA GLU C 4 -21.46 21.89 27.76
C GLU C 4 -22.92 22.38 27.79
N GLY C 5 -23.12 23.68 27.99
CA GLY C 5 -24.46 24.30 27.97
C GLY C 5 -25.26 24.13 26.69
N ILE C 6 -24.59 24.12 25.54
CA ILE C 6 -25.28 23.96 24.23
C ILE C 6 -25.94 22.57 24.06
N LEU C 7 -25.55 21.62 24.91
CA LEU C 7 -26.06 20.23 24.83
C LEU C 7 -27.44 20.03 25.46
N ASP C 8 -27.90 21.01 26.25
CA ASP C 8 -29.22 20.95 26.88
C ASP C 8 -30.28 21.61 26.01
N PHE C 9 -31.05 20.77 25.32
CA PHE C 9 -32.07 21.24 24.34
C PHE C 9 -33.38 21.71 24.98
N SER C 10 -33.54 21.37 26.25
CA SER C 10 -34.67 21.85 27.08
C SER C 10 -34.54 23.34 27.38
N ASN C 11 -33.33 23.86 27.20
CA ASN C 11 -33.06 25.30 27.31
C ASN C 11 -32.81 25.83 25.89
N ASP C 12 -33.13 27.10 25.67
CA ASP C 12 -33.02 27.69 24.32
C ASP C 12 -31.54 27.83 23.97
N LEU C 13 -31.24 27.75 22.68
CA LEU C 13 -29.83 27.72 22.24
C LEU C 13 -29.16 29.09 22.34
N ASP C 14 -28.11 29.15 23.15
CA ASP C 14 -27.29 30.36 23.27
C ASP C 14 -26.29 30.39 22.10
N ILE C 15 -26.61 31.14 21.06
CA ILE C 15 -25.76 31.24 19.85
C ILE C 15 -24.36 31.78 20.15
N ALA C 16 -24.29 32.72 21.08
CA ALA C 16 -22.99 33.26 21.53
C ALA C 16 -22.13 32.16 22.16
N LEU C 17 -22.76 31.29 22.94
CA LEU C 17 -22.05 30.16 23.55
C LEU C 17 -21.59 29.18 22.46
N LEU C 18 -22.45 28.87 21.50
CA LEU C 18 -22.07 28.01 20.35
C LEU C 18 -20.82 28.57 19.68
N ASP C 19 -20.87 29.85 19.34
CA ASP C 19 -19.74 30.52 18.65
C ASP C 19 -18.44 30.44 19.46
N GLN C 20 -18.56 30.49 20.78
CA GLN C 20 -17.39 30.34 21.66
C GLN C 20 -16.83 28.90 21.60
N VAL C 21 -17.71 27.92 21.73
CA VAL C 21 -17.32 26.49 21.59
C VAL C 21 -16.60 26.22 20.26
N VAL C 22 -17.16 26.74 19.18
CA VAL C 22 -16.65 26.57 17.81
C VAL C 22 -15.26 27.23 17.66
N SER C 23 -15.15 28.47 18.11
CA SER C 23 -13.85 29.19 18.12
C SER C 23 -12.79 28.49 18.92
N THR C 24 -13.20 28.01 20.08
CA THR C 24 -12.33 27.24 20.94
C THR C 24 -11.85 25.99 20.19
N PHE C 25 -12.75 25.35 19.46
CA PHE C 25 -12.36 24.16 18.72
C PHE C 25 -11.34 24.47 17.59
N TYR C 26 -11.73 25.35 16.66
CA TYR C 26 -10.88 25.66 15.50
C TYR C 26 -9.62 26.48 15.83
N GLN C 27 -9.75 27.44 16.74
CA GLN C 27 -8.63 28.36 17.08
C GLN C 27 -7.89 28.06 18.38
N GLY C 28 -8.46 27.21 19.23
CA GLY C 28 -7.86 26.87 20.51
C GLY C 28 -6.82 25.79 20.37
N SER C 29 -6.38 25.22 21.49
CA SER C 29 -5.46 24.09 21.46
C SER C 29 -5.62 23.27 22.74
N GLY C 30 -4.79 22.25 22.85
CA GLY C 30 -4.75 21.38 24.04
C GLY C 30 -6.06 20.76 24.47
N VAL C 31 -6.28 20.79 25.79
CA VAL C 31 -7.44 20.16 26.46
C VAL C 31 -8.77 20.85 26.14
N GLN C 32 -8.74 22.18 26.08
N GLN C 32 -8.75 22.18 26.08
CA GLN C 32 -9.89 23.01 25.71
CA GLN C 32 -9.93 22.97 25.70
C GLN C 32 -10.41 22.73 24.28
C GLN C 32 -10.42 22.69 24.28
N GLN C 33 -9.49 22.59 23.34
CA GLN C 33 -9.84 22.21 21.96
C GLN C 33 -10.47 20.83 21.95
N LYS C 34 -9.84 19.91 22.68
CA LYS C 34 -10.34 18.55 22.86
C LYS C 34 -11.74 18.51 23.48
N GLN C 35 -11.96 19.17 24.62
CA GLN C 35 -13.30 19.27 25.21
C GLN C 35 -14.31 19.84 24.21
N ALA C 36 -13.92 20.93 23.55
CA ALA C 36 -14.82 21.63 22.63
C ALA C 36 -15.21 20.73 21.44
N GLN C 37 -14.24 19.98 20.93
CA GLN C 37 -14.47 18.99 19.85
C GLN C 37 -15.54 17.97 20.25
N GLU C 38 -15.43 17.43 21.45
CA GLU C 38 -16.40 16.43 21.93
C GLU C 38 -17.79 17.01 22.06
N ILE C 39 -17.84 18.23 22.59
CA ILE C 39 -19.10 18.93 22.72
C ILE C 39 -19.74 19.13 21.35
N LEU C 40 -18.97 19.56 20.37
CA LEU C 40 -19.56 19.89 19.05
C LEU C 40 -20.07 18.63 18.36
N THR C 41 -19.31 17.53 18.49
CA THR C 41 -19.73 16.24 17.96
C THR C 41 -21.04 15.76 18.60
N LYS C 42 -21.14 15.87 19.93
CA LYS C 42 -22.39 15.50 20.62
C LYS C 42 -23.55 16.37 20.18
N PHE C 43 -23.28 17.67 20.08
CA PHE C 43 -24.26 18.61 19.59
C PHE C 43 -24.74 18.22 18.19
N GLN C 44 -23.79 18.06 17.28
CA GLN C 44 -24.08 17.76 15.87
C GLN C 44 -24.88 16.47 15.71
N ASP C 45 -24.62 15.49 16.57
CA ASP C 45 -25.28 14.19 16.48
C ASP C 45 -26.64 14.14 17.16
N ASN C 46 -27.02 15.21 17.85
CA ASN C 46 -28.35 15.23 18.44
C ASN C 46 -29.38 15.15 17.31
N PRO C 47 -30.24 14.12 17.33
CA PRO C 47 -31.24 13.96 16.26
C PRO C 47 -32.22 15.11 16.11
N ASP C 48 -32.25 16.04 17.07
CA ASP C 48 -33.02 17.29 16.91
C ASP C 48 -32.19 18.52 16.60
N ALA C 49 -30.86 18.36 16.52
CA ALA C 49 -29.96 19.52 16.30
C ALA C 49 -30.35 20.36 15.09
N TRP C 50 -30.96 19.71 14.11
CA TRP C 50 -31.32 20.37 12.85
C TRP C 50 -32.33 21.46 13.01
N GLN C 51 -33.14 21.35 14.05
CA GLN C 51 -34.17 22.35 14.35
C GLN C 51 -33.54 23.69 14.74
N LYS C 52 -32.29 23.63 15.19
CA LYS C 52 -31.48 24.80 15.56
C LYS C 52 -30.80 25.50 14.38
N ALA C 53 -30.88 24.90 13.19
CA ALA C 53 -30.03 25.32 12.06
C ALA C 53 -30.37 26.72 11.53
N ASP C 54 -31.66 26.98 11.36
CA ASP C 54 -32.17 28.31 10.97
C ASP C 54 -31.66 29.41 11.92
N GLN C 55 -31.84 29.14 13.22
CA GLN C 55 -31.40 30.02 14.31
C GLN C 55 -29.91 30.35 14.21
N ILE C 56 -29.10 29.32 14.01
CA ILE C 56 -27.64 29.49 13.83
C ILE C 56 -27.33 30.25 12.54
N LEU C 57 -27.96 29.83 11.46
CA LEU C 57 -27.74 30.47 10.16
C LEU C 57 -28.07 31.96 10.25
N GLN C 58 -29.17 32.27 10.95
CA GLN C 58 -29.63 33.66 11.07
C GLN C 58 -28.80 34.54 11.98
N PHE C 59 -28.44 34.01 13.14
CA PHE C 59 -27.96 34.83 14.26
C PHE C 59 -26.48 34.70 14.57
N SER C 60 -25.81 33.74 13.93
CA SER C 60 -24.41 33.47 14.26
C SER C 60 -23.47 34.48 13.64
N THR C 61 -22.49 34.89 14.42
CA THR C 61 -21.43 35.79 13.95
C THR C 61 -20.16 34.99 13.62
N ASN C 62 -20.34 33.71 13.29
CA ASN C 62 -19.20 32.80 13.11
C ASN C 62 -19.46 31.86 11.92
N PRO C 63 -18.72 32.04 10.81
CA PRO C 63 -18.81 31.21 9.59
C PRO C 63 -18.71 29.71 9.84
N GLN C 64 -17.86 29.30 10.78
CA GLN C 64 -17.67 27.88 11.09
C GLN C 64 -18.89 27.30 11.80
N SER C 65 -19.49 28.09 12.68
CA SER C 65 -20.80 27.73 13.28
C SER C 65 -21.82 27.39 12.24
N LYS C 66 -21.83 28.20 11.20
CA LYS C 66 -22.85 28.08 10.17
C LYS C 66 -22.50 26.91 9.24
N PHE C 67 -21.21 26.65 9.06
CA PHE C 67 -20.77 25.47 8.31
C PHE C 67 -21.31 24.22 9.00
N ILE C 68 -21.09 24.16 10.30
CA ILE C 68 -21.52 23.02 11.12
C ILE C 68 -23.03 22.88 11.12
N ALA C 69 -23.73 24.01 11.09
CA ALA C 69 -25.19 23.99 10.94
C ALA C 69 -25.57 23.32 9.62
N LEU C 70 -24.85 23.70 8.56
CA LEU C 70 -25.09 23.12 7.23
C LEU C 70 -24.78 21.61 7.16
N SER C 71 -23.81 21.15 7.93
CA SER C 71 -23.51 19.69 8.00
C SER C 71 -24.63 18.93 8.71
N ILE C 72 -25.23 19.58 9.70
CA ILE C 72 -26.33 19.01 10.47
C ILE C 72 -27.53 18.82 9.55
N LEU C 73 -27.78 19.83 8.73
CA LEU C 73 -28.87 19.77 7.74
C LEU C 73 -28.57 18.71 6.66
N ASP C 74 -27.33 18.68 6.20
CA ASP C 74 -26.92 17.72 5.16
C ASP C 74 -27.24 16.30 5.61
N LYS C 75 -26.93 16.00 6.86
CA LYS C 75 -27.22 14.68 7.42
C LYS C 75 -28.72 14.38 7.46
N LEU C 76 -29.52 15.38 7.88
CA LEU C 76 -30.98 15.28 7.85
C LEU C 76 -31.46 15.00 6.42
N ILE C 77 -30.96 15.80 5.48
CA ILE C 77 -31.42 15.70 4.08
C ILE C 77 -31.07 14.36 3.41
N THR C 78 -29.89 13.85 3.70
N THR C 78 -29.87 13.87 3.70
CA THR C 78 -29.43 12.62 3.03
CA THR C 78 -29.36 12.63 3.12
C THR C 78 -29.93 11.34 3.70
C THR C 78 -30.07 11.40 3.65
N ARG C 79 -30.40 11.42 4.94
CA ARG C 79 -30.87 10.21 5.65
C ARG C 79 -32.35 10.19 6.06
N LYS C 80 -32.90 11.33 6.51
CA LYS C 80 -34.30 11.33 7.00
C LYS C 80 -35.25 12.35 6.35
N TRP C 81 -34.85 12.88 5.22
CA TRP C 81 -35.66 13.86 4.50
C TRP C 81 -37.12 13.51 4.35
N LYS C 82 -37.41 12.30 3.89
CA LYS C 82 -38.80 11.89 3.60
C LYS C 82 -39.60 11.59 4.87
N LEU C 83 -38.92 11.65 6.01
CA LEU C 83 -39.56 11.55 7.31
C LEU C 83 -40.30 12.86 7.61
N LEU C 84 -39.67 14.00 7.30
CA LEU C 84 -40.24 15.33 7.63
C LEU C 84 -41.63 15.56 7.03
N PRO C 85 -42.48 16.33 7.74
CA PRO C 85 -43.72 16.76 7.10
C PRO C 85 -43.39 17.77 6.00
N ASN C 86 -44.23 17.83 4.98
CA ASN C 86 -43.96 18.60 3.76
C ASN C 86 -43.66 20.11 3.93
N ASP C 87 -44.16 20.71 5.01
CA ASP C 87 -43.95 22.14 5.29
CA ASP C 87 -43.93 22.14 5.23
C ASP C 87 -42.56 22.40 5.86
N HIS C 88 -41.99 21.40 6.52
CA HIS C 88 -40.59 21.50 6.98
C HIS C 88 -39.66 21.35 5.80
N ARG C 89 -40.06 20.54 4.82
CA ARG C 89 -39.23 20.33 3.63
C ARG C 89 -39.16 21.60 2.79
N ILE C 90 -40.33 22.18 2.53
CA ILE C 90 -40.45 23.48 1.86
C ILE C 90 -39.69 24.59 2.62
N GLY C 91 -39.73 24.53 3.94
CA GLY C 91 -39.13 25.58 4.78
C GLY C 91 -37.63 25.52 4.73
N ILE C 92 -37.12 24.30 4.81
CA ILE C 92 -35.69 24.07 4.73
C ILE C 92 -35.17 24.48 3.36
N ARG C 93 -35.91 24.12 2.32
CA ARG C 93 -35.50 24.49 0.97
C ARG C 93 -35.46 26.00 0.76
N ASN C 94 -36.50 26.68 1.24
CA ASN C 94 -36.59 28.13 1.16
C ASN C 94 -35.44 28.82 1.88
N PHE C 95 -35.16 28.49 3.15
CA PHE C 95 -34.06 29.22 3.81
C PHE C 95 -32.66 28.86 3.31
N VAL C 96 -32.48 27.67 2.72
CA VAL C 96 -31.20 27.38 2.06
C VAL C 96 -31.06 28.20 0.79
N VAL C 97 -32.05 28.16 -0.09
CA VAL C 97 -32.03 28.99 -1.31
C VAL C 97 -31.85 30.48 -0.98
N GLY C 98 -32.62 30.95 0.00
CA GLY C 98 -32.61 32.36 0.40
C GLY C 98 -31.28 32.82 0.98
N MET C 99 -30.66 31.95 1.77
CA MET C 99 -29.32 32.24 2.34
C MET C 99 -28.28 32.39 1.24
N ILE C 100 -28.42 31.56 0.20
CA ILE C 100 -27.45 31.56 -0.90
C ILE C 100 -27.58 32.85 -1.69
N ILE C 101 -28.82 33.18 -2.02
CA ILE C 101 -29.15 34.42 -2.72
C ILE C 101 -28.58 35.60 -1.92
N SER C 102 -28.89 35.64 -0.64
CA SER C 102 -28.49 36.72 0.26
C SER C 102 -26.97 36.88 0.43
N MET C 103 -26.25 35.77 0.51
N MET C 103 -26.26 35.76 0.51
CA MET C 103 -24.77 35.81 0.64
CA MET C 103 -24.78 35.75 0.61
C MET C 103 -24.06 36.21 -0.66
C MET C 103 -24.09 36.25 -0.66
N CYS C 104 -24.68 35.88 -1.80
CA CYS C 104 -24.19 36.29 -3.11
C CYS C 104 -24.37 37.79 -3.39
N GLN C 105 -25.49 38.35 -2.94
CA GLN C 105 -25.81 39.77 -3.22
C GLN C 105 -24.95 40.77 -2.45
N ASP C 106 -24.39 40.32 -1.34
CA ASP C 106 -23.49 41.13 -0.50
C ASP C 106 -22.05 40.77 -0.88
N ASP C 107 -21.43 41.63 -1.69
CA ASP C 107 -20.10 41.38 -2.27
C ASP C 107 -19.01 41.04 -1.26
N GLU C 108 -19.04 41.71 -0.11
CA GLU C 108 -18.01 41.45 0.92
C GLU C 108 -18.13 40.01 1.39
N VAL C 109 -19.38 39.56 1.59
CA VAL C 109 -19.67 38.18 2.00
C VAL C 109 -19.21 37.18 0.91
N PHE C 110 -19.58 37.48 -0.32
CA PHE C 110 -19.15 36.68 -1.50
C PHE C 110 -17.64 36.49 -1.61
N LYS C 111 -16.89 37.52 -1.23
CA LYS C 111 -15.44 37.52 -1.42
C LYS C 111 -14.76 36.76 -0.30
N THR C 112 -15.27 36.96 0.91
CA THR C 112 -14.61 36.48 2.13
C THR C 112 -15.17 35.18 2.71
N GLN C 113 -16.39 34.79 2.35
CA GLN C 113 -17.02 33.60 2.93
CA GLN C 113 -17.03 33.60 2.94
C GLN C 113 -17.25 32.48 1.91
N LYS C 114 -16.23 32.21 1.10
CA LYS C 114 -16.32 31.16 0.05
C LYS C 114 -16.64 29.75 0.56
N ASN C 115 -16.06 29.39 1.69
CA ASN C 115 -16.24 28.05 2.25
C ASN C 115 -17.67 27.82 2.62
N LEU C 116 -18.24 28.84 3.23
CA LEU C 116 -19.62 28.80 3.68
C LEU C 116 -20.53 28.71 2.47
N ILE C 117 -20.24 29.48 1.44
CA ILE C 117 -21.13 29.53 0.26
C ILE C 117 -21.12 28.20 -0.50
N ASN C 118 -19.92 27.69 -0.75
CA ASN C 118 -19.73 26.36 -1.34
C ASN C 118 -20.44 25.27 -0.57
N LYS C 119 -20.37 25.35 0.76
CA LYS C 119 -21.03 24.38 1.63
C LYS C 119 -22.55 24.48 1.49
N SER C 120 -23.03 25.72 1.39
CA SER C 120 -24.45 25.99 1.12
C SER C 120 -24.88 25.40 -0.22
N ASP C 121 -24.06 25.61 -1.23
CA ASP C 121 -24.36 25.07 -2.58
C ASP C 121 -24.45 23.53 -2.59
N LEU C 122 -23.56 22.87 -1.84
CA LEU C 122 -23.60 21.41 -1.68
C LEU C 122 -24.86 20.99 -0.97
N THR C 123 -25.20 21.74 0.08
CA THR C 123 -26.41 21.46 0.85
C THR C 123 -27.62 21.56 -0.09
N LEU C 124 -27.65 22.59 -0.93
CA LEU C 124 -28.71 22.74 -1.95
C LEU C 124 -28.74 21.53 -2.90
N VAL C 125 -27.57 21.11 -3.34
CA VAL C 125 -27.50 19.95 -4.24
C VAL C 125 -28.07 18.70 -3.55
N GLN C 126 -27.84 18.50 -2.25
CA GLN C 126 -28.41 17.34 -1.56
CA GLN C 126 -28.42 17.35 -1.55
C GLN C 126 -29.95 17.42 -1.62
N ILE C 127 -30.47 18.64 -1.44
CA ILE C 127 -31.92 18.85 -1.56
C ILE C 127 -32.39 18.51 -2.98
N LEU C 128 -31.67 18.98 -4.01
CA LEU C 128 -32.02 18.63 -5.40
C LEU C 128 -32.08 17.12 -5.62
N LYS C 129 -31.16 16.40 -5.00
CA LYS C 129 -31.10 14.95 -5.19
C LYS C 129 -32.34 14.27 -4.66
N GLN C 130 -32.89 14.85 -3.60
CA GLN C 130 -34.16 14.39 -3.03
C GLN C 130 -35.39 14.86 -3.82
N GLU C 131 -35.35 16.09 -4.32
CA GLU C 131 -36.58 16.76 -4.77
C GLU C 131 -36.75 17.03 -6.26
N TRP C 132 -35.66 16.99 -7.02
CA TRP C 132 -35.62 17.49 -8.40
C TRP C 132 -35.52 16.38 -9.43
N PRO C 133 -36.19 16.50 -10.60
CA PRO C 133 -37.12 17.59 -10.99
C PRO C 133 -38.57 17.39 -10.54
N GLN C 134 -38.89 16.21 -10.02
CA GLN C 134 -40.30 15.83 -9.75
C GLN C 134 -41.10 16.84 -8.88
N ASN C 135 -40.47 17.38 -7.83
CA ASN C 135 -41.10 18.34 -6.90
CA ASN C 135 -41.09 18.33 -6.90
C ASN C 135 -40.38 19.68 -6.92
N TRP C 136 -39.74 19.96 -8.05
CA TRP C 136 -39.02 21.20 -8.30
C TRP C 136 -38.72 21.40 -9.77
N PRO C 137 -39.73 21.28 -10.64
CA PRO C 137 -39.51 21.29 -12.09
C PRO C 137 -38.91 22.57 -12.68
N GLU C 138 -39.02 23.69 -11.97
CA GLU C 138 -38.53 24.98 -12.50
C GLU C 138 -37.15 25.38 -12.02
N PHE C 139 -36.47 24.48 -11.33
CA PHE C 139 -35.16 24.84 -10.73
C PHE C 139 -34.20 25.37 -11.79
N ILE C 140 -34.06 24.67 -12.90
CA ILE C 140 -33.07 25.01 -13.93
C ILE C 140 -33.44 26.28 -14.74
N PRO C 141 -34.69 26.37 -15.26
CA PRO C 141 -35.06 27.61 -15.93
C PRO C 141 -34.85 28.84 -15.04
N GLU C 142 -35.17 28.70 -13.76
CA GLU C 142 -35.02 29.80 -12.80
C GLU C 142 -33.58 30.12 -12.47
N LEU C 143 -32.77 29.08 -12.32
CA LEU C 143 -31.32 29.26 -12.11
C LEU C 143 -30.72 30.06 -13.28
N ILE C 144 -31.06 29.65 -14.49
CA ILE C 144 -30.62 30.36 -15.71
C ILE C 144 -31.08 31.81 -15.70
N GLY C 145 -32.35 32.02 -15.35
CA GLY C 145 -32.91 33.38 -15.24
C GLY C 145 -32.17 34.23 -14.23
N SER C 146 -31.92 33.65 -13.05
CA SER C 146 -31.19 34.36 -11.97
CA SER C 146 -31.16 34.31 -11.97
C SER C 146 -29.78 34.78 -12.40
N SER C 147 -29.17 34.01 -13.29
CA SER C 147 -27.77 34.21 -13.65
C SER C 147 -27.51 35.57 -14.30
N SER C 148 -28.38 35.93 -15.22
CA SER C 148 -28.27 37.20 -15.94
C SER C 148 -28.39 38.41 -15.01
N SER C 149 -29.18 38.23 -13.96
CA SER C 149 -29.46 39.29 -12.99
C SER C 149 -28.26 39.82 -12.20
N SER C 150 -27.37 38.93 -11.79
CA SER C 150 -26.16 39.33 -11.07
C SER C 150 -24.94 38.48 -11.44
N VAL C 151 -23.78 39.12 -11.47
CA VAL C 151 -22.52 38.41 -11.74
C VAL C 151 -22.08 37.45 -10.62
N ASN C 152 -22.28 37.86 -9.38
CA ASN C 152 -22.00 36.99 -8.24
C ASN C 152 -22.91 35.77 -8.24
N VAL C 153 -24.20 36.01 -8.47
CA VAL C 153 -25.19 34.94 -8.57
C VAL C 153 -24.88 33.99 -9.74
N CYS C 154 -24.45 34.57 -10.86
CA CYS C 154 -24.11 33.78 -12.05
C CYS C 154 -22.92 32.86 -11.78
N GLU C 155 -21.87 33.43 -11.19
CA GLU C 155 -20.68 32.68 -10.80
C GLU C 155 -21.04 31.49 -9.90
N ASN C 156 -21.85 31.77 -8.89
CA ASN C 156 -22.26 30.77 -7.91
C ASN C 156 -23.13 29.67 -8.50
N ASN C 157 -24.08 30.03 -9.35
CA ASN C 157 -24.87 29.07 -10.13
C ASN C 157 -24.01 28.03 -10.85
N MET C 158 -22.90 28.46 -11.45
CA MET C 158 -21.92 27.56 -12.08
C MET C 158 -21.33 26.55 -11.10
N ILE C 159 -21.11 27.00 -9.88
CA ILE C 159 -20.66 26.11 -8.79
C ILE C 159 -21.74 25.09 -8.45
N VAL C 160 -22.98 25.55 -8.31
CA VAL C 160 -24.13 24.66 -8.07
C VAL C 160 -24.22 23.57 -9.17
N LEU C 161 -24.15 23.99 -10.43
CA LEU C 161 -24.25 23.05 -11.57
C LEU C 161 -23.09 22.05 -11.63
N LYS C 162 -21.88 22.55 -11.33
CA LYS C 162 -20.70 21.70 -11.23
C LYS C 162 -20.94 20.60 -10.18
N LEU C 163 -21.39 21.01 -9.00
CA LEU C 163 -21.63 20.06 -7.91
C LEU C 163 -22.74 19.08 -8.27
N LEU C 164 -23.80 19.59 -8.89
CA LEU C 164 -24.89 18.74 -9.36
C LEU C 164 -24.42 17.70 -10.38
N SER C 165 -23.63 18.13 -11.36
CA SER C 165 -23.10 17.20 -12.38
C SER C 165 -22.23 16.11 -11.71
N GLU C 166 -21.37 16.53 -10.80
CA GLU C 166 -20.55 15.57 -10.00
C GLU C 166 -21.38 14.54 -9.25
N GLU C 167 -22.38 15.03 -8.53
CA GLU C 167 -23.19 14.16 -7.66
C GLU C 167 -24.02 13.19 -8.48
N VAL C 168 -24.38 13.57 -9.69
CA VAL C 168 -25.24 12.74 -10.54
C VAL C 168 -24.44 11.77 -11.43
N PHE C 169 -23.34 12.26 -11.99
CA PHE C 169 -22.58 11.46 -12.97
C PHE C 169 -21.29 10.84 -12.48
N ASP C 170 -20.61 11.47 -11.55
CA ASP C 170 -19.28 11.00 -11.15
C ASP C 170 -19.27 10.20 -9.84
N PHE C 171 -20.22 10.50 -8.96
CA PHE C 171 -20.25 9.88 -7.62
C PHE C 171 -21.59 9.22 -7.27
N SER C 172 -22.38 8.89 -8.27
CA SER C 172 -23.69 8.34 -7.98
C SER C 172 -23.66 6.83 -7.80
N ALA C 173 -22.64 6.19 -8.38
CA ALA C 173 -22.58 4.74 -8.45
C ALA C 173 -22.72 4.13 -7.06
N GLU C 174 -21.94 4.60 -6.10
CA GLU C 174 -22.02 4.06 -4.73
C GLU C 174 -23.10 4.70 -3.86
N GLN C 175 -23.68 5.83 -4.26
CA GLN C 175 -24.53 6.61 -3.34
C GLN C 175 -26.05 6.63 -3.66
N MET C 176 -26.44 6.04 -4.80
CA MET C 176 -27.86 5.98 -5.23
C MET C 176 -28.22 4.64 -5.78
N THR C 177 -29.49 4.28 -5.76
CA THR C 177 -29.90 3.06 -6.43
C THR C 177 -29.68 3.22 -7.94
N GLN C 178 -29.61 2.11 -8.65
CA GLN C 178 -29.53 2.18 -10.11
C GLN C 178 -30.69 2.99 -10.69
N ALA C 179 -31.88 2.77 -10.17
CA ALA C 179 -33.07 3.48 -10.69
C ALA C 179 -32.99 4.98 -10.46
N LYS C 180 -32.49 5.38 -9.30
CA LYS C 180 -32.51 6.79 -8.98
C LYS C 180 -31.44 7.52 -9.78
N ALA C 181 -30.27 6.89 -9.92
CA ALA C 181 -29.17 7.47 -10.68
C ALA C 181 -29.60 7.73 -12.13
N LEU C 182 -30.25 6.75 -12.72
CA LEU C 182 -30.77 6.86 -14.09
C LEU C 182 -31.76 8.03 -14.20
N HIS C 183 -32.70 8.07 -13.28
CA HIS C 183 -33.66 9.17 -13.15
C HIS C 183 -32.97 10.51 -13.20
N LEU C 184 -31.96 10.69 -12.36
CA LEU C 184 -31.30 11.98 -12.27
C LEU C 184 -30.44 12.25 -13.53
N LYS C 185 -29.80 11.22 -14.08
CA LYS C 185 -29.02 11.36 -15.32
C LYS C 185 -29.93 11.78 -16.47
N ASN C 186 -31.06 11.09 -16.60
CA ASN C 186 -32.05 11.48 -17.60
C ASN C 186 -32.57 12.89 -17.41
N SER C 187 -32.81 13.26 -16.16
CA SER C 187 -33.33 14.60 -15.88
C SER C 187 -32.34 15.69 -16.28
N MET C 188 -31.06 15.46 -16.00
CA MET C 188 -30.01 16.44 -16.32
C MET C 188 -29.75 16.51 -17.82
N SER C 189 -29.84 15.35 -18.47
CA SER C 189 -29.73 15.26 -19.92
CA SER C 189 -29.73 15.27 -19.93
C SER C 189 -30.85 16.04 -20.61
N LYS C 190 -32.08 15.89 -20.12
CA LYS C 190 -33.24 16.58 -20.72
C LYS C 190 -33.09 18.11 -20.67
N GLU C 191 -32.43 18.62 -19.63
CA GLU C 191 -32.28 20.08 -19.49
C GLU C 191 -30.95 20.65 -19.91
N PHE C 192 -30.08 19.81 -20.45
CA PHE C 192 -28.73 20.26 -20.70
C PHE C 192 -28.58 21.37 -21.75
N GLU C 193 -29.38 21.31 -22.82
N GLU C 193 -29.38 21.29 -22.83
CA GLU C 193 -29.32 22.32 -23.89
CA GLU C 193 -29.40 22.32 -23.90
C GLU C 193 -29.43 23.74 -23.32
C GLU C 193 -29.44 23.74 -23.33
N GLN C 194 -30.31 23.93 -22.34
CA GLN C 194 -30.42 25.26 -21.76
CA GLN C 194 -30.49 25.21 -21.62
C GLN C 194 -29.22 25.57 -20.85
N ILE C 195 -28.67 24.57 -20.18
CA ILE C 195 -27.48 24.78 -19.36
C ILE C 195 -26.30 25.14 -20.24
N PHE C 196 -26.15 24.41 -21.33
CA PHE C 196 -25.09 24.69 -22.30
C PHE C 196 -25.20 26.10 -22.91
N LYS C 197 -26.41 26.54 -23.20
CA LYS C 197 -26.62 27.86 -23.82
C LYS C 197 -26.04 28.93 -22.89
N LEU C 198 -26.41 28.86 -21.62
CA LEU C 198 -25.91 29.78 -20.58
C LEU C 198 -24.38 29.73 -20.45
N CYS C 199 -23.85 28.51 -20.46
CA CYS C 199 -22.42 28.25 -20.41
CA CYS C 199 -22.41 28.31 -20.35
C CYS C 199 -21.67 28.87 -21.58
N PHE C 200 -22.13 28.57 -22.79
CA PHE C 200 -21.49 29.11 -23.99
C PHE C 200 -21.56 30.65 -24.01
N GLN C 201 -22.71 31.20 -23.69
CA GLN C 201 -22.88 32.65 -23.64
C GLN C 201 -21.81 33.26 -22.75
N VAL C 202 -21.76 32.79 -21.49
CA VAL C 202 -20.77 33.28 -20.51
C VAL C 202 -19.34 33.24 -21.06
N LEU C 203 -18.97 32.14 -21.71
CA LEU C 203 -17.61 31.96 -22.24
C LEU C 203 -17.32 32.95 -23.36
N GLU C 204 -18.26 33.05 -24.30
CA GLU C 204 -18.19 34.03 -25.40
C GLU C 204 -18.09 35.49 -24.93
N GLN C 205 -19.01 35.88 -24.06
CA GLN C 205 -19.06 37.27 -23.55
C GLN C 205 -17.87 37.70 -22.68
N GLY C 206 -17.08 36.74 -22.21
CA GLY C 206 -15.88 37.03 -21.40
C GLY C 206 -16.15 37.99 -20.24
N SER C 208 -15.73 38.71 -16.58
CA SER C 208 -15.07 38.62 -15.27
C SER C 208 -14.33 37.27 -15.17
N SER C 209 -13.04 37.34 -14.83
CA SER C 209 -12.16 36.18 -14.91
C SER C 209 -12.63 35.07 -13.96
N SER C 210 -13.11 35.44 -12.78
CA SER C 210 -13.56 34.42 -11.81
C SER C 210 -14.85 33.73 -12.27
N LEU C 211 -15.72 34.47 -12.94
CA LEU C 211 -16.93 33.87 -13.52
C LEU C 211 -16.56 32.90 -14.65
N ILE C 212 -15.60 33.30 -15.46
CA ILE C 212 -15.13 32.46 -16.56
C ILE C 212 -14.48 31.19 -16.00
N VAL C 213 -13.66 31.35 -14.97
CA VAL C 213 -13.01 30.19 -14.36
C VAL C 213 -14.06 29.23 -13.78
N ALA C 214 -15.05 29.76 -13.07
CA ALA C 214 -16.11 28.92 -12.49
C ALA C 214 -16.89 28.16 -13.59
N THR C 215 -17.09 28.83 -14.73
CA THR C 215 -17.83 28.25 -15.85
C THR C 215 -17.03 27.13 -16.50
N LEU C 216 -15.73 27.37 -16.66
CA LEU C 216 -14.84 26.34 -17.20
C LEU C 216 -14.72 25.12 -16.25
N GLU C 217 -14.69 25.35 -14.94
N GLU C 217 -14.71 25.40 -14.96
CA GLU C 217 -14.67 24.21 -14.00
CA GLU C 217 -14.68 24.34 -13.94
C GLU C 217 -15.96 23.41 -14.14
C GLU C 217 -15.95 23.47 -14.05
N SER C 218 -17.10 24.09 -14.31
CA SER C 218 -18.35 23.32 -14.55
C SER C 218 -18.27 22.54 -15.88
N LEU C 219 -17.74 23.19 -16.92
CA LEU C 219 -17.62 22.52 -18.23
C LEU C 219 -16.79 21.25 -18.13
N LEU C 220 -15.70 21.33 -17.38
CA LEU C 220 -14.84 20.16 -17.13
C LEU C 220 -15.68 18.95 -16.69
N ARG C 221 -16.60 19.19 -15.79
CA ARG C 221 -17.47 18.12 -15.26
C ARG C 221 -18.43 17.58 -16.33
N TYR C 222 -18.94 18.47 -17.17
CA TYR C 222 -19.92 18.09 -18.21
C TYR C 222 -19.29 17.23 -19.28
N LEU C 223 -18.04 17.54 -19.59
CA LEU C 223 -17.28 16.78 -20.59
C LEU C 223 -17.22 15.29 -20.28
N HIS C 224 -17.41 14.89 -19.02
CA HIS C 224 -17.46 13.45 -18.68
C HIS C 224 -18.61 12.73 -19.32
N TRP C 225 -19.66 13.43 -19.71
CA TRP C 225 -20.90 12.75 -20.14
C TRP C 225 -21.70 13.35 -21.28
N ILE C 226 -21.53 14.65 -21.56
CA ILE C 226 -22.41 15.32 -22.54
C ILE C 226 -22.18 14.80 -23.97
N PRO C 227 -23.22 14.89 -24.84
CA PRO C 227 -23.03 14.43 -26.21
C PRO C 227 -21.95 15.23 -26.96
N TYR C 228 -21.20 14.59 -27.84
CA TYR C 228 -20.04 15.24 -28.52
C TYR C 228 -20.44 16.44 -29.42
N ARG C 229 -21.68 16.43 -29.94
CA ARG C 229 -22.16 17.55 -30.77
C ARG C 229 -22.04 18.90 -30.06
N TYR C 230 -22.21 18.92 -28.74
CA TYR C 230 -22.05 20.19 -28.00
C TYR C 230 -20.62 20.70 -28.07
N ILE C 231 -19.68 19.80 -28.32
CA ILE C 231 -18.27 20.19 -28.34
C ILE C 231 -17.75 20.48 -29.75
N TYR C 232 -18.25 19.71 -30.71
CA TYR C 232 -17.77 19.80 -32.07
C TYR C 232 -18.61 20.68 -33.01
N GLU C 233 -19.87 20.90 -32.67
CA GLU C 233 -20.78 21.68 -33.55
C GLU C 233 -21.05 23.09 -33.05
N THR C 234 -20.35 23.48 -32.01
CA THR C 234 -20.38 24.85 -31.55
C THR C 234 -18.98 25.37 -31.78
N ASN C 235 -18.75 26.62 -31.43
CA ASN C 235 -17.41 27.19 -31.61
C ASN C 235 -16.57 27.08 -30.31
N ILE C 236 -16.93 26.14 -29.45
CA ILE C 236 -16.34 26.08 -28.11
C ILE C 236 -14.88 25.60 -28.15
N LEU C 237 -14.58 24.69 -29.07
CA LEU C 237 -13.19 24.22 -29.25
C LEU C 237 -12.23 25.35 -29.59
N GLU C 238 -12.67 26.24 -30.49
CA GLU C 238 -11.85 27.42 -30.85
CA GLU C 238 -11.83 27.40 -30.86
C GLU C 238 -11.54 28.26 -29.62
N LEU C 239 -12.57 28.54 -28.85
CA LEU C 239 -12.46 29.38 -27.64
C LEU C 239 -11.49 28.76 -26.64
N LEU C 240 -11.68 27.46 -26.39
CA LEU C 240 -10.86 26.72 -25.44
C LEU C 240 -9.39 26.73 -25.83
N SER C 241 -9.14 26.46 -27.11
CA SER C 241 -7.77 26.27 -27.59
C SER C 241 -7.04 27.58 -27.92
N THR C 242 -7.75 28.69 -27.97
CA THR C 242 -7.11 29.99 -28.25
C THR C 242 -7.28 30.95 -27.06
N LYS C 243 -8.39 31.66 -27.05
CA LYS C 243 -8.75 32.64 -26.02
C LYS C 243 -8.42 32.20 -24.58
N PHE C 244 -8.90 31.02 -24.19
CA PHE C 244 -8.72 30.58 -22.79
C PHE C 244 -7.32 30.00 -22.48
N MET C 245 -6.56 29.69 -23.51
CA MET C 245 -5.14 29.34 -23.33
C MET C 245 -4.26 30.57 -23.08
N THR C 246 -4.64 31.74 -23.60
CA THR C 246 -3.76 32.92 -23.51
C THR C 246 -3.62 33.46 -22.08
N SER C 247 -4.71 33.53 -21.32
CA SER C 247 -4.67 34.05 -19.95
C SER C 247 -4.33 32.95 -18.94
N PRO C 248 -3.31 33.17 -18.06
CA PRO C 248 -2.90 32.12 -17.11
C PRO C 248 -3.94 31.76 -16.03
N ASP C 249 -4.84 32.71 -15.78
CA ASP C 249 -6.02 32.50 -14.92
CA ASP C 249 -5.99 32.48 -14.90
C ASP C 249 -6.90 31.34 -15.41
N THR C 250 -7.22 31.34 -16.71
CA THR C 250 -8.08 30.31 -17.30
C THR C 250 -7.33 29.13 -17.92
N ARG C 251 -6.01 29.23 -18.01
CA ARG C 251 -5.22 28.28 -18.80
C ARG C 251 -5.20 26.90 -18.17
N ALA C 252 -5.06 26.88 -16.85
CA ALA C 252 -5.00 25.61 -16.09
C ALA C 252 -6.24 24.75 -16.31
N ILE C 253 -7.40 25.35 -16.13
CA ILE C 253 -8.66 24.62 -16.24
C ILE C 253 -8.98 24.28 -17.71
N THR C 254 -8.61 25.15 -18.63
CA THR C 254 -8.85 24.93 -20.07
C THR C 254 -8.06 23.74 -20.57
N LEU C 255 -6.86 23.62 -20.05
CA LEU C 255 -6.00 22.51 -20.41
C LEU C 255 -6.63 21.21 -19.93
N LYS C 256 -7.26 21.23 -18.76
CA LYS C 256 -7.94 20.04 -18.23
CA LYS C 256 -7.95 20.04 -18.22
C LYS C 256 -9.20 19.71 -19.03
N CYS C 257 -9.91 20.75 -19.48
CA CYS C 257 -11.04 20.56 -20.38
C CYS C 257 -10.60 19.91 -21.69
N LEU C 258 -9.51 20.42 -22.27
CA LEU C 258 -9.01 19.91 -23.55
C LEU C 258 -8.51 18.47 -23.43
N THR C 259 -7.93 18.14 -22.28
CA THR C 259 -7.61 16.75 -22.00
C THR C 259 -8.87 15.89 -21.98
N GLU C 260 -9.92 16.33 -21.29
CA GLU C 260 -11.17 15.56 -21.31
C GLU C 260 -11.76 15.50 -22.72
N VAL C 261 -11.69 16.62 -23.46
CA VAL C 261 -12.19 16.61 -24.84
C VAL C 261 -11.46 15.58 -25.69
N SER C 262 -10.15 15.47 -25.48
CA SER C 262 -9.36 14.46 -26.19
C SER C 262 -9.80 13.01 -25.88
N ASN C 263 -10.85 12.87 -25.05
CA ASN C 263 -11.49 11.56 -24.71
C ASN C 263 -12.99 11.40 -25.05
N LEU C 264 -13.65 12.43 -25.55
CA LEU C 264 -15.07 12.32 -25.91
C LEU C 264 -15.34 11.14 -26.85
N LYS C 265 -16.55 10.56 -26.80
CA LYS C 265 -16.98 9.58 -27.83
C LYS C 265 -17.22 10.38 -29.13
N ILE C 266 -16.53 9.91 -30.18
CA ILE C 266 -16.36 10.66 -31.45
C ILE C 266 -16.25 9.69 -32.67
N PRO C 267 -17.05 9.92 -33.73
CA PRO C 267 -17.06 9.07 -34.92
C PRO C 267 -15.72 8.98 -35.67
N GLN C 268 -15.40 7.78 -36.16
CA GLN C 268 -14.06 7.44 -36.70
C GLN C 268 -13.89 7.62 -38.22
N ASP C 269 -15.01 7.84 -38.92
CA ASP C 269 -15.01 7.96 -40.39
C ASP C 269 -15.11 9.41 -40.87
N ASN C 270 -15.56 10.26 -39.95
CA ASN C 270 -15.95 11.65 -40.23
C ASN C 270 -14.77 12.62 -40.43
N ASP C 271 -14.53 13.02 -41.68
CA ASP C 271 -13.37 13.86 -42.04
C ASP C 271 -13.36 15.25 -41.40
N LEU C 272 -14.54 15.85 -41.25
CA LEU C 272 -14.65 17.19 -40.64
C LEU C 272 -14.26 17.18 -39.16
N ILE C 273 -14.77 16.20 -38.40
CA ILE C 273 -14.42 16.07 -36.98
C ILE C 273 -12.94 15.80 -36.78
N LYS C 274 -12.40 14.95 -37.63
CA LYS C 274 -10.94 14.74 -37.71
C LYS C 274 -10.21 16.09 -37.86
N ARG C 275 -10.72 16.94 -38.77
CA ARG C 275 -10.11 18.26 -39.01
C ARG C 275 -10.17 19.12 -37.75
N GLN C 276 -11.26 19.02 -37.03
CA GLN C 276 -11.47 19.82 -35.83
C GLN C 276 -10.62 19.36 -34.65
N THR C 277 -10.34 18.08 -34.62
CA THR C 277 -9.57 17.49 -33.55
C THR C 277 -8.11 17.88 -33.76
N VAL C 278 -7.72 17.97 -35.03
CA VAL C 278 -6.35 18.42 -35.42
C VAL C 278 -6.18 19.88 -35.06
N LEU C 279 -7.21 20.66 -35.39
CA LEU C 279 -7.18 22.11 -35.23
C LEU C 279 -7.05 22.54 -33.78
N PHE C 280 -7.82 21.94 -32.86
CA PHE C 280 -7.73 22.38 -31.44
C PHE C 280 -6.36 22.09 -30.85
N PHE C 281 -5.74 21.01 -31.30
CA PHE C 281 -4.40 20.65 -30.84
C PHE C 281 -3.38 21.64 -31.38
N GLN C 282 -3.49 21.91 -32.68
CA GLN C 282 -2.68 22.90 -33.36
C GLN C 282 -2.72 24.27 -32.65
N ASN C 283 -3.93 24.76 -32.40
CA ASN C 283 -4.14 26.03 -31.67
C ASN C 283 -3.46 25.98 -30.31
N THR C 284 -3.72 24.91 -29.58
CA THR C 284 -3.24 24.77 -28.21
C THR C 284 -1.71 24.82 -28.15
N LEU C 285 -1.07 24.03 -29.01
CA LEU C 285 0.40 24.01 -29.10
C LEU C 285 0.98 25.36 -29.57
N GLN C 286 0.27 26.09 -30.42
CA GLN C 286 0.71 27.43 -30.84
CA GLN C 286 0.71 27.43 -30.86
C GLN C 286 0.62 28.41 -29.66
N GLN C 287 -0.43 28.28 -28.85
CA GLN C 287 -0.56 29.14 -27.65
C GLN C 287 0.55 28.91 -26.59
N ILE C 288 0.92 27.64 -26.39
CA ILE C 288 2.02 27.28 -25.48
CA ILE C 288 2.01 27.31 -25.47
C ILE C 288 3.34 27.87 -25.97
N ALA C 289 3.59 27.71 -27.26
CA ALA C 289 4.86 28.16 -27.89
C ALA C 289 5.04 29.68 -27.85
N THR C 290 3.95 30.42 -27.97
CA THR C 290 4.00 31.88 -28.03
C THR C 290 3.77 32.55 -26.67
N SER C 291 2.91 31.95 -25.86
CA SER C 291 2.56 32.55 -24.53
C SER C 291 3.25 31.96 -23.31
N VAL C 292 3.75 30.74 -23.42
CA VAL C 292 4.24 30.05 -22.23
C VAL C 292 5.73 29.73 -22.35
N MET C 293 6.11 28.85 -23.28
CA MET C 293 7.53 28.63 -23.52
C MET C 293 7.78 27.92 -24.82
N PRO C 294 8.93 28.21 -25.47
CA PRO C 294 9.24 27.54 -26.72
C PRO C 294 9.63 26.08 -26.47
N VAL C 295 9.64 25.31 -27.54
CA VAL C 295 9.97 23.87 -27.51
CA VAL C 295 9.93 23.86 -27.43
C VAL C 295 11.36 23.60 -26.98
N THR C 296 12.24 24.58 -27.12
CA THR C 296 13.62 24.44 -26.68
C THR C 296 13.81 24.66 -25.17
N ALA C 297 12.80 25.22 -24.50
CA ALA C 297 12.95 25.61 -23.09
C ALA C 297 13.31 24.44 -22.18
N ASP C 298 14.12 24.77 -21.18
CA ASP C 298 14.61 23.82 -20.20
C ASP C 298 13.57 23.60 -19.11
N LEU C 299 12.70 22.62 -19.35
CA LEU C 299 11.57 22.36 -18.45
C LEU C 299 12.01 21.71 -17.12
N LYS C 300 13.07 20.93 -17.16
CA LYS C 300 13.69 20.39 -15.94
C LYS C 300 13.97 21.53 -14.98
N ALA C 301 14.61 22.57 -15.50
CA ALA C 301 14.96 23.76 -14.71
C ALA C 301 13.69 24.49 -14.23
N THR C 302 12.77 24.75 -15.16
CA THR C 302 11.52 25.42 -14.78
C THR C 302 10.82 24.69 -13.61
N TYR C 303 10.72 23.37 -13.71
CA TYR C 303 9.99 22.58 -12.73
C TYR C 303 10.65 22.64 -11.36
N ALA C 304 11.96 22.40 -11.35
CA ALA C 304 12.80 22.53 -10.14
C ALA C 304 12.64 23.89 -9.44
N ASN C 305 12.55 24.97 -10.20
CA ASN C 305 12.30 26.32 -9.62
C ASN C 305 10.93 26.42 -8.95
N ALA C 306 9.98 25.64 -9.46
CA ALA C 306 8.68 25.54 -8.79
C ALA C 306 8.08 26.91 -8.48
N ASN C 307 8.22 27.87 -9.39
CA ASN C 307 7.57 29.18 -9.26
C ASN C 307 6.07 29.05 -9.45
N GLY C 308 5.32 29.84 -8.69
CA GLY C 308 3.87 29.94 -8.86
C GLY C 308 3.24 28.56 -9.05
N ASN C 309 2.45 28.40 -10.10
CA ASN C 309 1.79 27.12 -10.42
C ASN C 309 2.46 26.35 -11.57
N ASP C 310 3.75 26.56 -11.76
CA ASP C 310 4.46 25.92 -12.89
C ASP C 310 4.45 24.39 -12.83
N GLN C 311 4.57 23.80 -11.65
CA GLN C 311 4.68 22.36 -11.55
C GLN C 311 3.39 21.71 -12.00
N SER C 312 2.28 22.24 -11.49
CA SER C 312 0.97 21.73 -11.87
CA SER C 312 0.96 21.72 -11.87
C SER C 312 0.67 21.97 -13.36
N PHE C 313 1.08 23.12 -13.87
CA PHE C 313 0.91 23.39 -15.30
C PHE C 313 1.68 22.35 -16.13
N LEU C 314 2.95 22.13 -15.79
CA LEU C 314 3.78 21.14 -16.51
C LEU C 314 3.22 19.71 -16.41
N GLN C 315 2.78 19.33 -15.21
CA GLN C 315 2.03 18.08 -15.03
C GLN C 315 0.84 18.02 -15.97
N ASP C 316 0.07 19.10 -16.02
CA ASP C 316 -1.15 19.14 -16.87
C ASP C 316 -0.84 19.09 -18.37
N LEU C 317 0.23 19.75 -18.77
CA LEU C 317 0.68 19.69 -20.17
C LEU C 317 1.06 18.27 -20.56
N ALA C 318 1.79 17.61 -19.68
CA ALA C 318 2.17 16.21 -19.90
C ALA C 318 0.92 15.36 -20.06
N MET C 319 -0.08 15.56 -19.22
CA MET C 319 -1.32 14.76 -19.28
C MET C 319 -2.08 15.04 -20.58
N PHE C 320 -2.09 16.30 -20.99
CA PHE C 320 -2.77 16.70 -22.22
C PHE C 320 -2.11 16.08 -23.44
N LEU C 321 -0.80 16.26 -23.54
CA LEU C 321 -0.04 15.79 -24.69
C LEU C 321 -0.09 14.27 -24.79
N THR C 322 0.14 13.58 -23.68
CA THR C 322 0.15 12.11 -23.71
C THR C 322 -1.24 11.54 -24.03
N THR C 323 -2.29 12.13 -23.45
CA THR C 323 -3.68 11.69 -23.72
C THR C 323 -4.09 11.90 -25.17
N TYR C 324 -3.83 13.10 -25.67
CA TYR C 324 -4.18 13.45 -27.05
C TYR C 324 -3.40 12.57 -28.03
N LEU C 325 -2.09 12.51 -27.85
CA LEU C 325 -1.26 11.80 -28.83
C LEU C 325 -1.56 10.28 -28.86
N ALA C 326 -1.79 9.69 -27.68
CA ALA C 326 -2.18 8.27 -27.58
C ALA C 326 -3.42 7.92 -28.43
N ARG C 327 -4.40 8.82 -28.45
CA ARG C 327 -5.64 8.60 -29.22
C ARG C 327 -5.50 9.04 -30.68
N ASN C 328 -4.79 10.14 -30.91
CA ASN C 328 -4.91 10.86 -32.18
C ASN C 328 -3.66 11.07 -33.02
N ARG C 329 -2.51 10.59 -32.61
CA ARG C 329 -1.32 10.94 -33.37
C ARG C 329 -1.39 10.45 -34.82
N ALA C 330 -2.17 9.39 -35.07
CA ALA C 330 -2.35 8.87 -36.43
C ALA C 330 -2.89 9.98 -37.35
N LEU C 331 -3.78 10.82 -36.81
CA LEU C 331 -4.29 12.00 -37.52
C LEU C 331 -3.20 12.93 -38.04
N LEU C 332 -2.06 12.97 -37.36
CA LEU C 332 -0.97 13.91 -37.69
C LEU C 332 0.17 13.30 -38.51
N GLU C 333 0.15 11.99 -38.69
CA GLU C 333 1.28 11.25 -39.27
C GLU C 333 1.40 11.19 -40.78
N SER C 334 0.29 11.36 -41.49
CA SER C 334 0.27 11.17 -42.96
C SER C 334 0.49 12.46 -43.74
N ASP C 335 -0.18 13.51 -43.28
CA ASP C 335 -0.15 14.81 -43.96
C ASP C 335 1.15 15.51 -43.63
N GLU C 336 1.95 15.79 -44.65
CA GLU C 336 3.27 16.40 -44.49
C GLU C 336 3.21 17.78 -43.82
N SER C 337 2.10 18.48 -44.01
CA SER C 337 1.89 19.79 -43.37
C SER C 337 1.59 19.71 -41.86
N LEU C 338 1.27 18.51 -41.37
CA LEU C 338 1.02 18.33 -39.92
C LEU C 338 2.23 17.72 -39.18
N ARG C 339 3.28 17.46 -39.94
CA ARG C 339 4.49 16.82 -39.44
C ARG C 339 5.20 17.63 -38.37
N GLU C 340 5.38 18.93 -38.63
CA GLU C 340 6.05 19.82 -37.68
C GLU C 340 5.30 19.81 -36.33
N LEU C 341 3.96 19.80 -36.39
CA LEU C 341 3.14 19.81 -35.18
C LEU C 341 3.35 18.51 -34.39
N LEU C 342 3.27 17.39 -35.09
CA LEU C 342 3.51 16.08 -34.49
C LEU C 342 4.85 16.05 -33.78
N LEU C 343 5.89 16.50 -34.46
CA LEU C 343 7.24 16.40 -33.92
C LEU C 343 7.47 17.41 -32.77
N ASN C 344 6.91 18.61 -32.90
CA ASN C 344 6.96 19.62 -31.81
C ASN C 344 6.26 19.17 -30.53
N ALA C 345 5.09 18.57 -30.68
CA ALA C 345 4.35 18.03 -29.55
C ALA C 345 5.22 16.99 -28.85
N HIS C 346 5.86 16.14 -29.64
CA HIS C 346 6.76 15.13 -29.05
C HIS C 346 8.00 15.70 -28.46
N GLN C 347 8.48 16.81 -29.00
CA GLN C 347 9.66 17.44 -28.46
C GLN C 347 9.34 18.03 -27.07
N TYR C 348 8.14 18.62 -26.90
CA TYR C 348 7.69 19.00 -25.56
C TYR C 348 7.71 17.83 -24.60
N LEU C 349 7.27 16.66 -25.08
CA LEU C 349 7.26 15.45 -24.24
C LEU C 349 8.68 15.04 -23.88
N ILE C 350 9.60 15.10 -24.85
CA ILE C 350 11.01 14.81 -24.55
C ILE C 350 11.50 15.74 -23.44
N GLN C 351 11.19 17.03 -23.57
CA GLN C 351 11.59 18.02 -22.54
C GLN C 351 10.93 17.74 -21.17
N LEU C 352 9.65 17.38 -21.19
CA LEU C 352 8.94 17.03 -19.96
C LEU C 352 9.56 15.81 -19.28
N SER C 353 10.09 14.90 -20.10
CA SER C 353 10.67 13.65 -19.63
C SER C 353 12.02 13.85 -18.95
N LYS C 354 12.57 15.04 -19.04
CA LYS C 354 13.84 15.34 -18.35
C LYS C 354 13.62 15.88 -16.94
N ILE C 355 12.39 16.21 -16.61
CA ILE C 355 12.02 16.72 -15.29
C ILE C 355 12.33 15.68 -14.22
N GLU C 356 12.91 16.16 -13.12
CA GLU C 356 13.17 15.30 -11.96
C GLU C 356 11.93 15.32 -11.07
N GLU C 357 11.07 14.33 -11.31
CA GLU C 357 9.85 14.14 -10.55
C GLU C 357 9.35 12.75 -10.95
N ARG C 358 9.51 11.80 -10.05
CA ARG C 358 9.24 10.38 -10.35
C ARG C 358 7.87 10.11 -10.92
N GLU C 359 6.84 10.63 -10.26
CA GLU C 359 5.48 10.35 -10.68
C GLU C 359 5.18 10.92 -12.06
N LEU C 360 5.76 12.06 -12.36
CA LEU C 360 5.64 12.65 -13.68
C LEU C 360 6.41 11.82 -14.73
N PHE C 361 7.61 11.39 -14.38
CA PHE C 361 8.38 10.51 -15.26
C PHE C 361 7.57 9.26 -15.66
N LYS C 362 6.83 8.71 -14.71
CA LYS C 362 6.03 7.51 -14.98
C LYS C 362 4.93 7.78 -15.96
N THR C 363 4.41 8.98 -15.90
CA THR C 363 3.32 9.37 -16.79
C THR C 363 3.84 9.46 -18.21
N THR C 364 4.97 10.13 -18.36
CA THR C 364 5.55 10.28 -19.68
C THR C 364 6.06 8.91 -20.19
N LEU C 365 6.66 8.12 -19.30
CA LEU C 365 7.18 6.80 -19.68
C LEU C 365 6.08 5.85 -20.19
N ASP C 366 4.91 5.91 -19.56
CA ASP C 366 3.73 5.18 -20.02
C ASP C 366 3.39 5.55 -21.45
N TYR C 367 3.50 6.84 -21.75
CA TYR C 367 3.28 7.29 -23.12
C TYR C 367 4.38 6.78 -24.07
N TRP C 368 5.63 6.88 -23.66
CA TRP C 368 6.70 6.35 -24.54
C TRP C 368 6.50 4.88 -24.85
N HIS C 369 6.04 4.10 -23.86
CA HIS C 369 5.80 2.66 -24.07
C HIS C 369 4.73 2.43 -25.13
N ASN C 370 3.63 3.19 -25.01
CA ASN C 370 2.54 3.19 -25.97
C ASN C 370 3.06 3.52 -27.37
N LEU C 371 3.96 4.50 -27.46
CA LEU C 371 4.53 4.87 -28.76
C LEU C 371 5.46 3.80 -29.31
N VAL C 372 6.48 3.43 -28.56
CA VAL C 372 7.50 2.52 -29.09
C VAL C 372 6.91 1.13 -29.41
N ALA C 373 5.92 0.69 -28.63
CA ALA C 373 5.22 -0.57 -28.91
C ALA C 373 4.51 -0.52 -30.27
N ASP C 374 3.91 0.62 -30.58
CA ASP C 374 3.22 0.89 -31.87
C ASP C 374 4.24 0.93 -33.00
N LEU C 375 5.35 1.65 -32.80
CA LEU C 375 6.40 1.71 -33.82
C LEU C 375 7.03 0.36 -34.15
N PHE C 376 7.06 -0.53 -33.16
CA PHE C 376 7.58 -1.91 -33.30
C PHE C 376 6.76 -2.76 -34.26
N TYR C 377 5.45 -2.50 -34.32
CA TYR C 377 4.52 -3.28 -35.14
C TYR C 377 3.98 -2.58 -36.36
N GLU C 378 3.64 -1.30 -36.24
CA GLU C 378 2.94 -0.62 -37.32
C GLU C 378 3.88 -0.21 -38.43
N PRO C 379 3.57 -0.73 -39.72
CA PRO C 379 4.46 -0.51 -40.84
C PRO C 379 4.56 0.96 -41.18
N LEU C 380 5.77 1.37 -41.55
CA LEU C 380 6.05 2.70 -42.11
C LEU C 380 5.99 3.86 -41.11
N LYS C 381 6.00 3.56 -39.82
CA LYS C 381 5.88 4.62 -38.81
C LYS C 381 7.19 5.04 -38.18
N LYS C 382 8.06 4.08 -37.91
CA LYS C 382 9.21 4.34 -37.04
C LYS C 382 10.13 5.45 -37.58
N HIS C 383 10.25 5.54 -38.91
CA HIS C 383 11.12 6.56 -39.52
C HIS C 383 10.68 7.97 -39.17
N ILE C 384 9.37 8.18 -38.99
CA ILE C 384 8.80 9.50 -38.64
C ILE C 384 9.44 10.01 -37.34
N TYR C 385 9.71 9.08 -36.43
CA TYR C 385 10.10 9.39 -35.06
C TYR C 385 11.58 9.12 -34.77
N GLU C 386 12.39 8.93 -35.81
CA GLU C 386 13.77 8.49 -35.56
CA GLU C 386 13.82 8.56 -35.66
C GLU C 386 14.53 9.44 -34.62
N GLU C 387 14.31 10.75 -34.76
CA GLU C 387 15.03 11.74 -33.94
C GLU C 387 14.44 11.85 -32.53
N ILE C 388 13.12 11.72 -32.41
CA ILE C 388 12.49 11.63 -31.10
C ILE C 388 13.04 10.42 -30.33
N CYS C 389 13.10 9.29 -30.99
CA CYS C 389 13.56 8.04 -30.39
C CYS C 389 15.01 8.14 -29.94
N SER C 390 15.82 8.74 -30.78
CA SER C 390 17.22 8.92 -30.49
C SER C 390 17.44 9.72 -29.20
N GLN C 391 16.67 10.79 -29.06
CA GLN C 391 16.69 11.59 -27.82
C GLN C 391 16.17 10.82 -26.62
N LEU C 392 15.12 10.06 -26.83
CA LEU C 392 14.53 9.24 -25.76
C LEU C 392 15.54 8.21 -25.24
N ARG C 393 16.34 7.66 -26.16
CA ARG C 393 17.32 6.64 -25.77
C ARG C 393 18.21 7.24 -24.70
N LEU C 394 18.65 8.47 -24.96
CA LEU C 394 19.48 9.24 -24.03
C LEU C 394 18.81 9.46 -22.68
N VAL C 395 17.61 10.01 -22.71
CA VAL C 395 16.86 10.28 -21.48
C VAL C 395 16.71 9.02 -20.62
N ILE C 396 16.31 7.90 -21.22
CA ILE C 396 16.11 6.66 -20.44
CA ILE C 396 16.11 6.68 -20.42
C ILE C 396 17.43 6.15 -19.89
N ILE C 397 18.44 6.09 -20.73
CA ILE C 397 19.73 5.58 -20.30
C ILE C 397 20.26 6.39 -19.10
N GLU C 398 20.11 7.70 -19.15
CA GLU C 398 20.71 8.59 -18.13
C GLU C 398 19.87 8.66 -16.85
N ASN C 399 18.64 8.16 -16.93
CA ASN C 399 17.70 8.15 -15.77
CA ASN C 399 17.74 8.19 -15.78
C ASN C 399 17.29 6.76 -15.33
N MET C 400 18.09 5.74 -15.69
CA MET C 400 17.82 4.35 -15.24
C MET C 400 17.92 4.27 -13.73
N VAL C 401 16.93 3.65 -13.11
CA VAL C 401 16.96 3.45 -11.68
C VAL C 401 17.61 2.10 -11.31
N ARG C 402 18.29 2.10 -10.17
CA ARG C 402 18.93 0.88 -9.61
C ARG C 402 18.00 -0.37 -9.65
N PRO C 403 18.41 -1.41 -10.38
CA PRO C 403 17.62 -2.64 -10.29
C PRO C 403 17.72 -3.29 -8.92
N GLU C 404 16.75 -4.16 -8.63
N GLU C 404 16.75 -4.14 -8.59
CA GLU C 404 16.69 -4.93 -7.38
CA GLU C 404 16.75 -4.89 -7.33
C GLU C 404 17.99 -5.68 -7.01
C GLU C 404 18.12 -5.50 -7.00
N GLU C 405 18.76 -6.06 -8.02
CA GLU C 405 20.02 -6.81 -7.86
C GLU C 405 21.21 -6.03 -7.33
N VAL C 406 21.23 -4.73 -7.60
CA VAL C 406 22.36 -3.89 -7.19
C VAL C 406 22.16 -3.53 -5.71
N LEU C 407 23.02 -4.10 -4.87
CA LEU C 407 22.84 -4.02 -3.41
C LEU C 407 23.67 -2.93 -2.76
N VAL C 408 24.57 -2.31 -3.52
CA VAL C 408 25.31 -1.14 -3.04
C VAL C 408 24.62 0.18 -3.38
N VAL C 409 24.79 1.14 -2.49
CA VAL C 409 24.21 2.49 -2.59
C VAL C 409 25.20 3.48 -1.95
N GLU C 410 25.08 4.77 -2.29
CA GLU C 410 25.92 5.81 -1.64
C GLU C 410 25.21 6.45 -0.44
N ASN C 411 25.92 6.50 0.69
N ASN C 411 25.97 6.53 0.65
CA ASN C 411 25.37 7.14 1.89
CA ASN C 411 25.54 7.15 1.90
C ASN C 411 25.63 8.65 1.85
C ASN C 411 25.62 8.68 1.82
N ASP C 412 25.05 9.37 2.80
CA ASP C 412 25.16 10.85 2.88
C ASP C 412 26.58 11.33 3.19
N GLU C 413 27.41 10.40 3.65
CA GLU C 413 28.82 10.68 3.98
C GLU C 413 29.77 10.39 2.79
N GLY C 414 29.20 10.10 1.63
CA GLY C 414 29.99 9.82 0.41
C GLY C 414 30.65 8.45 0.37
N GLU C 415 30.17 7.52 1.19
CA GLU C 415 30.66 6.13 1.21
C GLU C 415 29.68 5.21 0.50
N ILE C 416 30.24 4.27 -0.25
CA ILE C 416 29.47 3.23 -0.92
C ILE C 416 29.24 2.10 0.08
N VAL C 417 28.01 2.01 0.58
CA VAL C 417 27.63 0.98 1.56
C VAL C 417 26.57 0.02 1.02
N ARG C 418 26.47 -1.13 1.69
CA ARG C 418 25.33 -2.05 1.49
C ARG C 418 24.06 -1.32 1.90
N GLU C 419 22.99 -1.58 1.18
CA GLU C 419 21.67 -1.01 1.49
C GLU C 419 21.12 -1.51 2.83
N PHE C 420 20.41 -0.63 3.56
CA PHE C 420 19.70 -1.01 4.81
C PHE C 420 18.50 -1.89 4.48
N VAL C 421 17.75 -1.48 3.45
CA VAL C 421 16.51 -2.16 3.03
C VAL C 421 16.38 -2.14 1.51
N LYS C 422 15.38 -2.86 1.01
CA LYS C 422 15.08 -2.89 -0.42
C LYS C 422 14.42 -1.59 -0.83
N GLU C 423 14.77 -1.06 -2.01
CA GLU C 423 14.05 0.08 -2.60
CA GLU C 423 14.03 0.08 -2.58
C GLU C 423 12.79 -0.46 -3.29
N SER C 424 11.85 -0.93 -2.48
CA SER C 424 10.62 -1.55 -2.93
C SER C 424 9.85 -0.74 -3.98
N ASP C 425 9.97 0.59 -3.94
CA ASP C 425 9.12 1.43 -4.79
C ASP C 425 9.68 1.76 -6.18
N THR C 426 10.82 1.17 -6.54
CA THR C 426 11.44 1.40 -7.84
C THR C 426 11.49 0.14 -8.72
N ILE C 427 11.05 -0.97 -8.17
CA ILE C 427 10.93 -2.26 -8.87
CA ILE C 427 11.07 -2.23 -8.94
C ILE C 427 10.17 -2.05 -10.18
N GLN C 428 8.96 -1.52 -10.02
CA GLN C 428 8.06 -1.33 -11.15
C GLN C 428 8.62 -0.32 -12.15
N LEU C 429 9.22 0.74 -11.64
CA LEU C 429 9.81 1.78 -12.48
C LEU C 429 10.90 1.17 -13.33
N TYR C 430 11.77 0.37 -12.72
CA TYR C 430 12.82 -0.31 -13.48
CA TYR C 430 12.84 -0.27 -13.48
C TYR C 430 12.25 -1.11 -14.62
N LYS C 431 11.24 -1.92 -14.31
CA LYS C 431 10.60 -2.77 -15.33
C LYS C 431 10.08 -1.99 -16.54
N SER C 432 9.41 -0.89 -16.24
CA SER C 432 8.84 0.01 -17.25
C SER C 432 9.94 0.64 -18.12
N GLU C 433 11.02 1.03 -17.47
CA GLU C 433 12.15 1.65 -18.17
C GLU C 433 12.83 0.64 -19.11
N ARG C 434 13.06 -0.55 -18.57
CA ARG C 434 13.62 -1.66 -19.34
C ARG C 434 12.76 -1.96 -20.58
N GLU C 435 11.45 -2.04 -20.37
CA GLU C 435 10.52 -2.33 -21.47
CA GLU C 435 10.53 -2.35 -21.47
C GLU C 435 10.64 -1.32 -22.61
N VAL C 436 10.73 -0.04 -22.25
CA VAL C 436 10.84 1.01 -23.28
C VAL C 436 12.20 0.93 -23.97
N LEU C 437 13.24 0.76 -23.17
CA LEU C 437 14.59 0.71 -23.71
C LEU C 437 14.80 -0.51 -24.62
N VAL C 438 14.20 -1.64 -24.25
CA VAL C 438 14.21 -2.83 -25.10
C VAL C 438 13.59 -2.55 -26.46
N TYR C 439 12.38 -1.98 -26.47
CA TYR C 439 11.78 -1.55 -27.73
C TYR C 439 12.69 -0.59 -28.51
N LEU C 440 13.27 0.39 -27.82
CA LEU C 440 14.08 1.42 -28.51
C LEU C 440 15.28 0.79 -29.16
N THR C 441 15.80 -0.24 -28.50
CA THR C 441 16.98 -0.92 -28.99
C THR C 441 16.64 -1.69 -30.25
N HIS C 442 15.50 -2.37 -30.23
N HIS C 442 15.49 -2.39 -30.22
CA HIS C 442 15.04 -3.08 -31.41
CA HIS C 442 14.97 -3.11 -31.42
C HIS C 442 14.76 -2.14 -32.56
C HIS C 442 14.72 -2.15 -32.56
N LEU C 443 14.31 -0.93 -32.25
CA LEU C 443 13.97 0.04 -33.30
C LEU C 443 15.22 0.60 -33.99
N ASN C 444 16.30 0.76 -33.24
CA ASN C 444 17.60 1.07 -33.85
C ASN C 444 18.75 0.54 -32.99
N VAL C 445 19.18 -0.67 -33.31
CA VAL C 445 20.22 -1.34 -32.56
C VAL C 445 21.59 -0.67 -32.73
N ILE C 446 21.86 -0.12 -33.91
CA ILE C 446 23.10 0.63 -34.13
C ILE C 446 23.16 1.90 -33.25
N ASP C 447 22.10 2.71 -33.28
CA ASP C 447 22.07 3.95 -32.47
C ASP C 447 22.32 3.64 -30.97
N THR C 448 21.70 2.58 -30.47
CA THR C 448 21.77 2.24 -29.04
C THR C 448 23.18 1.80 -28.66
N GLU C 449 23.74 0.88 -29.42
CA GLU C 449 25.12 0.46 -29.20
C GLU C 449 26.02 1.71 -29.15
N GLU C 450 25.89 2.56 -30.16
CA GLU C 450 26.74 3.76 -30.30
C GLU C 450 26.62 4.70 -29.10
N ILE C 451 25.39 4.96 -28.67
CA ILE C 451 25.15 5.78 -27.46
C ILE C 451 25.87 5.16 -26.24
N MET C 452 25.70 3.86 -26.03
CA MET C 452 26.25 3.20 -24.84
C MET C 452 27.77 3.04 -24.88
N ILE C 453 28.30 2.62 -26.02
CA ILE C 453 29.75 2.38 -26.12
C ILE C 453 30.50 3.70 -25.95
N SER C 454 29.92 4.77 -26.51
CA SER C 454 30.61 6.05 -26.45
C SER C 454 30.42 6.73 -25.08
N LYS C 455 29.27 6.52 -24.42
CA LYS C 455 29.12 6.94 -23.01
C LYS C 455 30.14 6.24 -22.12
N LEU C 456 30.45 4.99 -22.48
CA LEU C 456 31.44 4.19 -21.75
C LEU C 456 32.83 4.75 -21.98
N ALA C 457 33.12 5.07 -23.24
CA ALA C 457 34.35 5.77 -23.64
C ALA C 457 34.64 6.98 -22.75
N ARG C 458 33.59 7.76 -22.46
CA ARG C 458 33.73 8.98 -21.66
CA ARG C 458 33.74 8.97 -21.66
C ARG C 458 33.84 8.70 -20.16
N GLN C 459 33.54 7.45 -19.76
CA GLN C 459 33.82 7.00 -18.38
C GLN C 459 35.30 6.62 -18.22
N ILE C 460 35.83 5.81 -19.14
CA ILE C 460 37.27 5.44 -19.14
C ILE C 460 38.17 6.69 -19.16
N ASP C 461 38.13 7.41 -20.28
CA ASP C 461 38.94 8.62 -20.46
C ASP C 461 38.81 9.62 -19.28
N GLY C 462 37.70 9.51 -18.55
CA GLY C 462 37.49 10.30 -17.33
C GLY C 462 36.64 11.55 -17.50
N SER C 463 36.25 11.87 -18.73
CA SER C 463 35.55 13.14 -19.01
C SER C 463 34.17 13.24 -18.33
N GLU C 464 33.46 12.13 -18.28
CA GLU C 464 32.12 12.08 -17.64
C GLU C 464 32.07 11.16 -16.42
N TRP C 465 33.24 10.71 -15.98
CA TRP C 465 33.33 9.77 -14.86
C TRP C 465 32.62 10.27 -13.63
N SER C 466 31.77 9.42 -13.10
CA SER C 466 31.16 9.61 -11.78
C SER C 466 30.49 8.29 -11.46
N TRP C 467 30.14 8.07 -10.21
CA TRP C 467 29.40 6.87 -9.87
C TRP C 467 28.07 6.86 -10.55
N HIS C 468 27.41 8.02 -10.53
CA HIS C 468 26.07 8.13 -11.13
C HIS C 468 26.10 7.74 -12.58
N ASN C 469 27.13 8.20 -13.29
CA ASN C 469 27.27 7.92 -14.73
C ASN C 469 27.68 6.48 -15.10
N ILE C 470 28.55 5.84 -14.31
CA ILE C 470 28.94 4.44 -14.60
C ILE C 470 27.78 3.50 -14.23
N ASN C 471 27.05 3.89 -13.18
CA ASN C 471 25.89 3.12 -12.73
C ASN C 471 24.76 3.03 -13.76
N THR C 472 24.14 4.18 -14.09
CA THR C 472 22.98 4.18 -14.99
C THR C 472 23.35 3.52 -16.31
N LEU C 473 24.55 3.80 -16.79
CA LEU C 473 25.06 3.19 -18.01
C LEU C 473 25.05 1.66 -17.84
N SER C 474 25.58 1.19 -16.73
CA SER C 474 25.71 -0.27 -16.50
C SER C 474 24.36 -0.94 -16.38
N TRP C 475 23.46 -0.27 -15.67
CA TRP C 475 22.11 -0.78 -15.48
C TRP C 475 21.37 -0.79 -16.80
N ALA C 476 21.57 0.26 -17.58
CA ALA C 476 21.00 0.36 -18.93
C ALA C 476 21.47 -0.80 -19.81
N ILE C 477 22.77 -1.04 -19.74
CA ILE C 477 23.43 -2.06 -20.58
C ILE C 477 22.94 -3.46 -20.24
N GLY C 478 22.85 -3.75 -18.95
CA GLY C 478 22.29 -5.00 -18.47
C GLY C 478 20.85 -5.13 -18.91
N SER C 479 20.14 -4.02 -18.89
CA SER C 479 18.70 -4.06 -19.09
C SER C 479 18.30 -4.41 -20.54
N ILE C 480 19.19 -4.24 -21.51
CA ILE C 480 18.83 -4.54 -22.91
C ILE C 480 19.24 -5.93 -23.36
N SER C 481 19.60 -6.79 -22.41
CA SER C 481 19.98 -8.15 -22.75
C SER C 481 18.82 -8.85 -23.45
N GLY C 482 19.13 -9.50 -24.58
CA GLY C 482 18.11 -10.19 -25.39
C GLY C 482 17.68 -9.46 -26.65
N THR C 483 18.11 -8.21 -26.79
CA THR C 483 17.67 -7.35 -27.89
C THR C 483 18.55 -7.45 -29.09
N MET C 484 19.79 -7.88 -28.89
CA MET C 484 20.75 -8.04 -29.98
C MET C 484 20.81 -9.49 -30.45
N SER C 485 21.41 -9.66 -31.62
CA SER C 485 21.73 -10.99 -32.10
C SER C 485 22.89 -11.51 -31.29
N GLU C 486 22.90 -12.82 -31.11
CA GLU C 486 23.96 -13.49 -30.35
C GLU C 486 25.31 -12.96 -30.84
N ASP C 487 25.42 -12.81 -32.15
CA ASP C 487 26.68 -12.41 -32.76
C ASP C 487 27.08 -10.96 -32.46
N THR C 488 26.12 -10.04 -32.50
CA THR C 488 26.39 -8.63 -32.13
C THR C 488 26.54 -8.48 -30.62
N GLU C 489 25.67 -9.19 -29.89
CA GLU C 489 25.75 -9.30 -28.42
C GLU C 489 27.17 -9.74 -28.02
N LYS C 490 27.65 -10.81 -28.65
CA LYS C 490 29.04 -11.31 -28.48
C LYS C 490 30.05 -10.16 -28.46
N ARG C 491 30.05 -9.37 -29.52
CA ARG C 491 31.04 -8.29 -29.67
C ARG C 491 30.78 -7.17 -28.68
N PHE C 492 29.52 -6.79 -28.56
CA PHE C 492 29.07 -5.76 -27.60
C PHE C 492 29.53 -6.03 -26.14
N VAL C 493 29.21 -7.23 -25.66
CA VAL C 493 29.52 -7.63 -24.26
C VAL C 493 31.02 -7.66 -24.07
N VAL C 494 31.68 -8.30 -25.03
CA VAL C 494 33.15 -8.31 -25.08
C VAL C 494 33.68 -6.88 -24.89
N THR C 495 33.19 -5.96 -25.71
CA THR C 495 33.65 -4.57 -25.63
C THR C 495 33.37 -3.99 -24.25
N VAL C 496 32.12 -4.14 -23.79
CA VAL C 496 31.69 -3.55 -22.51
C VAL C 496 32.49 -4.09 -21.32
N ILE C 497 32.64 -5.41 -21.29
CA ILE C 497 33.36 -6.08 -20.21
C ILE C 497 34.83 -5.68 -20.20
N LYS C 498 35.46 -5.65 -21.37
CA LYS C 498 36.88 -5.23 -21.50
C LYS C 498 37.05 -3.83 -20.93
N ASP C 499 36.10 -2.95 -21.22
CA ASP C 499 36.18 -1.56 -20.77
C ASP C 499 35.92 -1.41 -19.27
N LEU C 500 34.95 -2.15 -18.73
CA LEU C 500 34.69 -2.14 -17.28
C LEU C 500 35.90 -2.71 -16.50
N LEU C 501 36.57 -3.71 -17.05
CA LEU C 501 37.82 -4.22 -16.45
C LEU C 501 38.91 -3.14 -16.44
N ASP C 502 39.11 -2.51 -17.60
CA ASP C 502 40.02 -1.35 -17.68
C ASP C 502 39.64 -0.35 -16.60
N LEU C 503 38.36 0.01 -16.55
CA LEU C 503 37.88 0.99 -15.56
C LEU C 503 38.26 0.64 -14.12
N CYS C 504 38.15 -0.63 -13.77
CA CYS C 504 38.40 -1.07 -12.40
C CYS C 504 39.86 -0.86 -11.98
N VAL C 505 40.76 -1.24 -12.87
CA VAL C 505 42.22 -1.12 -12.63
C VAL C 505 42.60 0.33 -12.34
N LYS C 506 42.10 1.22 -13.18
CA LYS C 506 42.36 2.66 -13.06
C LYS C 506 41.75 3.31 -11.81
N LYS C 507 40.80 2.63 -11.17
CA LYS C 507 40.09 3.21 -10.01
C LYS C 507 40.54 2.67 -8.64
N ARG C 508 41.60 3.29 -8.14
CA ARG C 508 42.08 3.22 -6.73
C ARG C 508 40.93 3.32 -5.72
N GLY C 509 41.05 2.58 -4.62
CA GLY C 509 40.15 2.74 -3.44
C GLY C 509 39.01 1.74 -3.34
N LYS C 510 38.48 1.55 -2.13
CA LYS C 510 37.46 0.49 -1.90
C LYS C 510 36.03 0.92 -2.29
N ASP C 511 35.73 2.21 -2.19
CA ASP C 511 34.41 2.73 -2.64
C ASP C 511 34.28 2.61 -4.17
N ASN C 512 35.35 2.92 -4.89
CA ASN C 512 35.38 2.82 -6.36
C ASN C 512 35.26 1.38 -6.82
N LYS C 513 36.04 0.50 -6.20
CA LYS C 513 36.05 -0.94 -6.55
C LYS C 513 34.68 -1.57 -6.31
N ALA C 514 34.05 -1.20 -5.20
CA ALA C 514 32.70 -1.67 -4.87
C ALA C 514 31.66 -1.23 -5.91
N VAL C 515 31.77 0.02 -6.37
CA VAL C 515 30.87 0.52 -7.41
C VAL C 515 31.08 -0.26 -8.72
N VAL C 516 32.32 -0.35 -9.15
CA VAL C 516 32.63 -0.97 -10.46
C VAL C 516 32.38 -2.47 -10.43
N ALA C 517 32.64 -3.12 -9.30
CA ALA C 517 32.36 -4.56 -9.16
C ALA C 517 30.85 -4.85 -9.16
N SER C 518 30.09 -4.01 -8.46
CA SER C 518 28.62 -4.14 -8.48
C SER C 518 28.14 -4.05 -9.93
N ASP C 519 28.73 -3.15 -10.70
CA ASP C 519 28.32 -2.92 -12.06
C ASP C 519 28.67 -4.10 -12.98
N ILE C 520 29.87 -4.66 -12.81
CA ILE C 520 30.32 -5.79 -13.65
C ILE C 520 29.52 -7.04 -13.34
N MET C 521 29.29 -7.28 -12.05
CA MET C 521 28.47 -8.42 -11.61
C MET C 521 27.05 -8.31 -12.18
N TYR C 522 26.49 -7.10 -12.21
CA TYR C 522 25.16 -6.91 -12.76
C TYR C 522 25.10 -7.24 -14.27
N VAL C 523 26.03 -6.67 -15.03
CA VAL C 523 26.08 -6.88 -16.48
C VAL C 523 26.22 -8.36 -16.80
N VAL C 524 27.23 -9.02 -16.23
CA VAL C 524 27.50 -10.43 -16.57
C VAL C 524 26.31 -11.31 -16.20
N GLY C 525 25.68 -11.01 -15.06
CA GLY C 525 24.52 -11.77 -14.64
C GLY C 525 23.32 -11.61 -15.57
N GLN C 526 23.29 -10.51 -16.31
CA GLN C 526 22.21 -10.22 -17.26
C GLN C 526 22.37 -10.87 -18.64
N TYR C 527 23.55 -11.41 -18.89
CA TYR C 527 23.87 -11.99 -20.20
C TYR C 527 24.25 -13.47 -20.14
N PRO C 528 23.30 -14.34 -19.75
CA PRO C 528 23.67 -15.75 -19.65
C PRO C 528 23.94 -16.41 -20.99
N ARG C 529 23.31 -15.89 -22.03
CA ARG C 529 23.48 -16.48 -23.36
C ARG C 529 24.96 -16.40 -23.72
N PHE C 530 25.55 -15.26 -23.41
CA PHE C 530 26.97 -15.09 -23.62
C PHE C 530 27.75 -16.10 -22.80
N LEU C 531 27.40 -16.18 -21.52
CA LEU C 531 28.13 -17.03 -20.57
C LEU C 531 28.12 -18.48 -21.00
N LYS C 532 26.97 -18.94 -21.48
CA LYS C 532 26.80 -20.32 -21.93
C LYS C 532 27.67 -20.66 -23.11
N ALA C 533 28.06 -19.62 -23.84
CA ALA C 533 28.86 -19.77 -25.07
C ALA C 533 30.36 -19.58 -24.83
N HIS C 534 30.74 -19.18 -23.63
CA HIS C 534 32.12 -18.79 -23.32
C HIS C 534 32.57 -19.38 -22.02
N TRP C 535 32.89 -20.67 -22.05
CA TRP C 535 33.14 -21.40 -20.81
C TRP C 535 34.32 -20.85 -20.02
N ASN C 536 35.48 -20.67 -20.66
CA ASN C 536 36.65 -20.09 -19.95
C ASN C 536 36.26 -18.84 -19.21
N PHE C 537 35.41 -18.04 -19.87
CA PHE C 537 34.96 -16.79 -19.29
C PHE C 537 34.01 -17.04 -18.11
N LEU C 538 33.03 -17.90 -18.32
CA LEU C 538 32.06 -18.23 -17.25
C LEU C 538 32.76 -18.72 -15.98
N ARG C 539 33.66 -19.68 -16.16
N ARG C 539 33.67 -19.68 -16.15
CA ARG C 539 34.45 -20.29 -15.08
CA ARG C 539 34.43 -20.28 -15.04
C ARG C 539 35.23 -19.22 -14.31
C ARG C 539 35.24 -19.21 -14.29
N THR C 540 35.92 -18.35 -15.05
CA THR C 540 36.72 -17.29 -14.44
C THR C 540 35.83 -16.28 -13.71
N VAL C 541 34.63 -16.05 -14.25
CA VAL C 541 33.65 -15.20 -13.57
C VAL C 541 33.28 -15.83 -12.21
N ILE C 542 33.03 -17.13 -12.20
CA ILE C 542 32.62 -17.79 -10.95
C ILE C 542 33.75 -17.76 -9.92
N LEU C 543 34.96 -18.05 -10.37
CA LEU C 543 36.12 -18.03 -9.46
C LEU C 543 36.28 -16.64 -8.84
N LYS C 544 35.93 -15.62 -9.61
CA LYS C 544 36.01 -14.23 -9.15
C LYS C 544 34.91 -13.90 -8.15
N LEU C 545 33.72 -14.44 -8.40
CA LEU C 545 32.61 -14.34 -7.44
C LEU C 545 33.02 -15.00 -6.13
N PHE C 546 33.69 -16.14 -6.23
CA PHE C 546 34.20 -16.82 -5.03
C PHE C 546 35.22 -15.93 -4.29
N GLU C 547 36.08 -15.24 -5.02
CA GLU C 547 36.98 -14.28 -4.36
C GLU C 547 36.19 -13.25 -3.56
N PHE C 548 35.14 -12.70 -4.17
CA PHE C 548 34.28 -11.72 -3.47
C PHE C 548 33.56 -12.27 -2.25
N MET C 549 33.47 -13.59 -2.15
CA MET C 549 32.87 -14.20 -0.95
C MET C 549 33.72 -14.00 0.31
N HIS C 550 34.98 -13.62 0.11
CA HIS C 550 35.91 -13.23 1.20
C HIS C 550 36.12 -11.73 1.33
N GLU C 551 35.30 -10.93 0.66
CA GLU C 551 35.36 -9.46 0.80
C GLU C 551 34.86 -8.97 2.16
N THR C 552 35.56 -8.00 2.69
CA THR C 552 35.16 -7.31 3.92
C THR C 552 34.04 -6.30 3.65
N HIS C 553 33.94 -5.79 2.42
CA HIS C 553 32.80 -4.98 2.02
C HIS C 553 31.61 -5.89 1.85
N GLU C 554 30.66 -5.77 2.77
CA GLU C 554 29.57 -6.75 2.87
C GLU C 554 28.55 -6.64 1.74
N GLY C 555 28.48 -5.47 1.13
CA GLY C 555 27.64 -5.26 -0.06
C GLY C 555 28.09 -6.12 -1.22
N VAL C 556 29.39 -6.03 -1.52
CA VAL C 556 30.00 -6.80 -2.62
C VAL C 556 29.84 -8.31 -2.40
N GLN C 557 30.09 -8.73 -1.18
CA GLN C 557 29.99 -10.14 -0.77
C GLN C 557 28.59 -10.73 -0.97
N ASP C 558 27.58 -9.98 -0.52
CA ASP C 558 26.19 -10.39 -0.66
C ASP C 558 25.80 -10.45 -2.13
N MET C 559 26.25 -9.44 -2.88
CA MET C 559 25.98 -9.39 -4.32
C MET C 559 26.64 -10.57 -5.05
N ALA C 560 27.80 -10.99 -4.58
CA ALA C 560 28.53 -12.11 -5.23
C ALA C 560 27.69 -13.39 -5.13
N CYS C 561 27.13 -13.58 -3.95
CA CYS C 561 26.26 -14.73 -3.66
C CYS C 561 25.01 -14.76 -4.55
N ASP C 562 24.35 -13.61 -4.59
CA ASP C 562 23.14 -13.43 -5.41
C ASP C 562 23.45 -13.60 -6.90
N THR C 563 24.57 -13.05 -7.35
CA THR C 563 24.98 -13.20 -8.74
C THR C 563 25.33 -14.64 -9.09
N PHE C 564 25.94 -15.34 -8.13
CA PHE C 564 26.31 -16.74 -8.33
C PHE C 564 25.03 -17.57 -8.61
N ILE C 565 24.01 -17.40 -7.78
CA ILE C 565 22.79 -18.19 -7.95
C ILE C 565 22.01 -17.74 -9.20
N LYS C 566 22.01 -16.44 -9.47
CA LYS C 566 21.43 -15.91 -10.70
C LYS C 566 22.07 -16.53 -11.96
N ILE C 567 23.38 -16.56 -12.01
CA ILE C 567 24.06 -17.16 -13.16
C ILE C 567 23.70 -18.65 -13.24
N VAL C 568 23.71 -19.32 -12.10
CA VAL C 568 23.51 -20.77 -12.06
C VAL C 568 22.10 -21.16 -12.48
N GLN C 569 21.12 -20.33 -12.13
CA GLN C 569 19.72 -20.61 -12.48
C GLN C 569 19.56 -20.72 -13.99
N LYS C 570 20.40 -19.99 -14.72
CA LYS C 570 20.35 -19.98 -16.19
C LYS C 570 21.38 -20.87 -16.88
N CYS C 571 22.55 -21.06 -16.27
CA CYS C 571 23.68 -21.73 -16.90
C CYS C 571 24.02 -23.11 -16.32
N LYS C 572 23.19 -23.59 -15.39
CA LYS C 572 23.42 -24.84 -14.64
C LYS C 572 23.95 -26.08 -15.43
N TYR C 573 23.49 -26.25 -16.67
CA TYR C 573 23.95 -27.36 -17.53
C TYR C 573 25.48 -27.38 -17.72
N HIS C 574 26.05 -26.19 -17.86
CA HIS C 574 27.49 -26.00 -18.07
C HIS C 574 28.36 -26.28 -16.86
N PHE C 575 27.74 -26.31 -15.69
CA PHE C 575 28.42 -26.71 -14.44
C PHE C 575 28.36 -28.23 -14.23
N VAL C 576 27.37 -28.86 -14.84
CA VAL C 576 27.13 -30.28 -14.61
C VAL C 576 27.91 -31.19 -15.56
N ILE C 577 28.14 -30.75 -16.81
CA ILE C 577 28.91 -31.58 -17.76
C ILE C 577 30.40 -31.32 -17.62
N GLN C 578 31.19 -32.28 -18.11
CA GLN C 578 32.64 -32.08 -18.25
C GLN C 578 32.91 -31.29 -19.52
N GLN C 579 33.45 -30.09 -19.37
CA GLN C 579 33.72 -29.19 -20.50
C GLN C 579 34.98 -29.65 -21.23
N PRO C 580 35.01 -29.50 -22.56
CA PRO C 580 36.23 -29.88 -23.25
C PRO C 580 37.44 -29.31 -22.52
N ARG C 581 38.48 -30.12 -22.37
CA ARG C 581 39.77 -29.65 -21.86
C ARG C 581 39.72 -29.24 -20.34
N GLU C 582 38.72 -29.75 -19.62
CA GLU C 582 38.67 -29.73 -18.14
C GLU C 582 38.77 -31.17 -17.62
N SER C 583 39.31 -31.31 -16.41
CA SER C 583 39.50 -32.64 -15.77
C SER C 583 38.26 -33.20 -15.03
N GLU C 584 37.28 -32.35 -14.80
CA GLU C 584 36.05 -32.74 -14.10
C GLU C 584 34.92 -31.72 -14.34
N PRO C 585 33.66 -32.14 -14.12
CA PRO C 585 32.58 -31.17 -14.13
C PRO C 585 32.82 -30.13 -13.05
N PHE C 586 32.49 -28.88 -13.35
CA PHE C 586 32.81 -27.79 -12.44
C PHE C 586 32.09 -27.98 -11.09
N ILE C 587 30.94 -28.67 -11.11
CA ILE C 587 30.21 -28.94 -9.86
C ILE C 587 31.07 -29.74 -8.87
N GLN C 588 31.93 -30.62 -9.37
CA GLN C 588 32.80 -31.44 -8.50
CA GLN C 588 32.76 -31.44 -8.48
C GLN C 588 33.83 -30.53 -7.85
N THR C 589 34.40 -29.63 -8.63
CA THR C 589 35.37 -28.65 -8.11
C THR C 589 34.74 -27.76 -7.05
N ILE C 590 33.51 -27.33 -7.31
CA ILE C 590 32.80 -26.44 -6.37
C ILE C 590 32.52 -27.13 -5.03
N ILE C 591 32.01 -28.35 -5.11
CA ILE C 591 31.64 -29.09 -3.90
C ILE C 591 32.88 -29.34 -3.05
N ARG C 592 33.94 -29.78 -3.69
CA ARG C 592 35.16 -30.08 -2.97
C ARG C 592 35.68 -28.91 -2.13
N ASP C 593 35.66 -27.70 -2.70
CA ASP C 593 36.23 -26.51 -2.01
C ASP C 593 35.23 -25.65 -1.24
N ILE C 594 34.09 -26.25 -0.93
CA ILE C 594 32.95 -25.53 -0.37
C ILE C 594 33.22 -24.93 1.01
N GLN C 595 34.03 -25.63 1.81
CA GLN C 595 34.38 -25.15 3.16
C GLN C 595 35.25 -23.89 3.06
N LYS C 596 36.26 -23.95 2.19
CA LYS C 596 37.12 -22.78 1.88
C LYS C 596 36.29 -21.62 1.33
N THR C 597 35.57 -21.88 0.23
CA THR C 597 34.81 -20.83 -0.48
C THR C 597 33.83 -20.05 0.40
N THR C 598 33.08 -20.78 1.23
CA THR C 598 32.07 -20.15 2.10
C THR C 598 32.53 -19.83 3.53
N ALA C 599 33.82 -19.94 3.80
CA ALA C 599 34.36 -19.74 5.17
C ALA C 599 33.97 -18.40 5.83
N ASP C 600 33.89 -17.36 5.03
CA ASP C 600 33.59 -16.00 5.54
C ASP C 600 32.15 -15.52 5.37
N LEU C 601 31.29 -16.38 4.84
CA LEU C 601 29.91 -16.01 4.57
C LEU C 601 29.09 -16.12 5.85
N GLN C 602 28.09 -15.26 5.97
CA GLN C 602 27.05 -15.45 6.98
C GLN C 602 26.23 -16.70 6.64
N PRO C 603 25.70 -17.40 7.67
CA PRO C 603 24.97 -18.65 7.42
C PRO C 603 23.95 -18.60 6.31
N GLN C 604 23.16 -17.53 6.24
CA GLN C 604 22.11 -17.46 5.22
C GLN C 604 22.71 -17.37 3.81
N GLN C 605 23.89 -16.76 3.69
CA GLN C 605 24.64 -16.75 2.43
C GLN C 605 25.20 -18.14 2.10
N VAL C 606 25.67 -18.86 3.13
CA VAL C 606 26.08 -20.27 2.95
C VAL C 606 24.90 -21.09 2.39
N HIS C 607 23.72 -20.84 2.93
CA HIS C 607 22.52 -21.59 2.49
C HIS C 607 22.13 -21.30 1.06
N THR C 608 22.26 -20.04 0.66
CA THR C 608 22.05 -19.63 -0.74
C THR C 608 23.05 -20.34 -1.66
N PHE C 609 24.30 -20.42 -1.20
CA PHE C 609 25.36 -21.14 -1.94
C PHE C 609 24.98 -22.62 -2.16
N TYR C 610 24.61 -23.29 -1.08
CA TYR C 610 24.18 -24.70 -1.17
C TYR C 610 22.97 -24.86 -2.08
N LYS C 611 22.01 -23.92 -1.99
CA LYS C 611 20.83 -23.96 -2.86
C LYS C 611 21.23 -23.86 -4.34
N ALA C 612 22.21 -23.01 -4.67
CA ALA C 612 22.75 -22.94 -6.05
C ALA C 612 23.31 -24.29 -6.50
N CYS C 613 24.06 -24.94 -5.61
CA CYS C 613 24.63 -26.25 -5.91
C CYS C 613 23.53 -27.29 -6.18
N GLY C 614 22.45 -27.22 -5.41
CA GLY C 614 21.30 -28.11 -5.62
C GLY C 614 20.64 -27.97 -7.00
N ILE C 615 20.57 -26.72 -7.48
CA ILE C 615 20.09 -26.43 -8.85
C ILE C 615 20.95 -27.16 -9.89
N ILE C 616 22.27 -27.06 -9.77
CA ILE C 616 23.17 -27.77 -10.71
C ILE C 616 22.98 -29.28 -10.62
N ILE C 617 22.90 -29.78 -9.41
CA ILE C 617 22.84 -31.21 -9.19
C ILE C 617 21.60 -31.87 -9.81
N SER C 618 20.48 -31.15 -9.77
CA SER C 618 19.22 -31.63 -10.35
C SER C 618 19.26 -31.66 -11.88
N GLU C 619 20.23 -31.00 -12.48
CA GLU C 619 20.50 -31.18 -13.91
C GLU C 619 20.94 -32.58 -14.27
N GLU C 620 21.66 -33.25 -13.36
CA GLU C 620 22.06 -34.65 -13.58
C GLU C 620 20.88 -35.59 -13.45
N ARG C 621 20.47 -36.19 -14.56
CA ARG C 621 19.25 -37.01 -14.55
C ARG C 621 19.46 -38.49 -14.28
N SER C 622 20.67 -38.96 -14.48
CA SER C 622 21.02 -40.32 -14.08
C SER C 622 21.02 -40.38 -12.55
N VAL C 623 20.24 -41.32 -12.01
CA VAL C 623 19.91 -41.34 -10.58
CA VAL C 623 19.90 -41.32 -10.59
C VAL C 623 21.10 -41.63 -9.68
N ALA C 624 21.92 -42.62 -10.05
CA ALA C 624 23.10 -42.99 -9.24
C ALA C 624 24.06 -41.83 -9.07
N GLU C 625 24.37 -41.17 -10.18
N GLU C 625 24.40 -41.15 -10.16
CA GLU C 625 25.26 -40.01 -10.21
CA GLU C 625 25.32 -40.00 -10.08
C GLU C 625 24.67 -38.83 -9.45
C GLU C 625 24.69 -38.79 -9.42
N ARG C 626 23.38 -38.57 -9.64
CA ARG C 626 22.69 -37.47 -8.96
C ARG C 626 22.78 -37.61 -7.43
N ASN C 627 22.35 -38.77 -6.94
CA ASN C 627 22.43 -39.11 -5.50
C ASN C 627 23.84 -39.01 -4.90
N ARG C 628 24.84 -39.39 -5.67
CA ARG C 628 26.22 -39.27 -5.21
C ARG C 628 26.63 -37.79 -5.09
N LEU C 629 26.27 -37.00 -6.10
CA LEU C 629 26.47 -35.54 -6.05
C LEU C 629 25.77 -34.96 -4.82
N LEU C 630 24.53 -35.35 -4.62
CA LEU C 630 23.77 -34.88 -3.46
C LEU C 630 24.48 -35.23 -2.14
N SER C 631 24.92 -36.47 -1.96
CA SER C 631 25.60 -36.83 -0.70
C SER C 631 26.99 -36.17 -0.55
N ASP C 632 27.68 -35.95 -1.66
CA ASP C 632 28.90 -35.12 -1.66
C ASP C 632 28.61 -33.70 -1.16
N LEU C 633 27.59 -33.08 -1.74
CA LEU C 633 27.20 -31.73 -1.36
C LEU C 633 26.84 -31.67 0.12
N MET C 634 26.17 -32.70 0.59
CA MET C 634 25.69 -32.72 1.97
C MET C 634 26.73 -33.18 3.00
N GLN C 635 27.97 -33.41 2.57
CA GLN C 635 29.00 -34.00 3.44
C GLN C 635 29.18 -33.22 4.74
N LEU C 636 29.48 -31.93 4.65
CA LEU C 636 29.72 -31.13 5.86
C LEU C 636 28.51 -31.03 6.79
N PRO C 637 27.32 -30.70 6.25
CA PRO C 637 26.18 -30.75 7.16
C PRO C 637 25.87 -32.15 7.72
N ASN C 638 26.06 -33.20 6.93
CA ASN C 638 25.80 -34.56 7.42
C ASN C 638 26.81 -35.02 8.48
N MET C 639 28.08 -34.69 8.28
CA MET C 639 29.09 -34.96 9.33
C MET C 639 28.79 -34.18 10.62
N ALA C 640 28.46 -32.90 10.49
CA ALA C 640 28.08 -32.09 11.67
C ALA C 640 26.85 -32.70 12.37
N TRP C 641 25.85 -33.06 11.54
CA TRP C 641 24.65 -33.77 11.99
C TRP C 641 24.95 -35.03 12.75
N ASP C 642 25.79 -35.88 12.18
CA ASP C 642 26.02 -37.21 12.76
C ASP C 642 26.65 -37.14 14.14
N THR C 643 27.57 -36.19 14.32
CA THR C 643 28.20 -36.03 15.63
C THR C 643 27.20 -35.39 16.62
N ILE C 644 26.44 -34.39 16.19
CA ILE C 644 25.34 -33.81 17.00
C ILE C 644 24.33 -34.86 17.45
N VAL C 645 23.92 -35.73 16.54
CA VAL C 645 22.97 -36.80 16.90
C VAL C 645 23.54 -37.78 17.93
N GLU C 646 24.79 -38.21 17.74
CA GLU C 646 25.40 -39.15 18.66
C GLU C 646 25.50 -38.54 20.04
N GLN C 647 26.00 -37.31 20.08
CA GLN C 647 26.16 -36.61 21.34
C GLN C 647 24.83 -36.38 22.03
N SER C 648 23.87 -35.89 21.25
CA SER C 648 22.58 -35.49 21.80
C SER C 648 21.82 -36.66 22.40
N THR C 649 21.83 -37.78 21.71
CA THR C 649 21.11 -38.96 22.18
C THR C 649 21.68 -39.44 23.51
N ALA C 650 23.00 -39.47 23.61
CA ALA C 650 23.63 -39.93 24.84
C ALA C 650 23.30 -39.00 26.02
N ASN C 651 23.42 -37.70 25.81
CA ASN C 651 23.07 -36.73 26.85
C ASN C 651 22.24 -35.57 26.30
N PRO C 652 21.02 -35.44 26.77
CA PRO C 652 20.14 -34.35 26.35
C PRO C 652 20.51 -32.97 26.86
N THR C 653 21.41 -32.93 27.83
CA THR C 653 21.93 -31.67 28.35
C THR C 653 22.71 -30.91 27.26
N LEU C 654 23.37 -31.66 26.39
CA LEU C 654 24.22 -31.07 25.34
C LEU C 654 23.38 -30.21 24.41
N LEU C 655 22.15 -30.64 24.17
CA LEU C 655 21.20 -29.86 23.36
C LEU C 655 20.91 -28.55 24.06
N LEU C 656 21.21 -28.53 25.35
CA LEU C 656 21.02 -27.34 26.16
C LEU C 656 21.85 -26.17 25.65
N ASP C 657 23.07 -26.46 25.20
CA ASP C 657 24.03 -25.43 24.85
C ASP C 657 23.55 -24.56 23.69
N SER C 658 23.66 -23.25 23.86
CA SER C 658 23.17 -22.30 22.86
C SER C 658 23.90 -22.39 21.53
N GLU C 659 25.20 -22.66 21.60
CA GLU C 659 26.01 -22.83 20.39
C GLU C 659 25.60 -24.05 19.56
N THR C 660 25.25 -25.13 20.26
CA THR C 660 24.80 -26.37 19.61
C THR C 660 23.44 -26.18 18.93
N VAL C 661 22.58 -25.41 19.59
CA VAL C 661 21.27 -25.09 19.02
C VAL C 661 21.41 -24.33 17.69
N LYS C 662 22.33 -23.37 17.65
CA LYS C 662 22.63 -22.63 16.41
C LYS C 662 23.15 -23.54 15.32
N ILE C 663 24.09 -24.39 15.68
CA ILE C 663 24.66 -25.37 14.75
C ILE C 663 23.55 -26.24 14.13
N ILE C 664 22.67 -26.75 14.97
CA ILE C 664 21.56 -27.63 14.50
C ILE C 664 20.61 -26.90 13.54
N ALA C 665 20.25 -25.66 13.89
CA ALA C 665 19.36 -24.85 13.09
C ALA C 665 19.98 -24.61 11.72
N ASN C 666 21.26 -24.27 11.72
CA ASN C 666 21.95 -24.07 10.42
C ASN C 666 22.08 -25.36 9.60
N ILE C 667 22.20 -26.51 10.26
CA ILE C 667 22.17 -27.79 9.52
C ILE C 667 20.84 -27.99 8.79
N ILE C 668 19.75 -27.79 9.52
CA ILE C 668 18.39 -28.00 8.98
CA ILE C 668 18.41 -28.02 8.96
C ILE C 668 18.11 -26.98 7.87
N LYS C 669 18.45 -25.73 8.13
CA LYS C 669 18.33 -24.65 7.13
C LYS C 669 19.10 -24.95 5.85
N THR C 670 20.26 -25.58 5.98
CA THR C 670 21.03 -25.99 4.79
C THR C 670 20.27 -27.05 4.00
N ASN C 671 19.65 -27.99 4.72
CA ASN C 671 18.80 -29.01 4.10
C ASN C 671 17.60 -28.38 3.40
N VAL C 672 16.97 -27.40 4.06
CA VAL C 672 15.81 -26.72 3.46
C VAL C 672 16.20 -26.08 2.13
N ALA C 673 17.36 -25.44 2.15
CA ALA C 673 17.85 -24.69 0.98
C ALA C 673 18.04 -25.62 -0.20
N VAL C 674 18.72 -26.73 0.07
CA VAL C 674 18.97 -27.73 -0.96
C VAL C 674 17.68 -28.42 -1.42
N CYS C 675 16.82 -28.76 -0.47
CA CYS C 675 15.51 -29.35 -0.81
C CYS C 675 14.67 -28.42 -1.71
N THR C 676 14.74 -27.13 -1.43
CA THR C 676 14.01 -26.12 -2.20
C THR C 676 14.36 -26.14 -3.67
N SER C 677 15.63 -26.30 -4.00
CA SER C 677 16.03 -26.33 -5.40
C SER C 677 15.93 -27.73 -6.00
N MET C 678 15.98 -28.76 -5.17
CA MET C 678 16.05 -30.13 -5.70
C MET C 678 14.70 -30.86 -5.72
N GLY C 679 13.79 -30.35 -4.91
CA GLY C 679 12.45 -30.90 -4.79
C GLY C 679 12.45 -32.40 -4.62
N ALA C 680 11.80 -33.08 -5.56
CA ALA C 680 11.62 -34.52 -5.53
C ALA C 680 12.95 -35.28 -5.48
N ASP C 681 14.00 -34.70 -6.06
CA ASP C 681 15.33 -35.35 -6.08
C ASP C 681 16.02 -35.37 -4.69
N PHE C 682 15.49 -34.61 -3.74
CA PHE C 682 16.05 -34.53 -2.37
C PHE C 682 15.80 -35.77 -1.51
N TYR C 683 14.89 -36.64 -1.94
CA TYR C 683 14.43 -37.74 -1.09
C TYR C 683 15.56 -38.52 -0.38
N PRO C 684 16.61 -38.93 -1.13
CA PRO C 684 17.63 -39.75 -0.47
C PRO C 684 18.31 -39.06 0.71
N GLN C 685 18.47 -37.74 0.64
CA GLN C 685 19.06 -36.98 1.74
C GLN C 685 18.04 -36.90 2.89
N LEU C 686 16.78 -36.69 2.55
CA LEU C 686 15.73 -36.68 3.57
C LEU C 686 15.76 -38.00 4.36
N GLY C 687 15.84 -39.10 3.64
CA GLY C 687 15.98 -40.44 4.25
C GLY C 687 17.13 -40.65 5.21
N HIS C 688 18.25 -40.01 4.93
CA HIS C 688 19.43 -40.10 5.79
C HIS C 688 19.16 -39.48 7.14
N ILE C 689 18.39 -38.41 7.18
CA ILE C 689 18.23 -37.66 8.45
C ILE C 689 16.88 -37.85 9.12
N TYR C 690 15.92 -38.40 8.38
CA TYR C 690 14.50 -38.27 8.74
C TYR C 690 14.16 -38.75 10.15
N TYR C 691 14.44 -40.01 10.44
CA TYR C 691 14.06 -40.59 11.74
C TYR C 691 14.78 -39.89 12.91
N ASN C 692 16.07 -39.64 12.77
CA ASN C 692 16.77 -38.87 13.81
C ASN C 692 16.27 -37.42 13.92
N MET C 693 15.86 -36.83 12.81
CA MET C 693 15.36 -35.46 12.83
C MET C 693 14.05 -35.40 13.62
N LEU C 694 13.20 -36.40 13.46
CA LEU C 694 11.93 -36.48 14.21
C LEU C 694 12.19 -36.77 15.68
N GLN C 695 13.22 -37.54 15.98
CA GLN C 695 13.65 -37.74 17.37
C GLN C 695 14.12 -36.42 17.96
N LEU C 696 14.87 -35.65 17.18
CA LEU C 696 15.29 -34.32 17.61
C LEU C 696 14.10 -33.38 17.90
N TYR C 697 13.10 -33.40 17.03
CA TYR C 697 11.87 -32.60 17.21
C TYR C 697 11.28 -32.86 18.61
N ARG C 698 11.13 -34.15 18.94
CA ARG C 698 10.63 -34.58 20.27
C ARG C 698 11.55 -34.14 21.43
N ALA C 699 12.85 -34.29 21.26
CA ALA C 699 13.79 -33.88 22.31
C ALA C 699 13.66 -32.39 22.57
N VAL C 700 13.71 -31.60 21.49
CA VAL C 700 13.58 -30.13 21.57
CA VAL C 700 13.61 -30.14 21.62
C VAL C 700 12.22 -29.75 22.16
N SER C 701 11.18 -30.45 21.73
CA SER C 701 9.84 -30.21 22.28
C SER C 701 9.81 -30.40 23.79
N SER C 702 10.44 -31.44 24.29
CA SER C 702 10.52 -31.68 25.74
C SER C 702 11.27 -30.56 26.46
N MET C 703 12.38 -30.13 25.87
CA MET C 703 13.18 -29.00 26.40
C MET C 703 12.36 -27.71 26.53
N ILE C 704 11.64 -27.37 25.46
CA ILE C 704 10.76 -26.19 25.47
C ILE C 704 9.71 -26.28 26.58
N SER C 705 9.04 -27.41 26.66
CA SER C 705 7.99 -27.60 27.67
C SER C 705 8.61 -27.49 29.07
N ALA C 706 9.75 -28.14 29.27
CA ALA C 706 10.49 -28.08 30.54
C ALA C 706 10.80 -26.65 30.92
N GLN C 707 11.27 -25.87 29.97
CA GLN C 707 11.67 -24.49 30.24
C GLN C 707 10.45 -23.60 30.60
N VAL C 708 9.34 -23.81 29.89
CA VAL C 708 8.09 -23.10 30.21
C VAL C 708 7.57 -23.48 31.61
N ALA C 709 7.65 -24.76 31.96
CA ALA C 709 7.25 -25.23 33.30
C ALA C 709 8.11 -24.61 34.41
N ALA C 710 9.41 -24.51 34.14
CA ALA C 710 10.38 -24.02 35.13
C ALA C 710 10.48 -22.48 35.21
N GLU C 711 10.32 -21.78 34.08
CA GLU C 711 10.47 -20.30 34.07
C GLU C 711 9.17 -19.50 33.86
N GLY C 712 8.10 -20.17 33.43
CA GLY C 712 6.88 -19.45 33.06
C GLY C 712 6.79 -19.18 31.56
N LEU C 713 5.65 -18.65 31.11
CA LEU C 713 5.46 -18.31 29.67
C LEU C 713 6.53 -17.38 29.12
N ILE C 714 7.10 -16.53 29.98
CA ILE C 714 8.17 -15.61 29.58
C ILE C 714 9.35 -16.35 28.93
N ALA C 715 9.53 -17.62 29.30
CA ALA C 715 10.48 -18.56 28.66
C ALA C 715 10.42 -18.52 27.12
N THR C 716 9.22 -18.40 26.58
CA THR C 716 9.00 -18.41 25.12
C THR C 716 9.64 -17.20 24.44
N LYS C 717 9.99 -16.18 25.23
CA LYS C 717 10.64 -14.99 24.70
C LYS C 717 12.17 -15.06 24.76
N THR C 718 12.68 -15.94 25.61
CA THR C 718 14.12 -16.06 25.85
C THR C 718 14.85 -16.50 24.59
N PRO C 719 16.11 -16.04 24.40
CA PRO C 719 16.87 -16.54 23.25
C PRO C 719 16.99 -18.06 23.21
N LYS C 720 17.21 -18.69 24.36
CA LYS C 720 17.32 -20.16 24.41
C LYS C 720 16.10 -20.82 23.80
N VAL C 721 14.92 -20.48 24.30
CA VAL C 721 13.70 -21.10 23.81
C VAL C 721 13.39 -20.71 22.35
N ARG C 722 13.69 -19.48 21.94
CA ARG C 722 13.45 -19.10 20.53
C ARG C 722 14.35 -19.91 19.62
N GLY C 723 15.54 -20.21 20.12
CA GLY C 723 16.50 -21.04 19.38
C GLY C 723 15.98 -22.45 19.20
N LEU C 724 15.36 -22.98 20.26
CA LEU C 724 14.80 -24.32 20.21
C LEU C 724 13.57 -24.38 19.30
N ARG C 725 12.74 -23.35 19.29
CA ARG C 725 11.57 -23.35 18.40
C ARG C 725 11.94 -23.21 16.92
N THR C 726 13.02 -22.48 16.66
CA THR C 726 13.59 -22.36 15.31
C THR C 726 13.91 -23.74 14.75
N ILE C 727 14.50 -24.60 15.58
CA ILE C 727 14.76 -25.99 15.15
C ILE C 727 13.45 -26.67 14.75
N LYS C 728 12.45 -26.57 15.60
CA LYS C 728 11.14 -27.18 15.31
C LYS C 728 10.55 -26.62 14.03
N LYS C 729 10.57 -25.31 13.89
CA LYS C 729 10.04 -24.64 12.67
C LYS C 729 10.80 -25.05 11.42
N GLU C 730 12.11 -25.16 11.51
CA GLU C 730 12.88 -25.50 10.31
C GLU C 730 12.65 -26.95 9.90
N ILE C 731 12.46 -27.82 10.90
CA ILE C 731 12.14 -29.23 10.63
C ILE C 731 10.80 -29.32 9.89
N LEU C 732 9.81 -28.61 10.38
CA LEU C 732 8.49 -28.57 9.74
C LEU C 732 8.60 -28.01 8.32
N LYS C 733 9.41 -26.97 8.15
CA LYS C 733 9.62 -26.31 6.84
C LYS C 733 10.24 -27.28 5.84
N LEU C 734 11.25 -28.00 6.31
CA LEU C 734 11.92 -29.01 5.47
C LEU C 734 10.95 -30.09 5.00
N VAL C 735 10.16 -30.61 5.92
CA VAL C 735 9.21 -31.68 5.59
C VAL C 735 8.13 -31.14 4.64
N GLU C 736 7.67 -29.92 4.95
CA GLU C 736 6.71 -29.23 4.11
C GLU C 736 7.24 -29.02 2.69
N THR C 737 8.49 -28.56 2.61
CA THR C 737 9.13 -28.26 1.34
C THR C 737 9.21 -29.52 0.49
N TYR C 738 9.66 -30.61 1.10
CA TYR C 738 9.76 -31.86 0.36
C TYR C 738 8.39 -32.38 -0.13
N ILE C 739 7.42 -32.47 0.78
CA ILE C 739 6.08 -33.00 0.42
C ILE C 739 5.39 -32.16 -0.65
N SER C 740 5.58 -30.85 -0.61
CA SER C 740 5.00 -29.96 -1.61
C SER C 740 5.52 -30.24 -3.02
N LYS C 741 6.74 -30.77 -3.10
CA LYS C 741 7.38 -31.07 -4.40
C LYS C 741 7.53 -32.55 -4.71
N ALA C 742 7.10 -33.41 -3.81
CA ALA C 742 7.31 -34.85 -3.97
C ALA C 742 6.58 -35.37 -5.19
N ARG C 743 7.18 -36.31 -5.89
CA ARG C 743 6.51 -36.98 -7.01
C ARG C 743 6.12 -38.42 -6.65
N ASN C 744 6.83 -39.05 -5.71
CA ASN C 744 6.42 -40.37 -5.22
C ASN C 744 5.56 -40.26 -3.95
N LEU C 745 4.26 -40.15 -4.16
CA LEU C 745 3.34 -39.93 -3.04
C LEU C 745 3.15 -41.19 -2.22
N ASP C 746 3.37 -42.36 -2.82
CA ASP C 746 3.28 -43.64 -2.08
C ASP C 746 4.31 -43.70 -0.94
N ASP C 747 5.51 -43.21 -1.21
CA ASP C 747 6.57 -43.10 -0.19
C ASP C 747 6.24 -42.05 0.86
N VAL C 748 5.70 -40.91 0.42
CA VAL C 748 5.22 -39.90 1.39
C VAL C 748 4.31 -40.57 2.42
N VAL C 749 3.35 -41.34 1.91
CA VAL C 749 2.32 -41.94 2.75
C VAL C 749 2.84 -43.13 3.56
N LYS C 750 3.59 -44.02 2.90
CA LYS C 750 4.09 -45.26 3.53
CA LYS C 750 4.03 -45.24 3.57
C LYS C 750 5.23 -45.00 4.50
N VAL C 751 6.04 -44.00 4.20
CA VAL C 751 7.30 -43.75 4.95
C VAL C 751 7.31 -42.46 5.78
N LEU C 752 6.80 -41.37 5.23
CA LEU C 752 6.94 -40.05 5.90
C LEU C 752 5.82 -39.70 6.89
N VAL C 753 4.57 -39.95 6.49
CA VAL C 753 3.41 -39.38 7.22
C VAL C 753 3.20 -39.88 8.64
N GLU C 754 3.13 -41.19 8.85
CA GLU C 754 2.81 -41.74 10.19
CA GLU C 754 2.81 -41.72 10.19
C GLU C 754 3.80 -41.23 11.25
N PRO C 755 5.11 -41.30 10.97
CA PRO C 755 6.05 -40.76 11.95
C PRO C 755 5.94 -39.25 12.15
N LEU C 756 5.64 -38.53 11.07
CA LEU C 756 5.43 -37.09 11.15
C LEU C 756 4.30 -36.76 12.11
N LEU C 757 3.14 -37.39 11.87
CA LEU C 757 1.96 -37.14 12.68
C LEU C 757 2.18 -37.51 14.13
N ASN C 758 2.84 -38.65 14.34
CA ASN C 758 3.21 -39.11 15.68
C ASN C 758 4.08 -38.10 16.41
N ALA C 759 5.04 -37.53 15.68
CA ALA C 759 6.00 -36.58 16.27
C ALA C 759 5.40 -35.20 16.58
N VAL C 760 4.44 -34.73 15.77
CA VAL C 760 4.00 -33.32 15.87
C VAL C 760 2.62 -33.00 16.47
N LEU C 761 1.65 -33.91 16.35
CA LEU C 761 0.24 -33.58 16.64
C LEU C 761 -0.09 -33.49 18.13
N GLU C 762 0.29 -34.53 18.85
CA GLU C 762 0.07 -34.62 20.29
C GLU C 762 0.88 -33.53 20.99
N ASP C 763 2.10 -33.33 20.50
CA ASP C 763 2.95 -32.25 20.99
C ASP C 763 2.26 -30.88 20.83
N TYR C 764 1.66 -30.65 19.67
CA TYR C 764 0.97 -29.39 19.44
C TYR C 764 -0.25 -29.30 20.37
N MET C 765 -1.06 -30.34 20.36
CA MET C 765 -2.28 -30.39 21.19
C MET C 765 -1.99 -30.18 22.68
N ASN C 766 -0.96 -30.85 23.19
CA ASN C 766 -0.69 -30.85 24.65
C ASN C 766 0.24 -29.76 25.22
N ASN C 767 0.64 -28.85 24.34
CA ASN C 767 1.33 -27.63 24.75
C ASN C 767 0.36 -26.52 25.10
N VAL C 768 0.79 -25.62 25.97
CA VAL C 768 0.02 -24.41 26.25
C VAL C 768 -0.03 -23.58 24.97
N PRO C 769 -1.11 -22.79 24.78
CA PRO C 769 -1.24 -22.00 23.56
C PRO C 769 0.00 -21.24 23.08
N ASP C 770 0.65 -20.50 23.98
CA ASP C 770 1.85 -19.69 23.60
C ASP C 770 3.04 -20.52 23.13
N ALA C 771 2.99 -21.82 23.38
CA ALA C 771 4.09 -22.71 23.03
C ALA C 771 3.81 -23.45 21.72
N ARG C 772 2.60 -23.28 21.20
CA ARG C 772 2.19 -23.96 19.96
C ARG C 772 2.69 -23.25 18.70
N ASP C 773 3.27 -24.01 17.79
CA ASP C 773 3.84 -23.45 16.55
C ASP C 773 2.80 -23.46 15.44
N ALA C 774 2.50 -22.28 14.92
CA ALA C 774 1.61 -22.10 13.77
C ALA C 774 2.06 -22.92 12.54
N GLU C 775 3.36 -23.11 12.42
CA GLU C 775 3.96 -23.88 11.32
C GLU C 775 3.49 -25.36 11.28
N VAL C 776 2.99 -25.88 12.40
CA VAL C 776 2.46 -27.24 12.43
C VAL C 776 1.25 -27.29 11.49
N LEU C 777 0.41 -26.28 11.61
CA LEU C 777 -0.81 -26.19 10.81
C LEU C 777 -0.44 -26.06 9.32
N ASN C 778 0.55 -25.20 9.07
CA ASN C 778 1.07 -24.99 7.70
C ASN C 778 1.57 -26.30 7.12
N CYS C 779 2.36 -27.03 7.89
CA CYS C 779 2.87 -28.32 7.44
C CYS C 779 1.73 -29.29 7.12
N MET C 780 0.73 -29.33 7.99
CA MET C 780 -0.40 -30.24 7.84
C MET C 780 -1.27 -29.90 6.61
N THR C 781 -1.35 -28.62 6.27
CA THR C 781 -2.08 -28.16 5.06
C THR C 781 -1.50 -28.77 3.80
N THR C 782 -0.17 -28.68 3.67
CA THR C 782 0.55 -29.31 2.56
C THR C 782 0.38 -30.84 2.52
N VAL C 783 0.45 -31.47 3.68
CA VAL C 783 0.23 -32.93 3.79
C VAL C 783 -1.16 -33.31 3.26
N VAL C 784 -2.18 -32.59 3.72
CA VAL C 784 -3.55 -32.87 3.27
C VAL C 784 -3.70 -32.53 1.78
N GLU C 785 -3.15 -31.39 1.39
CA GLU C 785 -3.17 -30.97 -0.02
C GLU C 785 -2.62 -32.07 -0.93
N LYS C 786 -1.46 -32.62 -0.58
CA LYS C 786 -0.78 -33.56 -1.50
C LYS C 786 -1.25 -35.00 -1.42
N VAL C 787 -1.50 -35.48 -0.21
CA VAL C 787 -1.83 -36.89 -0.04
C VAL C 787 -3.03 -37.14 0.87
N GLY C 788 -3.76 -36.10 1.21
CA GLY C 788 -4.97 -36.22 2.05
C GLY C 788 -5.93 -37.30 1.57
N HIS C 789 -6.18 -37.34 0.27
CA HIS C 789 -7.05 -38.38 -0.33
C HIS C 789 -6.58 -39.78 -0.04
N MET C 790 -5.28 -39.97 0.19
CA MET C 790 -4.74 -41.30 0.49
C MET C 790 -4.71 -41.62 1.99
N ILE C 791 -4.93 -40.63 2.84
CA ILE C 791 -4.84 -40.85 4.29
C ILE C 791 -6.07 -40.36 5.09
N PRO C 792 -7.26 -40.93 4.80
CA PRO C 792 -8.47 -40.44 5.45
C PRO C 792 -8.38 -40.47 6.97
N GLN C 793 -7.77 -41.52 7.52
CA GLN C 793 -7.69 -41.65 8.98
C GLN C 793 -6.67 -40.68 9.57
N GLY C 794 -5.62 -40.43 8.81
CA GLY C 794 -4.62 -39.43 9.21
C GLY C 794 -5.20 -38.02 9.24
N VAL C 795 -6.09 -37.73 8.29
CA VAL C 795 -6.78 -36.42 8.27
C VAL C 795 -7.70 -36.28 9.49
N ILE C 796 -8.40 -37.34 9.82
CA ILE C 796 -9.20 -37.38 11.07
C ILE C 796 -8.30 -37.11 12.29
N LEU C 797 -7.15 -37.75 12.33
CA LEU C 797 -6.22 -37.53 13.43
C LEU C 797 -5.76 -36.07 13.50
N ILE C 798 -5.48 -35.47 12.34
CA ILE C 798 -5.06 -34.07 12.27
C ILE C 798 -6.13 -33.15 12.85
N LEU C 799 -7.36 -33.31 12.40
CA LEU C 799 -8.48 -32.52 12.96
C LEU C 799 -8.62 -32.70 14.45
N GLN C 800 -8.57 -33.96 14.88
CA GLN C 800 -8.74 -34.27 16.29
C GLN C 800 -7.71 -33.51 17.09
N SER C 801 -6.50 -33.42 16.58
CA SER C 801 -5.43 -32.84 17.36
C SER C 801 -5.35 -31.31 17.34
N VAL C 802 -5.76 -30.67 16.24
CA VAL C 802 -5.54 -29.22 16.12
C VAL C 802 -6.81 -28.36 16.15
N PHE C 803 -7.97 -28.97 15.94
CA PHE C 803 -9.17 -28.21 15.59
C PHE C 803 -9.69 -27.42 16.77
N GLU C 804 -10.21 -28.13 17.77
CA GLU C 804 -10.84 -27.46 18.92
C GLU C 804 -9.86 -26.59 19.68
N CYS C 805 -8.63 -27.07 19.83
CA CYS C 805 -7.69 -26.33 20.64
C CYS C 805 -7.23 -25.09 19.89
N THR C 806 -7.13 -25.15 18.57
CA THR C 806 -6.75 -23.93 17.83
C THR C 806 -7.92 -22.92 17.76
N LEU C 807 -9.14 -23.42 17.64
CA LEU C 807 -10.31 -22.58 17.61
C LEU C 807 -10.46 -21.79 18.92
N ASP C 808 -10.20 -22.47 20.02
CA ASP C 808 -10.31 -21.81 21.32
C ASP C 808 -9.26 -20.69 21.50
N MET C 809 -8.11 -20.79 20.82
CA MET C 809 -7.08 -19.71 20.81
C MET C 809 -7.54 -18.46 20.08
N ILE C 810 -8.34 -18.65 19.03
CA ILE C 810 -8.64 -17.58 18.07
C ILE C 810 -10.07 -17.07 18.10
N ASN C 811 -10.90 -17.63 18.99
CA ASN C 811 -12.32 -17.28 19.02
C ASN C 811 -12.72 -16.29 20.14
N LYS C 812 -11.74 -15.64 20.73
CA LYS C 812 -12.00 -14.64 21.80
C LYS C 812 -12.05 -13.23 21.23
N ASP C 813 -11.26 -13.00 20.21
CA ASP C 813 -11.15 -11.71 19.57
C ASP C 813 -10.61 -11.92 18.16
N PHE C 814 -10.38 -10.82 17.46
CA PHE C 814 -9.91 -10.92 16.07
C PHE C 814 -8.42 -10.79 15.93
N THR C 815 -7.73 -10.49 17.02
CA THR C 815 -6.31 -10.11 16.96
C THR C 815 -5.29 -11.09 17.51
N GLU C 816 -5.66 -11.89 18.50
CA GLU C 816 -4.65 -12.73 19.15
C GLU C 816 -4.26 -13.89 18.23
N TYR C 817 -3.01 -14.32 18.32
CA TYR C 817 -2.51 -15.45 17.52
C TYR C 817 -2.81 -15.32 16.03
N PRO C 818 -2.34 -14.22 15.41
CA PRO C 818 -2.60 -13.91 14.01
C PRO C 818 -2.14 -15.00 13.02
N GLU C 819 -0.96 -15.57 13.25
CA GLU C 819 -0.44 -16.62 12.34
C GLU C 819 -1.27 -17.90 12.43
N HIS C 820 -1.69 -18.25 13.66
CA HIS C 820 -2.49 -19.46 13.89
C HIS C 820 -3.83 -19.34 13.19
N ARG C 821 -4.46 -18.19 13.39
CA ARG C 821 -5.72 -17.79 12.75
C ARG C 821 -5.68 -18.07 11.24
N VAL C 822 -4.64 -17.55 10.61
CA VAL C 822 -4.47 -17.67 9.16
C VAL C 822 -4.22 -19.11 8.71
N GLU C 823 -3.29 -19.79 9.37
CA GLU C 823 -2.95 -21.18 8.97
C GLU C 823 -4.13 -22.11 9.27
N PHE C 824 -4.84 -21.84 10.35
CA PHE C 824 -6.02 -22.61 10.76
C PHE C 824 -7.10 -22.68 9.67
N TYR C 825 -7.43 -21.54 9.07
CA TYR C 825 -8.48 -21.54 8.05
C TYR C 825 -8.01 -22.07 6.71
N LYS C 826 -6.72 -21.93 6.44
CA LYS C 826 -6.11 -22.60 5.28
C LYS C 826 -6.21 -24.13 5.39
N LEU C 827 -5.95 -24.65 6.58
CA LEU C 827 -6.03 -26.09 6.84
C LEU C 827 -7.47 -26.57 6.72
N LEU C 828 -8.40 -25.86 7.33
CA LEU C 828 -9.83 -26.21 7.22
C LEU C 828 -10.29 -26.18 5.76
N LYS C 829 -9.80 -25.19 5.01
CA LYS C 829 -10.15 -25.08 3.60
C LYS C 829 -9.70 -26.31 2.80
N VAL C 830 -8.48 -26.75 2.98
CA VAL C 830 -7.99 -27.90 2.18
C VAL C 830 -8.67 -29.20 2.62
N ILE C 831 -8.91 -29.35 3.92
CA ILE C 831 -9.61 -30.54 4.44
C ILE C 831 -11.01 -30.62 3.85
N ASN C 832 -11.68 -29.48 3.81
CA ASN C 832 -13.04 -29.41 3.26
C ASN C 832 -13.05 -29.73 1.75
N GLU C 833 -11.98 -29.31 1.06
CA GLU C 833 -11.80 -29.54 -0.38
CA GLU C 833 -11.78 -29.55 -0.39
C GLU C 833 -11.41 -31.00 -0.72
N LYS C 834 -10.42 -31.54 -0.01
CA LYS C 834 -9.85 -32.88 -0.36
C LYS C 834 -10.27 -34.09 0.49
N SER C 835 -10.74 -33.87 1.72
CA SER C 835 -11.13 -34.99 2.59
CA SER C 835 -11.08 -34.95 2.63
C SER C 835 -12.35 -34.63 3.41
N PHE C 836 -13.42 -34.34 2.69
CA PHE C 836 -14.64 -33.90 3.32
C PHE C 836 -15.16 -34.94 4.30
N ALA C 837 -14.95 -36.21 3.98
CA ALA C 837 -15.37 -37.30 4.89
C ALA C 837 -14.91 -37.05 6.33
N ALA C 838 -13.75 -36.42 6.51
CA ALA C 838 -13.24 -36.12 7.87
C ALA C 838 -14.25 -35.32 8.71
N PHE C 839 -14.96 -34.40 8.07
CA PHE C 839 -15.98 -33.59 8.79
C PHE C 839 -17.23 -34.39 9.04
N LEU C 840 -17.57 -35.29 8.12
CA LEU C 840 -18.71 -36.21 8.27
C LEU C 840 -18.57 -37.11 9.50
N GLU C 841 -17.33 -37.38 9.89
CA GLU C 841 -17.05 -38.23 11.07
C GLU C 841 -17.08 -37.50 12.40
N LEU C 842 -17.01 -36.17 12.37
CA LEU C 842 -17.03 -35.42 13.62
C LEU C 842 -18.34 -35.68 14.37
N PRO C 843 -18.27 -35.67 15.72
CA PRO C 843 -19.49 -35.70 16.51
C PRO C 843 -20.30 -34.42 16.27
N PRO C 844 -21.62 -34.47 16.49
CA PRO C 844 -22.45 -33.32 16.19
C PRO C 844 -22.00 -32.01 16.85
N ALA C 845 -21.52 -32.08 18.09
CA ALA C 845 -21.04 -30.87 18.77
C ALA C 845 -19.84 -30.24 18.08
N ALA C 846 -18.94 -31.10 17.58
CA ALA C 846 -17.71 -30.63 16.91
C ALA C 846 -18.07 -30.03 15.56
N PHE C 847 -19.03 -30.64 14.89
CA PHE C 847 -19.52 -30.12 13.61
C PHE C 847 -20.17 -28.73 13.79
N LYS C 848 -20.85 -28.51 14.91
CA LYS C 848 -21.43 -27.20 15.18
CA LYS C 848 -21.42 -27.19 15.22
C LYS C 848 -20.31 -26.17 15.32
N LEU C 849 -19.24 -26.53 16.03
CA LEU C 849 -18.08 -25.66 16.19
C LEU C 849 -17.42 -25.36 14.85
N PHE C 850 -17.47 -26.32 13.93
CA PHE C 850 -16.97 -26.11 12.55
C PHE C 850 -17.78 -25.02 11.86
N VAL C 851 -19.09 -25.16 11.90
CA VAL C 851 -19.98 -24.15 11.33
C VAL C 851 -19.74 -22.78 11.98
N ASP C 852 -19.67 -22.78 13.32
CA ASP C 852 -19.32 -21.58 14.09
C ASP C 852 -18.00 -20.95 13.61
N ALA C 853 -17.00 -21.80 13.40
CA ALA C 853 -15.66 -21.37 12.95
C ALA C 853 -15.70 -20.66 11.60
N ILE C 854 -16.49 -21.22 10.68
CA ILE C 854 -16.67 -20.64 9.35
C ILE C 854 -17.28 -19.23 9.45
N CYS C 855 -18.38 -19.11 10.19
CA CYS C 855 -19.07 -17.84 10.33
C CYS C 855 -18.21 -16.81 11.04
N TRP C 856 -17.36 -17.28 11.93
CA TRP C 856 -16.39 -16.43 12.62
C TRP C 856 -15.37 -15.90 11.64
N ALA C 857 -14.89 -16.78 10.77
CA ALA C 857 -13.97 -16.38 9.69
C ALA C 857 -14.53 -15.21 8.85
N PHE C 858 -15.80 -15.30 8.46
CA PHE C 858 -16.17 -14.22 7.56
CA PHE C 858 -16.62 -14.31 7.73
C PHE C 858 -16.56 -12.91 8.29
N LYS C 859 -16.42 -12.86 9.61
CA LYS C 859 -16.53 -11.60 10.34
C LYS C 859 -15.18 -10.91 10.57
N HIS C 860 -14.12 -11.55 10.10
CA HIS C 860 -12.78 -10.95 10.12
C HIS C 860 -12.60 -9.87 9.09
N ASN C 861 -11.76 -8.90 9.45
CA ASN C 861 -11.34 -7.84 8.52
C ASN C 861 -10.00 -8.08 7.88
N ASN C 862 -9.30 -9.02 8.48
CA ASN C 862 -8.19 -9.69 7.84
C ASN C 862 -8.67 -10.41 6.58
N ARG C 863 -8.05 -10.07 5.45
CA ARG C 863 -8.42 -10.67 4.15
C ARG C 863 -8.06 -12.13 4.02
N ASP C 864 -6.87 -12.47 4.49
N ASP C 864 -6.88 -12.55 4.45
CA ASP C 864 -6.40 -13.85 4.52
CA ASP C 864 -6.54 -13.98 4.31
C ASP C 864 -7.56 -14.75 5.01
C ASP C 864 -7.68 -14.78 4.97
N VAL C 865 -7.98 -14.48 6.23
CA VAL C 865 -9.04 -15.22 6.94
C VAL C 865 -10.40 -15.13 6.25
N GLU C 866 -10.88 -13.90 6.07
CA GLU C 866 -12.22 -13.60 5.52
C GLU C 866 -12.51 -14.36 4.21
N VAL C 867 -11.53 -14.32 3.33
CA VAL C 867 -11.63 -14.92 2.01
C VAL C 867 -11.75 -16.43 2.12
N ASN C 868 -10.91 -17.02 2.97
CA ASN C 868 -10.98 -18.46 3.23
C ASN C 868 -12.30 -18.90 3.89
N GLY C 869 -12.79 -18.10 4.82
CA GLY C 869 -14.08 -18.37 5.44
C GLY C 869 -15.21 -18.46 4.42
N LEU C 870 -15.28 -17.48 3.53
CA LEU C 870 -16.32 -17.45 2.48
C LEU C 870 -16.14 -18.62 1.51
N GLN C 871 -14.90 -18.94 1.18
CA GLN C 871 -14.66 -20.09 0.28
C GLN C 871 -15.06 -21.41 0.92
N ILE C 872 -14.71 -21.59 2.19
CA ILE C 872 -15.11 -22.78 2.94
C ILE C 872 -16.64 -22.91 2.96
N ALA C 873 -17.33 -21.82 3.28
CA ALA C 873 -18.81 -21.82 3.31
C ALA C 873 -19.35 -22.28 1.96
N LEU C 874 -18.81 -21.71 0.90
CA LEU C 874 -19.26 -22.06 -0.48
C LEU C 874 -18.98 -23.54 -0.78
N ASP C 875 -17.73 -23.96 -0.53
CA ASP C 875 -17.31 -25.36 -0.73
C ASP C 875 -18.13 -26.33 0.13
N LEU C 876 -18.40 -25.93 1.38
CA LEU C 876 -19.23 -26.76 2.26
C LEU C 876 -20.63 -26.99 1.68
N VAL C 877 -21.26 -25.93 1.20
CA VAL C 877 -22.58 -26.05 0.60
C VAL C 877 -22.53 -27.00 -0.60
N LYS C 878 -21.54 -26.81 -1.48
CA LYS C 878 -21.32 -27.75 -2.61
C LYS C 878 -21.13 -29.19 -2.11
N ASN C 879 -20.39 -29.38 -1.01
CA ASN C 879 -20.17 -30.73 -0.46
C ASN C 879 -21.45 -31.37 0.07
N ILE C 880 -22.23 -30.59 0.81
CA ILE C 880 -23.55 -31.04 1.26
C ILE C 880 -24.43 -31.36 0.06
N GLU C 881 -24.47 -30.44 -0.89
CA GLU C 881 -25.30 -30.58 -2.08
C GLU C 881 -24.97 -31.89 -2.82
N ARG C 882 -23.67 -32.12 -3.02
CA ARG C 882 -23.22 -33.30 -3.77
CA ARG C 882 -23.11 -33.32 -3.68
C ARG C 882 -23.71 -34.61 -3.14
N MET C 883 -24.01 -34.62 -1.84
CA MET C 883 -24.50 -35.82 -1.12
C MET C 883 -25.92 -36.25 -1.50
N GLY C 884 -26.68 -35.31 -2.03
CA GLY C 884 -28.06 -35.57 -2.40
C GLY C 884 -28.97 -35.75 -1.19
N ASN C 885 -30.05 -36.47 -1.42
CA ASN C 885 -31.11 -36.63 -0.42
C ASN C 885 -30.77 -37.76 0.54
N VAL C 886 -29.86 -37.48 1.46
CA VAL C 886 -29.50 -38.41 2.54
C VAL C 886 -29.72 -37.68 3.86
N PRO C 887 -29.87 -38.42 4.96
CA PRO C 887 -30.08 -37.83 6.29
C PRO C 887 -29.09 -36.78 6.76
N PHE C 888 -27.80 -36.97 6.46
CA PHE C 888 -26.81 -36.00 6.92
C PHE C 888 -27.07 -34.62 6.31
N ALA C 889 -27.44 -34.63 5.04
CA ALA C 889 -27.66 -33.40 4.28
C ALA C 889 -28.97 -32.74 4.70
N ASN C 890 -30.00 -33.56 4.86
CA ASN C 890 -31.28 -33.04 5.33
C ASN C 890 -31.12 -32.39 6.71
N GLU C 891 -30.33 -33.02 7.56
CA GLU C 891 -30.11 -32.51 8.92
C GLU C 891 -29.25 -31.24 8.91
N PHE C 892 -28.33 -31.19 7.96
CA PHE C 892 -27.42 -30.05 7.81
C PHE C 892 -28.26 -28.83 7.48
N HIS C 893 -29.20 -29.00 6.56
CA HIS C 893 -30.06 -27.89 6.14
C HIS C 893 -30.95 -27.45 7.26
N LYS C 894 -31.57 -28.39 7.95
CA LYS C 894 -32.50 -28.04 9.02
C LYS C 894 -31.77 -27.27 10.11
N ASN C 895 -30.57 -27.72 10.43
CA ASN C 895 -29.76 -27.06 11.46
C ASN C 895 -29.06 -25.80 11.02
N TYR C 896 -28.64 -25.73 9.77
CA TYR C 896 -27.63 -24.72 9.38
C TYR C 896 -27.95 -23.80 8.20
N PHE C 897 -28.93 -24.14 7.37
CA PHE C 897 -29.22 -23.31 6.20
C PHE C 897 -29.47 -21.84 6.56
N PHE C 898 -30.33 -21.61 7.55
CA PHE C 898 -30.63 -20.24 7.99
C PHE C 898 -29.52 -19.53 8.77
N ILE C 899 -28.66 -20.29 9.44
CA ILE C 899 -27.52 -19.65 10.10
C ILE C 899 -26.63 -19.05 9.03
N PHE C 900 -26.37 -19.82 7.98
CA PHE C 900 -25.53 -19.32 6.89
C PHE C 900 -26.16 -18.12 6.16
N VAL C 901 -27.46 -18.21 5.90
CA VAL C 901 -28.18 -17.11 5.22
C VAL C 901 -28.10 -15.82 6.03
N SER C 902 -28.49 -15.90 7.30
CA SER C 902 -28.51 -14.72 8.16
C SER C 902 -27.10 -14.19 8.42
N GLU C 903 -26.12 -15.08 8.56
CA GLU C 903 -24.74 -14.63 8.82
C GLU C 903 -24.17 -13.92 7.63
N THR C 904 -24.51 -14.42 6.45
CA THR C 904 -24.07 -13.82 5.22
C THR C 904 -24.70 -12.44 5.01
N PHE C 905 -26.01 -12.35 5.22
CA PHE C 905 -26.71 -11.05 5.24
C PHE C 905 -26.10 -10.07 6.24
N PHE C 906 -25.71 -10.57 7.40
CA PHE C 906 -25.14 -9.70 8.44
C PHE C 906 -23.85 -9.03 7.94
N VAL C 907 -22.96 -9.79 7.33
CA VAL C 907 -21.70 -9.20 6.83
C VAL C 907 -21.90 -8.40 5.54
N LEU C 908 -22.92 -8.76 4.77
CA LEU C 908 -23.29 -7.98 3.57
C LEU C 908 -23.75 -6.59 3.94
N THR C 909 -24.50 -6.48 5.04
CA THR C 909 -25.17 -5.22 5.39
C THR C 909 -24.55 -4.37 6.50
N ASP C 910 -23.51 -4.85 7.17
CA ASP C 910 -23.01 -4.08 8.34
C ASP C 910 -22.00 -3.00 8.04
N SER C 911 -21.62 -2.83 6.78
CA SER C 911 -20.66 -1.78 6.40
C SER C 911 -19.22 -1.96 6.92
N ASP C 912 -18.90 -3.12 7.50
CA ASP C 912 -17.51 -3.33 7.98
C ASP C 912 -16.82 -4.47 7.23
N HIS C 913 -17.46 -4.92 6.16
CA HIS C 913 -16.93 -6.06 5.41
C HIS C 913 -17.07 -5.84 3.93
N LYS C 914 -16.77 -4.61 3.50
CA LYS C 914 -16.98 -4.25 2.09
C LYS C 914 -16.06 -4.98 1.12
N SER C 915 -14.86 -5.32 1.57
CA SER C 915 -13.94 -6.08 0.71
C SER C 915 -14.49 -7.46 0.29
N GLY C 916 -15.36 -8.05 1.10
CA GLY C 916 -15.92 -9.39 0.82
C GLY C 916 -17.21 -9.44 -0.01
N PHE C 917 -17.67 -8.29 -0.47
CA PHE C 917 -18.97 -8.20 -1.16
C PHE C 917 -19.18 -9.28 -2.21
N SER C 918 -18.22 -9.38 -3.13
CA SER C 918 -18.36 -10.31 -4.27
C SER C 918 -18.60 -11.75 -3.85
N LYS C 919 -17.81 -12.21 -2.89
CA LYS C 919 -17.90 -13.60 -2.45
C LYS C 919 -19.09 -13.83 -1.55
N GLN C 920 -19.38 -12.83 -0.72
CA GLN C 920 -20.62 -12.84 0.08
C GLN C 920 -21.87 -12.99 -0.81
N ALA C 921 -21.92 -12.18 -1.86
CA ALA C 921 -23.05 -12.18 -2.82
C ALA C 921 -23.17 -13.55 -3.49
N LEU C 922 -22.01 -14.09 -3.85
CA LEU C 922 -21.96 -15.40 -4.49
C LEU C 922 -22.53 -16.49 -3.55
N LEU C 923 -22.17 -16.43 -2.28
CA LEU C 923 -22.63 -17.42 -1.28
C LEU C 923 -24.12 -17.32 -1.08
N LEU C 924 -24.60 -16.10 -0.93
CA LEU C 924 -26.04 -15.86 -0.77
C LEU C 924 -26.83 -16.36 -1.97
N MET C 925 -26.30 -16.12 -3.17
CA MET C 925 -26.99 -16.52 -4.41
C MET C 925 -27.08 -18.05 -4.48
N LYS C 926 -25.99 -18.70 -4.08
CA LYS C 926 -25.96 -20.15 -3.99
C LYS C 926 -27.06 -20.64 -3.03
N LEU C 927 -27.09 -20.08 -1.84
CA LEU C 927 -28.06 -20.51 -0.80
C LEU C 927 -29.50 -20.29 -1.22
N ILE C 928 -29.77 -19.10 -1.76
CA ILE C 928 -31.11 -18.79 -2.30
C ILE C 928 -31.48 -19.72 -3.48
N SER C 929 -30.51 -20.02 -4.33
CA SER C 929 -30.73 -20.89 -5.49
C SER C 929 -31.05 -22.34 -5.10
N LEU C 930 -30.50 -22.78 -3.97
CA LEU C 930 -30.82 -24.10 -3.44
C LEU C 930 -32.31 -24.30 -3.17
N VAL C 931 -32.95 -23.24 -2.69
CA VAL C 931 -34.38 -23.32 -2.36
C VAL C 931 -35.24 -23.12 -3.62
N TYR C 932 -34.81 -22.14 -4.42
N TYR C 932 -34.83 -22.19 -4.48
CA TYR C 932 -35.41 -21.77 -5.73
CA TYR C 932 -35.66 -21.88 -5.65
C TYR C 932 -35.54 -23.00 -6.63
C TYR C 932 -35.43 -22.86 -6.82
N ASP C 933 -34.49 -23.80 -6.64
CA ASP C 933 -34.38 -25.01 -7.49
C ASP C 933 -34.85 -26.29 -6.79
N ASN C 934 -35.47 -26.16 -5.62
CA ASN C 934 -35.88 -27.36 -4.86
C ASN C 934 -34.80 -28.43 -4.72
N LYS C 935 -33.64 -28.03 -4.24
CA LYS C 935 -32.56 -28.99 -3.95
C LYS C 935 -32.47 -29.29 -2.46
N ILE C 936 -33.36 -28.69 -1.68
CA ILE C 936 -33.52 -29.07 -0.28
C ILE C 936 -34.78 -29.94 -0.15
N SER C 937 -34.55 -31.18 0.25
CA SER C 937 -35.56 -32.25 0.14
C SER C 937 -36.54 -32.30 1.31
N VAL C 938 -36.21 -31.57 2.36
CA VAL C 938 -37.02 -31.51 3.57
C VAL C 938 -37.57 -30.09 3.77
N PRO C 939 -38.69 -29.96 4.49
CA PRO C 939 -39.13 -28.66 4.97
C PRO C 939 -38.06 -28.03 5.83
N LEU C 940 -37.82 -26.74 5.65
CA LEU C 940 -36.84 -25.99 6.46
C LEU C 940 -37.61 -25.56 7.65
N TYR C 941 -38.92 -25.74 7.47
CA TYR C 941 -39.83 -25.37 8.50
C TYR C 941 -40.22 -26.60 9.28
N GLN C 942 -40.34 -26.45 10.59
CA GLN C 942 -40.93 -27.52 11.42
C GLN C 942 -42.45 -27.50 11.26
N GLU C 943 -43.07 -28.67 11.39
CA GLU C 943 -44.49 -28.82 11.02
C GLU C 943 -45.43 -28.09 11.99
N ALA C 944 -46.50 -27.56 11.43
CA ALA C 944 -47.48 -26.70 12.16
C ALA C 944 -47.02 -25.24 12.27
N GLU C 945 -45.77 -24.96 11.86
CA GLU C 945 -45.30 -23.58 11.71
C GLU C 945 -45.96 -22.93 10.50
N VAL C 946 -46.29 -23.77 9.52
CA VAL C 946 -46.92 -23.34 8.27
C VAL C 946 -47.70 -24.56 7.72
N PRO C 947 -48.76 -24.34 6.90
CA PRO C 947 -49.52 -25.46 6.33
C PRO C 947 -48.68 -26.55 5.67
N GLN C 948 -49.19 -27.78 5.71
CA GLN C 948 -48.37 -28.97 5.40
C GLN C 948 -47.80 -28.98 3.98
N GLY C 949 -48.57 -28.51 3.01
CA GLY C 949 -48.14 -28.52 1.60
C GLY C 949 -47.18 -27.41 1.21
N THR C 950 -46.86 -26.51 2.15
CA THR C 950 -46.13 -25.27 1.83
C THR C 950 -44.73 -25.52 1.35
N SER C 951 -44.23 -24.57 0.63
CA SER C 951 -42.99 -24.77 -0.04
C SER C 951 -41.88 -24.09 0.73
N ASN C 952 -40.66 -24.50 0.47
CA ASN C 952 -39.52 -23.85 1.12
C ASN C 952 -39.32 -22.41 0.60
N GLN C 953 -39.66 -22.19 -0.67
CA GLN C 953 -39.63 -20.86 -1.29
C GLN C 953 -40.48 -19.85 -0.54
N VAL C 954 -41.70 -20.26 -0.20
CA VAL C 954 -42.62 -19.39 0.53
C VAL C 954 -42.07 -19.16 1.92
N TYR C 955 -41.60 -20.23 2.56
CA TYR C 955 -41.08 -20.08 3.91
C TYR C 955 -39.84 -19.21 3.96
N LEU C 956 -38.94 -19.41 2.99
CA LEU C 956 -37.70 -18.61 2.92
C LEU C 956 -37.98 -17.11 2.85
N SER C 957 -38.98 -16.74 2.05
CA SER C 957 -39.37 -15.34 1.88
C SER C 957 -39.92 -14.77 3.16
N GLN C 958 -40.78 -15.56 3.78
CA GLN C 958 -41.38 -15.20 5.05
C GLN C 958 -40.28 -15.00 6.12
N TYR C 959 -39.31 -15.92 6.13
CA TYR C 959 -38.22 -15.85 7.12
C TYR C 959 -37.36 -14.62 6.88
N LEU C 960 -37.08 -14.33 5.62
CA LEU C 960 -36.21 -13.21 5.25
C LEU C 960 -36.88 -11.87 5.50
N ALA C 961 -38.17 -11.80 5.25
CA ALA C 961 -38.94 -10.56 5.40
C ALA C 961 -38.99 -10.18 6.88
N ASN C 962 -39.16 -11.19 7.72
CA ASN C 962 -39.14 -11.03 9.17
C ASN C 962 -37.80 -10.60 9.70
N MET C 963 -36.77 -11.33 9.28
CA MET C 963 -35.38 -11.02 9.62
C MET C 963 -35.05 -9.56 9.28
N LEU C 964 -35.37 -9.17 8.06
CA LEU C 964 -35.04 -7.83 7.59
C LEU C 964 -35.93 -6.80 8.26
N SER C 965 -37.20 -7.12 8.45
CA SER C 965 -38.11 -6.21 9.15
C SER C 965 -37.58 -5.85 10.54
N ASN C 966 -37.03 -6.83 11.26
CA ASN C 966 -36.53 -6.58 12.63
C ASN C 966 -35.12 -5.95 12.64
N ALA C 967 -34.29 -6.30 11.68
CA ALA C 967 -32.91 -5.78 11.62
C ALA C 967 -32.86 -4.34 11.11
N PHE C 968 -33.80 -4.00 10.22
CA PHE C 968 -33.88 -2.68 9.59
C PHE C 968 -35.31 -2.15 9.72
N PRO C 969 -35.69 -1.75 10.94
CA PRO C 969 -37.07 -1.38 11.19
C PRO C 969 -37.51 -0.09 10.49
N HIS C 970 -36.58 0.71 9.99
CA HIS C 970 -36.97 1.93 9.26
C HIS C 970 -37.44 1.68 7.83
N LEU C 971 -37.26 0.46 7.33
CA LEU C 971 -37.73 0.09 5.99
C LEU C 971 -39.24 -0.21 6.02
N THR C 972 -39.95 0.10 4.95
CA THR C 972 -41.38 -0.26 4.85
C THR C 972 -41.48 -1.74 4.46
N SER C 973 -42.65 -2.31 4.70
CA SER C 973 -42.93 -3.71 4.32
C SER C 973 -42.78 -3.93 2.84
N GLU C 974 -43.29 -2.99 2.07
CA GLU C 974 -43.21 -2.96 0.63
CA GLU C 974 -43.20 -3.14 0.62
C GLU C 974 -41.77 -2.98 0.12
N GLN C 975 -40.95 -2.13 0.75
CA GLN C 975 -39.52 -2.14 0.38
C GLN C 975 -38.95 -3.54 0.57
N ILE C 976 -39.26 -4.15 1.71
CA ILE C 976 -38.72 -5.48 1.99
C ILE C 976 -39.25 -6.51 0.99
N ALA C 977 -40.55 -6.54 0.81
CA ALA C 977 -41.18 -7.45 -0.17
C ALA C 977 -40.60 -7.31 -1.59
N SER C 978 -40.41 -6.08 -2.06
CA SER C 978 -39.96 -5.85 -3.45
C SER C 978 -38.52 -6.28 -3.58
N PHE C 979 -37.72 -5.96 -2.57
CA PHE C 979 -36.32 -6.33 -2.55
C PHE C 979 -36.17 -7.84 -2.65
N LEU C 980 -36.92 -8.55 -1.81
CA LEU C 980 -36.86 -10.03 -1.74
C LEU C 980 -37.36 -10.70 -3.03
N SER C 981 -38.45 -10.16 -3.60
CA SER C 981 -38.95 -10.61 -4.90
CA SER C 981 -38.94 -10.62 -4.90
C SER C 981 -37.87 -10.50 -5.98
N ALA C 982 -37.24 -9.33 -6.09
CA ALA C 982 -36.16 -9.13 -7.09
C ALA C 982 -34.98 -10.10 -6.88
N LEU C 983 -34.51 -10.17 -5.65
CA LEU C 983 -33.34 -10.98 -5.30
C LEU C 983 -33.56 -12.46 -5.64
N THR C 984 -34.74 -12.97 -5.29
CA THR C 984 -35.08 -14.38 -5.54
CA THR C 984 -35.09 -14.37 -5.55
C THR C 984 -35.20 -14.65 -7.05
N LYS C 985 -35.77 -13.70 -7.78
CA LYS C 985 -35.90 -13.84 -9.24
C LYS C 985 -34.54 -13.81 -9.95
N GLN C 986 -33.59 -13.10 -9.36
CA GLN C 986 -32.28 -12.86 -9.99
C GLN C 986 -31.20 -13.83 -9.53
N CYS C 987 -31.62 -14.88 -8.82
CA CYS C 987 -30.68 -15.79 -8.15
C CYS C 987 -29.92 -16.75 -9.10
N LYS C 988 -30.11 -16.60 -10.40
CA LYS C 988 -29.24 -17.27 -11.40
C LYS C 988 -28.33 -16.30 -12.16
N ASP C 989 -28.46 -15.00 -11.91
CA ASP C 989 -27.70 -13.99 -12.67
C ASP C 989 -26.93 -13.07 -11.71
N LEU C 990 -25.67 -13.41 -11.48
CA LEU C 990 -24.87 -12.79 -10.42
C LEU C 990 -24.70 -11.29 -10.56
N VAL C 991 -24.50 -10.83 -11.79
CA VAL C 991 -24.32 -9.40 -12.06
C VAL C 991 -25.51 -8.56 -11.61
N VAL C 992 -26.70 -9.04 -11.93
CA VAL C 992 -27.95 -8.34 -11.62
C VAL C 992 -28.27 -8.47 -10.13
N PHE C 993 -28.12 -9.69 -9.62
CA PHE C 993 -28.26 -10.04 -8.22
C PHE C 993 -27.44 -9.10 -7.34
N LYS C 994 -26.20 -8.85 -7.75
CA LYS C 994 -25.32 -7.93 -7.02
C LYS C 994 -25.78 -6.49 -7.10
N GLY C 995 -26.27 -6.06 -8.26
CA GLY C 995 -26.88 -4.73 -8.39
C GLY C 995 -28.02 -4.52 -7.40
N THR C 996 -28.86 -5.55 -7.29
CA THR C 996 -29.99 -5.52 -6.36
C THR C 996 -29.54 -5.44 -4.90
N LEU C 997 -28.48 -6.15 -4.56
CA LEU C 997 -27.89 -6.06 -3.22
C LEU C 997 -27.31 -4.67 -2.98
N ARG C 998 -26.60 -4.11 -3.96
CA ARG C 998 -26.08 -2.76 -3.84
C ARG C 998 -27.21 -1.72 -3.66
N ASP C 999 -28.30 -1.90 -4.39
CA ASP C 999 -29.48 -1.03 -4.27
C ASP C 999 -30.05 -1.06 -2.83
N PHE C 1000 -30.17 -2.25 -2.27
CA PHE C 1000 -30.61 -2.44 -0.87
C PHE C 1000 -29.67 -1.76 0.12
N LEU C 1001 -28.36 -1.90 -0.11
CA LEU C 1001 -27.38 -1.25 0.77
C LEU C 1001 -27.48 0.27 0.70
N VAL C 1002 -27.87 0.82 -0.44
CA VAL C 1002 -28.21 2.25 -0.49
C VAL C 1002 -29.47 2.56 0.31
N GLN C 1003 -30.53 1.78 0.12
CA GLN C 1003 -31.83 2.13 0.74
C GLN C 1003 -31.85 2.02 2.25
N ILE C 1004 -31.09 1.08 2.80
CA ILE C 1004 -31.04 0.91 4.26
C ILE C 1004 -30.38 2.12 4.95
N LYS C 1005 -29.64 2.93 4.21
CA LYS C 1005 -28.99 4.13 4.78
C LYS C 1005 -29.91 5.34 4.89
N GLU C 1006 -31.11 5.21 4.33
CA GLU C 1006 -32.05 6.34 4.32
C GLU C 1006 -33.44 5.86 4.61
N VAL C 1007 -34.33 6.81 4.79
CA VAL C 1007 -35.75 6.53 4.97
C VAL C 1007 -36.55 6.82 3.69
N GLY C 1008 -37.52 5.97 3.41
CA GLY C 1008 -38.47 6.25 2.33
C GLY C 1008 -38.00 5.93 0.92
N GLY C 1009 -37.04 5.03 0.80
CA GLY C 1009 -36.58 4.60 -0.52
C GLY C 1009 -37.72 3.96 -1.28
N ASP C 1010 -37.67 4.10 -2.60
CA ASP C 1010 -38.75 3.71 -3.46
C ASP C 1010 -38.63 2.21 -3.76
N PRO C 1011 -39.63 1.42 -3.37
CA PRO C 1011 -39.66 -0.02 -3.61
C PRO C 1011 -39.62 -0.39 -5.07
N THR C 1012 -40.14 0.47 -5.94
CA THR C 1012 -40.08 0.22 -7.38
C THR C 1012 -38.64 0.21 -7.93
N ASP C 1013 -37.67 0.77 -7.19
CA ASP C 1013 -36.25 0.72 -7.61
C ASP C 1013 -35.76 -0.71 -7.89
N TYR C 1014 -36.35 -1.68 -7.18
CA TYR C 1014 -35.91 -3.10 -7.30
C TYR C 1014 -36.40 -3.77 -8.59
N LEU C 1015 -37.23 -3.05 -9.35
CA LEU C 1015 -37.60 -3.46 -10.72
C LEU C 1015 -36.61 -2.97 -11.80
N PHE C 1016 -35.53 -2.31 -11.41
CA PHE C 1016 -34.59 -1.79 -12.39
C PHE C 1016 -34.15 -2.89 -13.35
N ALA C 1017 -34.18 -2.58 -14.64
CA ALA C 1017 -33.54 -3.45 -15.65
C ALA C 1017 -33.01 -2.65 -16.85
#